data_7U88
# 
_entry.id   7U88 
# 
_audit_conform.dict_name       mmcif_pdbx.dic 
_audit_conform.dict_version    5.390 
_audit_conform.dict_location   http://mmcif.pdb.org/dictionaries/ascii/mmcif_pdbx.dic 
# 
loop_
_database_2.database_id 
_database_2.database_code 
_database_2.pdbx_database_accession 
_database_2.pdbx_DOI 
PDB   7U88         pdb_00007u88 10.2210/pdb7u88/pdb 
WWPDB D_1000263608 ?            ?                   
# 
loop_
_pdbx_audit_revision_history.ordinal 
_pdbx_audit_revision_history.data_content_type 
_pdbx_audit_revision_history.major_revision 
_pdbx_audit_revision_history.minor_revision 
_pdbx_audit_revision_history.revision_date 
1 'Structure model' 1 0 2023-03-15 
2 'Structure model' 1 1 2023-10-25 
3 'Structure model' 1 2 2024-04-17 
# 
_pdbx_audit_revision_details.ordinal             1 
_pdbx_audit_revision_details.revision_ordinal    1 
_pdbx_audit_revision_details.data_content_type   'Structure model' 
_pdbx_audit_revision_details.provider            repository 
_pdbx_audit_revision_details.type                'Initial release' 
_pdbx_audit_revision_details.description         ? 
_pdbx_audit_revision_details.details             ? 
# 
loop_
_pdbx_audit_revision_group.ordinal 
_pdbx_audit_revision_group.revision_ordinal 
_pdbx_audit_revision_group.data_content_type 
_pdbx_audit_revision_group.group 
1 2 'Structure model' 'Data collection'        
2 2 'Structure model' 'Refinement description' 
3 3 'Structure model' 'Database references'    
# 
loop_
_pdbx_audit_revision_category.ordinal 
_pdbx_audit_revision_category.revision_ordinal 
_pdbx_audit_revision_category.data_content_type 
_pdbx_audit_revision_category.category 
1 2 'Structure model' chem_comp_atom                
2 2 'Structure model' chem_comp_bond                
3 2 'Structure model' pdbx_initial_refinement_model 
4 3 'Structure model' citation                      
5 3 'Structure model' citation_author               
# 
loop_
_pdbx_audit_revision_item.ordinal 
_pdbx_audit_revision_item.revision_ordinal 
_pdbx_audit_revision_item.data_content_type 
_pdbx_audit_revision_item.item 
1 3 'Structure model' '_citation.country'                 
2 3 'Structure model' '_citation.journal_abbrev'          
3 3 'Structure model' '_citation.journal_id_ASTM'         
4 3 'Structure model' '_citation.journal_id_CSD'          
5 3 'Structure model' '_citation.journal_id_ISSN'         
6 3 'Structure model' '_citation.pdbx_database_id_DOI'    
7 3 'Structure model' '_citation.pdbx_database_id_PubMed' 
8 3 'Structure model' '_citation.title'                   
9 3 'Structure model' '_citation.year'                    
# 
_pdbx_database_status.status_code                     REL 
_pdbx_database_status.status_code_sf                  REL 
_pdbx_database_status.status_code_mr                  ? 
_pdbx_database_status.entry_id                        7U88 
_pdbx_database_status.recvd_initial_deposition_date   2022-03-08 
_pdbx_database_status.SG_entry                        N 
_pdbx_database_status.deposit_site                    RCSB 
_pdbx_database_status.process_site                    RCSB 
_pdbx_database_status.status_code_cs                  ? 
_pdbx_database_status.status_code_nmr_data            ? 
_pdbx_database_status.methods_development_category    ? 
_pdbx_database_status.pdb_format_compatible           Y 
# 
_pdbx_contact_author.id                 2 
_pdbx_contact_author.email              szostak@molbio.mgh.harvard.edu 
_pdbx_contact_author.name_first         Jack 
_pdbx_contact_author.name_last          Szostak 
_pdbx_contact_author.name_mi            W 
_pdbx_contact_author.role               'principal investigator/group leader' 
_pdbx_contact_author.identifier_ORCID   0000-0003-4131-1203 
# 
loop_
_audit_author.name 
_audit_author.pdbx_ordinal 
_audit_author.identifier_ORCID 
'Fang, Z.'      1 0000-0001-8679-6633 
'Szostak, J.W.' 2 0000-0003-4131-1203 
# 
_citation.abstract                  ? 
_citation.abstract_id_CAS           ? 
_citation.book_id_ISBN              ? 
_citation.book_publisher            ? 
_citation.book_publisher_city       ? 
_citation.book_title                ? 
_citation.coordinate_linkage        ? 
_citation.country                   US 
_citation.database_id_Medline       ? 
_citation.details                   ? 
_citation.id                        primary 
_citation.journal_abbrev            J.Am.Chem.Soc. 
_citation.journal_id_ASTM           JACSAT 
_citation.journal_id_CSD            ? 
_citation.journal_id_ISSN           1520-5126 
_citation.journal_full              ? 
_citation.journal_issue             ? 
_citation.journal_volume            ? 
_citation.language                  ? 
_citation.page_first                ? 
_citation.page_last                 ? 
_citation.title                     'Catalytic Metal Ion-Substrate Coordination during Nonenzymatic RNA Primer Extension.' 
_citation.year                      2024 
_citation.database_id_CSD           ? 
_citation.pdbx_database_id_DOI      10.1021/jacs.4c00323 
_citation.pdbx_database_id_PubMed   38579124 
_citation.pdbx_database_id_patent   ? 
_citation.unpublished_flag          ? 
# 
loop_
_citation_author.citation_id 
_citation_author.name 
_citation_author.ordinal 
_citation_author.identifier_ORCID 
primary 'Fang, Z.'       1 0000-0001-8679-6633 
primary 'Pazienza, L.T.' 2 ?                   
primary 'Zhang, J.'      3 ?                   
primary 'Tam, C.P.'      4 ?                   
primary 'Szostak, J.W.'  5 0000-0003-4131-1203 
# 
loop_
_entity.id 
_entity.type 
_entity.src_method 
_entity.pdbx_description 
_entity.formula_weight 
_entity.pdbx_number_of_molecules 
_entity.pdbx_ec 
_entity.pdbx_mutation 
_entity.pdbx_fragment 
_entity.details 
1 polymer     syn 
;RNA (5'-R(*(LKC)P*(LCC)P*(LCC)P*(LCG)P*AP*CP*UP*UP*AP*AP*GP*UP*CP*(G46)P*(G46))-3')
;
4810.160 2  ? ? ? ? 
2 non-polymer syn "5'-O-[(R)-(2-amino-1H-imidazol-1-yl)(sulfanyl)phosphoryl]guanosine"                  444.363  2  ? ? ? ? 
3 non-polymer syn 'SULFATE ION'                                                                         96.063   2  ? ? ? ? 
4 water       nat water                                                                                 18.015   49 ? ? ? ? 
# 
_entity_poly.entity_id                      1 
_entity_poly.type                           polyribonucleotide 
_entity_poly.nstd_linkage                   no 
_entity_poly.nstd_monomer                   yes 
_entity_poly.pdbx_seq_one_letter_code       '(LKC)(LCC)(LCC)(LCG)ACUUAAGUC(G46)(G46)' 
_entity_poly.pdbx_seq_one_letter_code_can   NNNGACUUAAGUCGG 
_entity_poly.pdbx_strand_id                 A,B 
_entity_poly.pdbx_target_identifier         ? 
# 
loop_
_pdbx_entity_nonpoly.entity_id 
_pdbx_entity_nonpoly.name 
_pdbx_entity_nonpoly.comp_id 
2 "5'-O-[(R)-(2-amino-1H-imidazol-1-yl)(sulfanyl)phosphoryl]guanosine" LXI 
3 'SULFATE ION'                                                        SO4 
4 water                                                                HOH 
# 
loop_
_entity_poly_seq.entity_id 
_entity_poly_seq.num 
_entity_poly_seq.mon_id 
_entity_poly_seq.hetero 
1 1  LKC n 
1 2  LCC n 
1 3  LCC n 
1 4  LCG n 
1 5  A   n 
1 6  C   n 
1 7  U   n 
1 8  U   n 
1 9  A   n 
1 10 A   n 
1 11 G   n 
1 12 U   n 
1 13 C   n 
1 14 G46 n 
1 15 G46 n 
# 
_pdbx_entity_src_syn.entity_id              1 
_pdbx_entity_src_syn.pdbx_src_id            1 
_pdbx_entity_src_syn.pdbx_alt_source_flag   sample 
_pdbx_entity_src_syn.pdbx_beg_seq_num       1 
_pdbx_entity_src_syn.pdbx_end_seq_num       15 
_pdbx_entity_src_syn.organism_scientific    'synthetic construct' 
_pdbx_entity_src_syn.organism_common_name   ? 
_pdbx_entity_src_syn.ncbi_taxonomy_id       32630 
_pdbx_entity_src_syn.details                ? 
# 
loop_
_chem_comp.id 
_chem_comp.type 
_chem_comp.mon_nstd_flag 
_chem_comp.name 
_chem_comp.pdbx_synonyms 
_chem_comp.formula 
_chem_comp.formula_weight 
A   'RNA linking' y "ADENOSINE-5'-MONOPHOSPHATE" ?                             'C10 H14 N5 O7 P'   347.221 
C   'RNA linking' y "CYTIDINE-5'-MONOPHOSPHATE" ?                             'C9 H14 N3 O8 P'    323.197 
G   'RNA linking' y "GUANOSINE-5'-MONOPHOSPHATE" ?                             'C10 H14 N5 O8 P'   363.221 
G46 'RNA linking' n "GUANOSINE-5'-MONOTHIOPHOSPHATE" "5'-O-thiophosphonoguanosine" 'C10 H14 N5 O7 P S' 379.286 
HOH non-polymer   . WATER ?                             'H2 O'              18.015  
LCC 'RNA linking' . 
'[(1R,3R,4R,7S)-7-HYDROXY-3-(5-METHYLCYTOSIN-1-YL)-2,5-DIOXABICYCLO[2.2.1]HEPT-1-YL]METHYL DIHYDROGEN PHOSPHATE'     ? 
'C11 H16 N3 O8 P'   349.234 
LCG 'RNA linking' n '[(1R,3R,4R,7S)-7-HYDROXY-3-(GUANIN-9-YL)-2,5-DIOXABICYCLO[2.2.1]HEPT-1-YL]METHYL DIHYDROGEN PHOSPHATE' ? 
'C11 H14 N5 O8 P'   375.231 
LKC 'RNA linking' . 
'4-AMINO-1-[(1S,3R,4R,7S)-7-HYDROXY-1-(HYDROXYMETHYL)-2,5-DIOXABICYCLO[2.2.1]HEPT-3-YL]-5-METHYLPYRIMIDIN-2(1H)-ONE' ? 
'C11 H15 N3 O5'     269.254 
LXI non-polymer   . "5'-O-[(R)-(2-amino-1H-imidazol-1-yl)(sulfanyl)phosphoryl]guanosine" ?                             
'C13 H17 N8 O6 P S' 444.363 
SO4 non-polymer   . 'SULFATE ION' ?                             'O4 S -2'           96.063  
U   'RNA linking' y "URIDINE-5'-MONOPHOSPHATE" ?                             'C9 H13 N2 O9 P'    324.181 
# 
loop_
_pdbx_poly_seq_scheme.asym_id 
_pdbx_poly_seq_scheme.entity_id 
_pdbx_poly_seq_scheme.seq_id 
_pdbx_poly_seq_scheme.mon_id 
_pdbx_poly_seq_scheme.ndb_seq_num 
_pdbx_poly_seq_scheme.pdb_seq_num 
_pdbx_poly_seq_scheme.auth_seq_num 
_pdbx_poly_seq_scheme.pdb_mon_id 
_pdbx_poly_seq_scheme.auth_mon_id 
_pdbx_poly_seq_scheme.pdb_strand_id 
_pdbx_poly_seq_scheme.pdb_ins_code 
_pdbx_poly_seq_scheme.hetero 
A 1 1  LKC 1  1  1  LKC LCC A . n 
A 1 2  LCC 2  2  2  LCC LCC A . n 
A 1 3  LCC 3  3  3  LCC LCC A . n 
A 1 4  LCG 4  4  4  LCG LCG A . n 
A 1 5  A   5  5  5  A   A   A . n 
A 1 6  C   6  6  6  C   C   A . n 
A 1 7  U   7  7  7  U   U   A . n 
A 1 8  U   8  8  8  U   U   A . n 
A 1 9  A   9  9  9  A   A   A . n 
A 1 10 A   10 10 10 A   A   A . n 
A 1 11 G   11 11 11 G   G   A . n 
A 1 12 U   12 12 12 U   U   A . n 
A 1 13 C   13 13 13 C   C   A . n 
A 1 14 G46 14 14 14 G46 1SG A . n 
A 1 15 G46 15 15 15 G46 1SG A . n 
B 1 1  LKC 1  1  1  LKC LCC B . n 
B 1 2  LCC 2  2  2  LCC LCC B . n 
B 1 3  LCC 3  3  3  LCC LCC B . n 
B 1 4  LCG 4  4  4  LCG LCG B . n 
B 1 5  A   5  5  5  A   A   B . n 
B 1 6  C   6  6  6  C   C   B . n 
B 1 7  U   7  7  7  U   U   B . n 
B 1 8  U   8  8  8  U   U   B . n 
B 1 9  A   9  9  9  A   A   B . n 
B 1 10 A   10 10 10 A   A   B . n 
B 1 11 G   11 11 11 G   G   B . n 
B 1 12 U   12 12 12 U   U   B . n 
B 1 13 C   13 13 13 C   C   B . n 
B 1 14 G46 14 14 14 G46 1SG B . n 
B 1 15 G46 15 15 15 G46 1SG B . n 
# 
loop_
_pdbx_nonpoly_scheme.asym_id 
_pdbx_nonpoly_scheme.entity_id 
_pdbx_nonpoly_scheme.mon_id 
_pdbx_nonpoly_scheme.ndb_seq_num 
_pdbx_nonpoly_scheme.pdb_seq_num 
_pdbx_nonpoly_scheme.auth_seq_num 
_pdbx_nonpoly_scheme.pdb_mon_id 
_pdbx_nonpoly_scheme.auth_mon_id 
_pdbx_nonpoly_scheme.pdb_strand_id 
_pdbx_nonpoly_scheme.pdb_ins_code 
C 2 LXI 1  101 16 LXI SPG A . 
D 3 SO4 1  102 2  SO4 SO4 A . 
E 2 LXI 1  101 16 LXI SPG B . 
F 3 SO4 1  102 1  SO4 SO4 B . 
G 4 HOH 1  201 38 HOH HOH A . 
G 4 HOH 2  202 31 HOH HOH A . 
G 4 HOH 3  203 32 HOH HOH A . 
G 4 HOH 4  204 46 HOH HOH A . 
G 4 HOH 5  205 37 HOH HOH A . 
G 4 HOH 6  206 29 HOH HOH A . 
G 4 HOH 7  207 41 HOH HOH A . 
G 4 HOH 8  208 12 HOH HOH A . 
G 4 HOH 9  209 8  HOH HOH A . 
G 4 HOH 10 210 26 HOH HOH A . 
G 4 HOH 11 211 20 HOH HOH A . 
G 4 HOH 12 212 16 HOH HOH A . 
G 4 HOH 13 213 18 HOH HOH A . 
G 4 HOH 14 214 15 HOH HOH A . 
G 4 HOH 15 215 11 HOH HOH A . 
G 4 HOH 16 216 47 HOH HOH A . 
G 4 HOH 17 217 22 HOH HOH A . 
G 4 HOH 18 218 14 HOH HOH A . 
G 4 HOH 19 219 48 HOH HOH A . 
G 4 HOH 20 220 42 HOH HOH A . 
G 4 HOH 21 221 13 HOH HOH A . 
G 4 HOH 22 222 1  HOH HOH A . 
G 4 HOH 23 223 24 HOH HOH A . 
G 4 HOH 24 224 23 HOH HOH A . 
G 4 HOH 25 225 43 HOH HOH A . 
H 4 HOH 1  201 19 HOH HOH B . 
H 4 HOH 2  202 5  HOH HOH B . 
H 4 HOH 3  203 28 HOH HOH B . 
H 4 HOH 4  204 36 HOH HOH B . 
H 4 HOH 5  205 49 HOH HOH B . 
H 4 HOH 6  206 7  HOH HOH B . 
H 4 HOH 7  207 40 HOH HOH B . 
H 4 HOH 8  208 17 HOH HOH B . 
H 4 HOH 9  209 39 HOH HOH B . 
H 4 HOH 10 210 45 HOH HOH B . 
H 4 HOH 11 211 21 HOH HOH B . 
H 4 HOH 12 212 27 HOH HOH B . 
H 4 HOH 13 213 33 HOH HOH B . 
H 4 HOH 14 214 25 HOH HOH B . 
H 4 HOH 15 215 3  HOH HOH B . 
H 4 HOH 16 216 44 HOH HOH B . 
H 4 HOH 17 217 10 HOH HOH B . 
H 4 HOH 18 218 30 HOH HOH B . 
H 4 HOH 19 219 9  HOH HOH B . 
H 4 HOH 20 220 4  HOH HOH B . 
H 4 HOH 21 221 34 HOH HOH B . 
H 4 HOH 22 222 6  HOH HOH B . 
H 4 HOH 23 223 2  HOH HOH B . 
H 4 HOH 24 224 35 HOH HOH B . 
# 
loop_
_software.citation_id 
_software.classification 
_software.compiler_name 
_software.compiler_version 
_software.contact_author 
_software.contact_author_email 
_software.date 
_software.description 
_software.dependencies 
_software.hardware 
_software.language 
_software.location 
_software.mods 
_software.name 
_software.os 
_software.os_version 
_software.type 
_software.version 
_software.pdbx_ordinal 
? refinement       ? ? ? ? ? ? ? ? ? ? ? REFMAC   ? ? ? 5.8.0267 1 
? 'data reduction' ? ? ? ? ? ? ? ? ? ? ? HKL-2000 ? ? ? .        2 
? 'data scaling'   ? ? ? ? ? ? ? ? ? ? ? HKL-2000 ? ? ? .        3 
? phasing          ? ? ? ? ? ? ? ? ? ? ? PHASER   ? ? ? .        4 
# 
_cell.angle_alpha                  90.000 
_cell.angle_alpha_esd              ? 
_cell.angle_beta                   90.000 
_cell.angle_beta_esd               ? 
_cell.angle_gamma                  120.000 
_cell.angle_gamma_esd              ? 
_cell.entry_id                     7U88 
_cell.details                      ? 
_cell.formula_units_Z              ? 
_cell.length_a                     42.723 
_cell.length_a_esd                 ? 
_cell.length_b                     42.723 
_cell.length_b_esd                 ? 
_cell.length_c                     85.822 
_cell.length_c_esd                 ? 
_cell.volume                       ? 
_cell.volume_esd                   ? 
_cell.Z_PDB                        12 
_cell.reciprocal_angle_alpha       ? 
_cell.reciprocal_angle_beta        ? 
_cell.reciprocal_angle_gamma       ? 
_cell.reciprocal_angle_alpha_esd   ? 
_cell.reciprocal_angle_beta_esd    ? 
_cell.reciprocal_angle_gamma_esd   ? 
_cell.reciprocal_length_a          ? 
_cell.reciprocal_length_b          ? 
_cell.reciprocal_length_c          ? 
_cell.reciprocal_length_a_esd      ? 
_cell.reciprocal_length_b_esd      ? 
_cell.reciprocal_length_c_esd      ? 
_cell.pdbx_unique_axis             ? 
# 
_symmetry.entry_id                         7U88 
_symmetry.cell_setting                     ? 
_symmetry.Int_Tables_number                150 
_symmetry.space_group_name_Hall            ? 
_symmetry.space_group_name_H-M             'P 3 2 1' 
_symmetry.pdbx_full_space_group_name_H-M   ? 
# 
_exptl.absorpt_coefficient_mu     ? 
_exptl.absorpt_correction_T_max   ? 
_exptl.absorpt_correction_T_min   ? 
_exptl.absorpt_correction_type    ? 
_exptl.absorpt_process_details    ? 
_exptl.entry_id                   7U88 
_exptl.crystals_number            1 
_exptl.details                    ? 
_exptl.method                     'X-RAY DIFFRACTION' 
_exptl.method_details             ? 
# 
_exptl_crystal.colour                      ? 
_exptl_crystal.density_diffrn              ? 
_exptl_crystal.density_Matthews            2.35 
_exptl_crystal.density_method              ? 
_exptl_crystal.density_percent_sol         47.66 
_exptl_crystal.description                 ? 
_exptl_crystal.F_000                       ? 
_exptl_crystal.id                          1 
_exptl_crystal.preparation                 ? 
_exptl_crystal.size_max                    ? 
_exptl_crystal.size_mid                    ? 
_exptl_crystal.size_min                    ? 
_exptl_crystal.size_rad                    ? 
_exptl_crystal.colour_lustre               ? 
_exptl_crystal.colour_modifier             ? 
_exptl_crystal.colour_primary              ? 
_exptl_crystal.density_meas                ? 
_exptl_crystal.density_meas_esd            ? 
_exptl_crystal.density_meas_gt             ? 
_exptl_crystal.density_meas_lt             ? 
_exptl_crystal.density_meas_temp           ? 
_exptl_crystal.density_meas_temp_esd       ? 
_exptl_crystal.density_meas_temp_gt        ? 
_exptl_crystal.density_meas_temp_lt        ? 
_exptl_crystal.pdbx_crystal_image_url      ? 
_exptl_crystal.pdbx_crystal_image_format   ? 
_exptl_crystal.pdbx_mosaicity              ? 
_exptl_crystal.pdbx_mosaicity_esd          ? 
# 
_exptl_crystal_grow.apparatus       ? 
_exptl_crystal_grow.atmosphere      ? 
_exptl_crystal_grow.crystal_id      1 
_exptl_crystal_grow.details         ? 
_exptl_crystal_grow.method          'VAPOR DIFFUSION, SITTING DROP' 
_exptl_crystal_grow.method_ref      ? 
_exptl_crystal_grow.pH              8.5 
_exptl_crystal_grow.pressure        ? 
_exptl_crystal_grow.pressure_esd    ? 
_exptl_crystal_grow.seeding         ? 
_exptl_crystal_grow.seeding_ref     ? 
_exptl_crystal_grow.temp            293.15 
_exptl_crystal_grow.temp_details    ? 
_exptl_crystal_grow.temp_esd        ? 
_exptl_crystal_grow.time            ? 
_exptl_crystal_grow.pdbx_details    '1.5 M Lithium sulfate, 50 mM TRIS pH 8.5, 5% w/v Glycerol' 
_exptl_crystal_grow.pdbx_pH_range   ? 
# 
_diffrn.ambient_environment              ? 
_diffrn.ambient_temp                     98 
_diffrn.ambient_temp_details             ? 
_diffrn.ambient_temp_esd                 ? 
_diffrn.crystal_id                       1 
_diffrn.crystal_support                  ? 
_diffrn.crystal_treatment                ? 
_diffrn.details                          ? 
_diffrn.id                               1 
_diffrn.ambient_pressure                 ? 
_diffrn.ambient_pressure_esd             ? 
_diffrn.ambient_pressure_gt              ? 
_diffrn.ambient_pressure_lt              ? 
_diffrn.ambient_temp_gt                  ? 
_diffrn.ambient_temp_lt                  ? 
_diffrn.pdbx_serial_crystal_experiment   N 
# 
_diffrn_detector.details                      ? 
_diffrn_detector.detector                     CCD 
_diffrn_detector.diffrn_id                    1 
_diffrn_detector.type                         'ADSC QUANTUM 315r' 
_diffrn_detector.area_resol_mean              ? 
_diffrn_detector.dtime                        ? 
_diffrn_detector.pdbx_frames_total            ? 
_diffrn_detector.pdbx_collection_time_total   ? 
_diffrn_detector.pdbx_collection_date         2021-05-04 
_diffrn_detector.pdbx_frequency               ? 
# 
_diffrn_radiation.collimation                      ? 
_diffrn_radiation.diffrn_id                        1 
_diffrn_radiation.filter_edge                      ? 
_diffrn_radiation.inhomogeneity                    ? 
_diffrn_radiation.monochromator                    ? 
_diffrn_radiation.polarisn_norm                    ? 
_diffrn_radiation.polarisn_ratio                   ? 
_diffrn_radiation.probe                            ? 
_diffrn_radiation.type                             ? 
_diffrn_radiation.xray_symbol                      ? 
_diffrn_radiation.wavelength_id                    1 
_diffrn_radiation.pdbx_monochromatic_or_laue_m_l   M 
_diffrn_radiation.pdbx_wavelength_list             ? 
_diffrn_radiation.pdbx_wavelength                  ? 
_diffrn_radiation.pdbx_diffrn_protocol             'SINGLE WAVELENGTH' 
_diffrn_radiation.pdbx_analyzer                    ? 
_diffrn_radiation.pdbx_scattering_type             x-ray 
# 
_diffrn_radiation_wavelength.id           1 
_diffrn_radiation_wavelength.wavelength   1.000 
_diffrn_radiation_wavelength.wt           1.0 
# 
_diffrn_source.current                     ? 
_diffrn_source.details                     ? 
_diffrn_source.diffrn_id                   1 
_diffrn_source.power                       ? 
_diffrn_source.size                        ? 
_diffrn_source.source                      SYNCHROTRON 
_diffrn_source.target                      ? 
_diffrn_source.type                        'ALS BEAMLINE 8.2.2' 
_diffrn_source.voltage                     ? 
_diffrn_source.take-off_angle              ? 
_diffrn_source.pdbx_wavelength_list        1.000 
_diffrn_source.pdbx_wavelength             ? 
_diffrn_source.pdbx_synchrotron_beamline   8.2.2 
_diffrn_source.pdbx_synchrotron_site       ALS 
# 
_reflns.B_iso_Wilson_estimate                          ? 
_reflns.entry_id                                       7U88 
_reflns.data_reduction_details                         ? 
_reflns.data_reduction_method                          ? 
_reflns.d_resolution_high                              2.14 
_reflns.d_resolution_low                               50 
_reflns.details                                        ? 
_reflns.limit_h_max                                    ? 
_reflns.limit_h_min                                    ? 
_reflns.limit_k_max                                    ? 
_reflns.limit_k_min                                    ? 
_reflns.limit_l_max                                    ? 
_reflns.limit_l_min                                    ? 
_reflns.number_all                                     ? 
_reflns.number_obs                                     5344 
_reflns.observed_criterion                             ? 
_reflns.observed_criterion_F_max                       ? 
_reflns.observed_criterion_F_min                       ? 
_reflns.observed_criterion_I_max                       ? 
_reflns.observed_criterion_I_min                       ? 
_reflns.observed_criterion_sigma_F                     ? 
_reflns.observed_criterion_sigma_I                     ? 
_reflns.percent_possible_obs                           99.2 
_reflns.R_free_details                                 ? 
_reflns.Rmerge_F_all                                   ? 
_reflns.Rmerge_F_obs                                   ? 
_reflns.Friedel_coverage                               ? 
_reflns.number_gt                                      ? 
_reflns.threshold_expression                           ? 
_reflns.pdbx_redundancy                                9.5 
_reflns.pdbx_Rmerge_I_obs                              0.077 
_reflns.pdbx_Rmerge_I_all                              ? 
_reflns.pdbx_Rsym_value                                ? 
_reflns.pdbx_netI_over_av_sigmaI                       ? 
_reflns.pdbx_netI_over_sigmaI                          24.2 
_reflns.pdbx_res_netI_over_av_sigmaI_2                 ? 
_reflns.pdbx_res_netI_over_sigmaI_2                    ? 
_reflns.pdbx_chi_squared                               ? 
_reflns.pdbx_scaling_rejects                           ? 
_reflns.pdbx_d_res_high_opt                            ? 
_reflns.pdbx_d_res_low_opt                             ? 
_reflns.pdbx_d_res_opt_method                          ? 
_reflns.phase_calculation_details                      ? 
_reflns.pdbx_Rrim_I_all                                0.082 
_reflns.pdbx_Rpim_I_all                                0.027 
_reflns.pdbx_d_opt                                     ? 
_reflns.pdbx_number_measured_all                       ? 
_reflns.pdbx_diffrn_id                                 1 
_reflns.pdbx_ordinal                                   1 
_reflns.pdbx_CC_half                                   1.0 
_reflns.pdbx_CC_star                                   1.0 
_reflns.pdbx_R_split                                   ? 
_reflns.pdbx_aniso_diffraction_limit_axis_1_ortho[1]   ? 
_reflns.pdbx_aniso_diffraction_limit_axis_1_ortho[2]   ? 
_reflns.pdbx_aniso_diffraction_limit_axis_1_ortho[3]   ? 
_reflns.pdbx_aniso_diffraction_limit_axis_2_ortho[1]   ? 
_reflns.pdbx_aniso_diffraction_limit_axis_2_ortho[2]   ? 
_reflns.pdbx_aniso_diffraction_limit_axis_2_ortho[3]   ? 
_reflns.pdbx_aniso_diffraction_limit_axis_3_ortho[1]   ? 
_reflns.pdbx_aniso_diffraction_limit_axis_3_ortho[2]   ? 
_reflns.pdbx_aniso_diffraction_limit_axis_3_ortho[3]   ? 
_reflns.pdbx_aniso_diffraction_limit_1                 ? 
_reflns.pdbx_aniso_diffraction_limit_2                 ? 
_reflns.pdbx_aniso_diffraction_limit_3                 ? 
_reflns.pdbx_aniso_B_tensor_eigenvector_1_ortho[1]     ? 
_reflns.pdbx_aniso_B_tensor_eigenvector_1_ortho[2]     ? 
_reflns.pdbx_aniso_B_tensor_eigenvector_1_ortho[3]     ? 
_reflns.pdbx_aniso_B_tensor_eigenvector_2_ortho[1]     ? 
_reflns.pdbx_aniso_B_tensor_eigenvector_2_ortho[2]     ? 
_reflns.pdbx_aniso_B_tensor_eigenvector_2_ortho[3]     ? 
_reflns.pdbx_aniso_B_tensor_eigenvector_3_ortho[1]     ? 
_reflns.pdbx_aniso_B_tensor_eigenvector_3_ortho[2]     ? 
_reflns.pdbx_aniso_B_tensor_eigenvector_3_ortho[3]     ? 
_reflns.pdbx_aniso_B_tensor_eigenvalue_1               ? 
_reflns.pdbx_aniso_B_tensor_eigenvalue_2               ? 
_reflns.pdbx_aniso_B_tensor_eigenvalue_3               ? 
_reflns.pdbx_orthogonalization_convention              ? 
_reflns.pdbx_percent_possible_ellipsoidal              ? 
_reflns.pdbx_percent_possible_spherical                ? 
_reflns.pdbx_percent_possible_ellipsoidal_anomalous    ? 
_reflns.pdbx_percent_possible_spherical_anomalous      ? 
_reflns.pdbx_redundancy_anomalous                      ? 
_reflns.pdbx_CC_half_anomalous                         ? 
_reflns.pdbx_absDiff_over_sigma_anomalous              ? 
_reflns.pdbx_percent_possible_anomalous                ? 
_reflns.pdbx_observed_signal_threshold                 ? 
_reflns.pdbx_signal_type                               ? 
_reflns.pdbx_signal_details                            ? 
_reflns.pdbx_signal_software_id                        ? 
# 
_reflns_shell.d_res_high                                    2.14 
_reflns_shell.d_res_low                                     2.18 
_reflns_shell.meanI_over_sigI_all                           ? 
_reflns_shell.meanI_over_sigI_obs                           2.2 
_reflns_shell.number_measured_all                           ? 
_reflns_shell.number_measured_obs                           ? 
_reflns_shell.number_possible                               ? 
_reflns_shell.number_unique_all                             ? 
_reflns_shell.number_unique_obs                             229 
_reflns_shell.percent_possible_all                          ? 
_reflns_shell.percent_possible_obs                          ? 
_reflns_shell.Rmerge_F_all                                  ? 
_reflns_shell.Rmerge_F_obs                                  ? 
_reflns_shell.Rmerge_I_all                                  ? 
_reflns_shell.Rmerge_I_obs                                  0.402 
_reflns_shell.meanI_over_sigI_gt                            ? 
_reflns_shell.meanI_over_uI_all                             ? 
_reflns_shell.meanI_over_uI_gt                              ? 
_reflns_shell.number_measured_gt                            ? 
_reflns_shell.number_unique_gt                              ? 
_reflns_shell.percent_possible_gt                           ? 
_reflns_shell.Rmerge_F_gt                                   ? 
_reflns_shell.Rmerge_I_gt                                   ? 
_reflns_shell.pdbx_redundancy                               5.7 
_reflns_shell.pdbx_Rsym_value                               ? 
_reflns_shell.pdbx_chi_squared                              ? 
_reflns_shell.pdbx_netI_over_sigmaI_all                     ? 
_reflns_shell.pdbx_netI_over_sigmaI_obs                     ? 
_reflns_shell.pdbx_Rrim_I_all                               0.438 
_reflns_shell.pdbx_Rpim_I_all                               0.166 
_reflns_shell.pdbx_rejects                                  ? 
_reflns_shell.pdbx_ordinal                                  1 
_reflns_shell.pdbx_diffrn_id                                1 
_reflns_shell.pdbx_CC_half                                  0.948 
_reflns_shell.pdbx_CC_star                                  0.987 
_reflns_shell.pdbx_R_split                                  ? 
_reflns_shell.pdbx_percent_possible_ellipsoidal             ? 
_reflns_shell.pdbx_percent_possible_spherical               ? 
_reflns_shell.pdbx_percent_possible_ellipsoidal_anomalous   ? 
_reflns_shell.pdbx_percent_possible_spherical_anomalous     ? 
_reflns_shell.pdbx_redundancy_anomalous                     ? 
_reflns_shell.pdbx_CC_half_anomalous                        ? 
_reflns_shell.pdbx_absDiff_over_sigma_anomalous             ? 
_reflns_shell.pdbx_percent_possible_anomalous               ? 
# 
_refine.aniso_B[1][1]                            0.030 
_refine.aniso_B[1][2]                            0.015 
_refine.aniso_B[1][3]                            0.000 
_refine.aniso_B[2][2]                            0.030 
_refine.aniso_B[2][3]                            -0.000 
_refine.aniso_B[3][3]                            -0.098 
_refine.B_iso_max                                ? 
_refine.B_iso_mean                               22.402 
_refine.B_iso_min                                ? 
_refine.correlation_coeff_Fo_to_Fc               0.948 
_refine.correlation_coeff_Fo_to_Fc_free          0.924 
_refine.details                                  'Hydrogens have been added in their riding positions' 
_refine.diff_density_max                         ? 
_refine.diff_density_max_esd                     ? 
_refine.diff_density_min                         ? 
_refine.diff_density_min_esd                     ? 
_refine.diff_density_rms                         ? 
_refine.diff_density_rms_esd                     ? 
_refine.entry_id                                 7U88 
_refine.pdbx_refine_id                           'X-RAY DIFFRACTION' 
_refine.ls_abs_structure_details                 ? 
_refine.ls_abs_structure_Flack                   ? 
_refine.ls_abs_structure_Flack_esd               ? 
_refine.ls_abs_structure_Rogers                  ? 
_refine.ls_abs_structure_Rogers_esd              ? 
_refine.ls_d_res_high                            2.140 
_refine.ls_d_res_low                             42.948 
_refine.ls_extinction_coef                       ? 
_refine.ls_extinction_coef_esd                   ? 
_refine.ls_extinction_expression                 ? 
_refine.ls_extinction_method                     ? 
_refine.ls_goodness_of_fit_all                   ? 
_refine.ls_goodness_of_fit_all_esd               ? 
_refine.ls_goodness_of_fit_obs                   ? 
_refine.ls_goodness_of_fit_obs_esd               ? 
_refine.ls_hydrogen_treatment                    ? 
_refine.ls_matrix_type                           ? 
_refine.ls_number_constraints                    ? 
_refine.ls_number_parameters                     ? 
_refine.ls_number_reflns_all                     ? 
_refine.ls_number_reflns_obs                     4650 
_refine.ls_number_reflns_R_free                  239 
_refine.ls_number_reflns_R_work                  4411 
_refine.ls_number_restraints                     ? 
_refine.ls_percent_reflns_obs                    86.399 
_refine.ls_percent_reflns_R_free                 5.140 
_refine.ls_R_factor_all                          0.218 
_refine.ls_R_factor_obs                          ? 
_refine.ls_R_factor_R_free                       0.2916 
_refine.ls_R_factor_R_free_error                 ? 
_refine.ls_R_factor_R_free_error_details         ? 
_refine.ls_R_factor_R_work                       0.2139 
_refine.ls_R_Fsqd_factor_obs                     ? 
_refine.ls_R_I_factor_obs                        ? 
_refine.ls_redundancy_reflns_all                 ? 
_refine.ls_redundancy_reflns_obs                 ? 
_refine.ls_restrained_S_all                      ? 
_refine.ls_restrained_S_obs                      ? 
_refine.ls_shift_over_esd_max                    ? 
_refine.ls_shift_over_esd_mean                   ? 
_refine.ls_structure_factor_coef                 ? 
_refine.ls_weighting_details                     ? 
_refine.ls_weighting_scheme                      ? 
_refine.ls_wR_factor_all                         ? 
_refine.ls_wR_factor_obs                         ? 
_refine.ls_wR_factor_R_free                      ? 
_refine.ls_wR_factor_R_work                      ? 
_refine.occupancy_max                            ? 
_refine.occupancy_min                            ? 
_refine.solvent_model_details                    'MASK BULK SOLVENT' 
_refine.solvent_model_param_bsol                 ? 
_refine.solvent_model_param_ksol                 ? 
_refine.pdbx_R_complete                          ? 
_refine.ls_R_factor_gt                           ? 
_refine.ls_goodness_of_fit_gt                    ? 
_refine.ls_goodness_of_fit_ref                   ? 
_refine.ls_shift_over_su_max                     ? 
_refine.ls_shift_over_su_max_lt                  ? 
_refine.ls_shift_over_su_mean                    ? 
_refine.ls_shift_over_su_mean_lt                 ? 
_refine.pdbx_ls_sigma_I                          ? 
_refine.pdbx_ls_sigma_F                          ? 
_refine.pdbx_ls_sigma_Fsqd                       ? 
_refine.pdbx_data_cutoff_high_absF               ? 
_refine.pdbx_data_cutoff_high_rms_absF           ? 
_refine.pdbx_data_cutoff_low_absF                ? 
_refine.pdbx_isotropic_thermal_model             ? 
_refine.pdbx_ls_cross_valid_method               THROUGHOUT 
_refine.pdbx_method_to_determine_struct          'MOLECULAR REPLACEMENT' 
_refine.pdbx_starting_model                      6C8O 
_refine.pdbx_stereochemistry_target_values       ? 
_refine.pdbx_R_Free_selection_details            ? 
_refine.pdbx_stereochem_target_val_spec_case     ? 
_refine.pdbx_overall_ESU_R                       0.365 
_refine.pdbx_overall_ESU_R_Free                  0.277 
_refine.pdbx_solvent_vdw_probe_radii             1.200 
_refine.pdbx_solvent_ion_probe_radii             0.800 
_refine.pdbx_solvent_shrinkage_radii             0.800 
_refine.pdbx_real_space_R                        ? 
_refine.pdbx_density_correlation                 ? 
_refine.pdbx_pd_number_of_powder_patterns        ? 
_refine.pdbx_pd_number_of_points                 ? 
_refine.pdbx_pd_meas_number_of_points            ? 
_refine.pdbx_pd_proc_ls_prof_R_factor            ? 
_refine.pdbx_pd_proc_ls_prof_wR_factor           ? 
_refine.pdbx_pd_Marquardt_correlation_coeff      ? 
_refine.pdbx_pd_Fsqrd_R_factor                   ? 
_refine.pdbx_pd_ls_matrix_band_width             ? 
_refine.pdbx_overall_phase_error                 ? 
_refine.pdbx_overall_SU_R_free_Cruickshank_DPI   ? 
_refine.pdbx_overall_SU_R_free_Blow_DPI          ? 
_refine.pdbx_overall_SU_R_Blow_DPI               ? 
_refine.pdbx_TLS_residual_ADP_flag               ? 
_refine.pdbx_diffrn_id                           1 
_refine.overall_SU_B                             6.130 
_refine.overall_SU_ML                            0.160 
_refine.overall_SU_R_Cruickshank_DPI             ? 
_refine.overall_SU_R_free                        ? 
_refine.overall_FOM_free_R_set                   ? 
_refine.overall_FOM_work_R_set                   ? 
_refine.pdbx_average_fsc_overall                 ? 
_refine.pdbx_average_fsc_work                    ? 
_refine.pdbx_average_fsc_free                    ? 
# 
_refine_hist.pdbx_refine_id                   'X-RAY DIFFRACTION' 
_refine_hist.cycle_id                         LAST 
_refine_hist.pdbx_number_atoms_protein        0 
_refine_hist.pdbx_number_atoms_nucleic_acid   378 
_refine_hist.pdbx_number_atoms_ligand         334 
_refine_hist.number_atoms_solvent             49 
_refine_hist.number_atoms_total               761 
_refine_hist.d_res_high                       2.140 
_refine_hist.d_res_low                        42.948 
# 
loop_
_refine_ls_restr.pdbx_refine_id 
_refine_ls_restr.criterion 
_refine_ls_restr.dev_ideal 
_refine_ls_restr.dev_ideal_target 
_refine_ls_restr.number 
_refine_ls_restr.rejects 
_refine_ls_restr.type 
_refine_ls_restr.weight 
_refine_ls_restr.pdbx_restraint_function 
'X-RAY DIFFRACTION' ? 0.018  0.019  796  ? r_bond_refined_d               ? ? 
'X-RAY DIFFRACTION' ? 0.029  0.024  358  ? r_bond_other_d                 ? ? 
'X-RAY DIFFRACTION' ? 2.603  2.369  1204 ? r_angle_refined_deg            ? ? 
'X-RAY DIFFRACTION' ? 3.537  2.604  840  ? r_angle_other_deg              ? ? 
'X-RAY DIFFRACTION' ? 0.168  0.200  152  ? r_chiral_restr                 ? ? 
'X-RAY DIFFRACTION' ? 1.454  0.200  26   ? r_chiral_restr_other           ? ? 
'X-RAY DIFFRACTION' ? 0.012  0.021  418  ? r_gen_planes_refined           ? ? 
'X-RAY DIFFRACTION' ? 0.001  0.023  136  ? r_gen_planes_other             ? ? 
'X-RAY DIFFRACTION' ? 0.110  0.200  86   ? r_nbd_refined                  ? ? 
'X-RAY DIFFRACTION' ? 0.237  0.200  460  ? r_symmetry_nbd_other           ? ? 
'X-RAY DIFFRACTION' ? 0.247  0.200  315  ? r_nbtor_refined                ? ? 
'X-RAY DIFFRACTION' ? 0.277  0.200  195  ? r_symmetry_nbtor_other         ? ? 
'X-RAY DIFFRACTION' ? 0.190  0.200  40   ? r_xyhbond_nbd_refined          ? ? 
'X-RAY DIFFRACTION' ? 0.019  0.200  1    ? r_symmetry_xyhbond_nbd_other   ? ? 
'X-RAY DIFFRACTION' ? 0.170  0.200  16   ? r_symmetry_nbd_refined         ? ? 
'X-RAY DIFFRACTION' ? 0.217  0.200  62   ? r_nbd_other                    ? ? 
'X-RAY DIFFRACTION' ? 0.243  0.200  13   ? r_symmetry_xyhbond_nbd_refined ? ? 
'X-RAY DIFFRACTION' ? 2.764  2.326  794  ? r_scbond_it                    ? ? 
'X-RAY DIFFRACTION' ? 2.762  2.317  787  ? r_scbond_other                 ? ? 
'X-RAY DIFFRACTION' ? 4.778  3.468  1204 ? r_scangle_it                   ? ? 
'X-RAY DIFFRACTION' ? 4.788  3.445  1193 ? r_scangle_other                ? ? 
'X-RAY DIFFRACTION' ? 11.144 20.633 1085 ? r_lrange_it                    ? ? 
'X-RAY DIFFRACTION' ? 11.160 20.574 1078 ? r_lrange_other                 ? ? 
# 
loop_
_refine_ls_shell.pdbx_refine_id 
_refine_ls_shell.d_res_high 
_refine_ls_shell.d_res_low 
_refine_ls_shell.number_reflns_all 
_refine_ls_shell.number_reflns_obs 
_refine_ls_shell.number_reflns_R_free 
_refine_ls_shell.number_reflns_R_work 
_refine_ls_shell.percent_reflns_obs 
_refine_ls_shell.percent_reflns_R_free 
_refine_ls_shell.R_factor_all 
_refine_ls_shell.R_factor_obs 
_refine_ls_shell.R_factor_R_free 
_refine_ls_shell.R_factor_R_free_error 
_refine_ls_shell.R_factor_R_work 
_refine_ls_shell.redundancy_reflns_all 
_refine_ls_shell.redundancy_reflns_obs 
_refine_ls_shell.wR_factor_all 
_refine_ls_shell.wR_factor_obs 
_refine_ls_shell.wR_factor_R_free 
_refine_ls_shell.wR_factor_R_work 
_refine_ls_shell.pdbx_R_complete 
_refine_ls_shell.pdbx_total_number_of_bins_used 
_refine_ls_shell.pdbx_phase_error 
_refine_ls_shell.pdbx_fsc_work 
_refine_ls_shell.pdbx_fsc_free 
'X-RAY DIFFRACTION' 2.140 2.196  . . 6  157 45.0276  . . . 0.248 . 0.241 . . . . . . . . . . . 
'X-RAY DIFFRACTION' 2.196 2.256  . . 17 181 50.0000  . . . 0.262 . 0.278 . . . . . . . . . . . 
'X-RAY DIFFRACTION' 2.256 2.321  . . 18 193 58.7744  . . . 0.388 . 0.250 . . . . . . . . . . . 
'X-RAY DIFFRACTION' 2.321 2.393  . . 15 228 67.3130  . . . 0.321 . 0.241 . . . . . . . . . . . 
'X-RAY DIFFRACTION' 2.393 2.471  . . 26 254 82.3529  . . . 0.315 . 0.234 . . . . . . . . . . . 
'X-RAY DIFFRACTION' 2.471 2.558  . . 21 316 99.7041  . . . 0.392 . 0.250 . . . . . . . . . . . 
'X-RAY DIFFRACTION' 2.558 2.654  . . 23 308 99.6988  . . . 0.422 . 0.243 . . . . . . . . . . . 
'X-RAY DIFFRACTION' 2.654 2.762  . . 20 286 100.0000 . . . 0.396 . 0.247 . . . . . . . . . . . 
'X-RAY DIFFRACTION' 2.762 2.885  . . 14 294 100.0000 . . . 0.261 . 0.236 . . . . . . . . . . . 
'X-RAY DIFFRACTION' 2.885 3.026  . . 9  278 100.0000 . . . 0.254 . 0.226 . . . . . . . . . . . 
'X-RAY DIFFRACTION' 3.026 3.189  . . 9  263 98.9091  . . . 0.269 . 0.226 . . . . . . . . . . . 
'X-RAY DIFFRACTION' 3.189 3.382  . . 5  259 99.6226  . . . 0.228 . 0.221 . . . . . . . . . . . 
'X-RAY DIFFRACTION' 3.382 3.616  . . 1  246 100.0000 . . . 0.179 . 0.183 . . . . . . . . . . . 
'X-RAY DIFFRACTION' 3.616 3.905  . . 5  239 99.5918  . . . 0.291 . 0.171 . . . . . . . . . . . 
'X-RAY DIFFRACTION' 3.905 4.276  . . 16 198 100.0000 . . . 0.181 . 0.160 . . . . . . . . . . . 
'X-RAY DIFFRACTION' 4.276 4.780  . . 8  193 100.0000 . . . 0.118 . 0.172 . . . . . . . . . . . 
'X-RAY DIFFRACTION' 4.780 5.516  . . 7  169 100.0000 . . . 0.214 . 0.166 . . . . . . . . . . . 
'X-RAY DIFFRACTION' 5.516 6.749  . . 10 146 100.0000 . . . 0.274 . 0.234 . . . . . . . . . . . 
'X-RAY DIFFRACTION' 6.749 9.515  . . 6  122 100.0000 . . . 0.422 . 0.231 . . . . . . . . . . . 
'X-RAY DIFFRACTION' 9.515 42.948 . . 3  81  97.6744  . . . 1.324 . 0.265 . . . . . . . . . . . 
# 
_struct.entry_id                     7U88 
_struct.title                        'Product of 13mer primer with activated G monomer diastereomer 2' 
_struct.pdbx_model_details           ? 
_struct.pdbx_formula_weight          ? 
_struct.pdbx_formula_weight_method   ? 
_struct.pdbx_model_type_details      ? 
_struct.pdbx_CASP_flag               N 
# 
_struct_keywords.entry_id        7U88 
_struct_keywords.text            'RNA duplex, Phosphorothioate, Non-enzymatic RNA extension, RNA' 
_struct_keywords.pdbx_keywords   RNA 
# 
loop_
_struct_asym.id 
_struct_asym.pdbx_blank_PDB_chainid_flag 
_struct_asym.pdbx_modified 
_struct_asym.entity_id 
_struct_asym.details 
A N N 1 ? 
B N N 1 ? 
C N N 2 ? 
D N N 3 ? 
E N N 2 ? 
F N N 3 ? 
G N N 4 ? 
H N N 4 ? 
# 
_struct_ref.id                         1 
_struct_ref.db_name                    PDB 
_struct_ref.db_code                    7U88 
_struct_ref.pdbx_db_accession          7U88 
_struct_ref.pdbx_db_isoform            ? 
_struct_ref.entity_id                  1 
_struct_ref.pdbx_seq_one_letter_code   ? 
_struct_ref.pdbx_align_begin           1 
# 
loop_
_struct_ref_seq.align_id 
_struct_ref_seq.ref_id 
_struct_ref_seq.pdbx_PDB_id_code 
_struct_ref_seq.pdbx_strand_id 
_struct_ref_seq.seq_align_beg 
_struct_ref_seq.pdbx_seq_align_beg_ins_code 
_struct_ref_seq.seq_align_end 
_struct_ref_seq.pdbx_seq_align_end_ins_code 
_struct_ref_seq.pdbx_db_accession 
_struct_ref_seq.db_align_beg 
_struct_ref_seq.pdbx_db_align_beg_ins_code 
_struct_ref_seq.db_align_end 
_struct_ref_seq.pdbx_db_align_end_ins_code 
_struct_ref_seq.pdbx_auth_seq_align_beg 
_struct_ref_seq.pdbx_auth_seq_align_end 
1 1 7U88 A 1 ? 15 ? 7U88 1 ? 15 ? 1 15 
2 1 7U88 B 1 ? 15 ? 7U88 1 ? 15 ? 1 15 
# 
_pdbx_struct_assembly.id                   1 
_pdbx_struct_assembly.details              author_and_software_defined_assembly 
_pdbx_struct_assembly.method_details       PISA 
_pdbx_struct_assembly.oligomeric_details   dimeric 
_pdbx_struct_assembly.oligomeric_count     2 
# 
loop_
_pdbx_struct_assembly_prop.biol_id 
_pdbx_struct_assembly_prop.type 
_pdbx_struct_assembly_prop.value 
_pdbx_struct_assembly_prop.details 
1 'ABSA (A^2)' 5500 ? 
1 MORE         2    ? 
1 'SSA (A^2)'  5420 ? 
# 
_pdbx_struct_assembly_gen.assembly_id       1 
_pdbx_struct_assembly_gen.oper_expression   1 
_pdbx_struct_assembly_gen.asym_id_list      A,B,C,D,E,F,G,H 
# 
_pdbx_struct_assembly_auth_evidence.id                     1 
_pdbx_struct_assembly_auth_evidence.assembly_id            1 
_pdbx_struct_assembly_auth_evidence.experimental_support   none 
_pdbx_struct_assembly_auth_evidence.details                ? 
# 
_pdbx_struct_oper_list.id                   1 
_pdbx_struct_oper_list.type                 'identity operation' 
_pdbx_struct_oper_list.name                 1_555 
_pdbx_struct_oper_list.symmetry_operation   x,y,z 
_pdbx_struct_oper_list.matrix[1][1]         1.0000000000 
_pdbx_struct_oper_list.matrix[1][2]         0.0000000000 
_pdbx_struct_oper_list.matrix[1][3]         0.0000000000 
_pdbx_struct_oper_list.vector[1]            0.0000000000 
_pdbx_struct_oper_list.matrix[2][1]         0.0000000000 
_pdbx_struct_oper_list.matrix[2][2]         1.0000000000 
_pdbx_struct_oper_list.matrix[2][3]         0.0000000000 
_pdbx_struct_oper_list.vector[2]            0.0000000000 
_pdbx_struct_oper_list.matrix[3][1]         0.0000000000 
_pdbx_struct_oper_list.matrix[3][2]         0.0000000000 
_pdbx_struct_oper_list.matrix[3][3]         1.0000000000 
_pdbx_struct_oper_list.vector[3]            0.0000000000 
# 
loop_
_struct_conn.id 
_struct_conn.conn_type_id 
_struct_conn.pdbx_leaving_atom_flag 
_struct_conn.pdbx_PDB_id 
_struct_conn.ptnr1_label_asym_id 
_struct_conn.ptnr1_label_comp_id 
_struct_conn.ptnr1_label_seq_id 
_struct_conn.ptnr1_label_atom_id 
_struct_conn.pdbx_ptnr1_label_alt_id 
_struct_conn.pdbx_ptnr1_PDB_ins_code 
_struct_conn.pdbx_ptnr1_standard_comp_id 
_struct_conn.ptnr1_symmetry 
_struct_conn.ptnr2_label_asym_id 
_struct_conn.ptnr2_label_comp_id 
_struct_conn.ptnr2_label_seq_id 
_struct_conn.ptnr2_label_atom_id 
_struct_conn.pdbx_ptnr2_label_alt_id 
_struct_conn.pdbx_ptnr2_PDB_ins_code 
_struct_conn.ptnr1_auth_asym_id 
_struct_conn.ptnr1_auth_comp_id 
_struct_conn.ptnr1_auth_seq_id 
_struct_conn.ptnr2_auth_asym_id 
_struct_conn.ptnr2_auth_comp_id 
_struct_conn.ptnr2_auth_seq_id 
_struct_conn.ptnr2_symmetry 
_struct_conn.pdbx_ptnr3_label_atom_id 
_struct_conn.pdbx_ptnr3_label_seq_id 
_struct_conn.pdbx_ptnr3_label_comp_id 
_struct_conn.pdbx_ptnr3_label_asym_id 
_struct_conn.pdbx_ptnr3_label_alt_id 
_struct_conn.pdbx_ptnr3_PDB_ins_code 
_struct_conn.details 
_struct_conn.pdbx_dist_value 
_struct_conn.pdbx_value_order 
_struct_conn.pdbx_role 
covale1  covale both ? A LKC 1  "O3'" ? ? ? 1_555 A LCC 2  P  ? ? A LKC 1  A LCC 2  1_555 ? ? ? ? ? ? ?            1.639 ? ? 
covale2  covale both ? A LCC 2  "O3'" ? ? ? 1_555 A LCC 3  P  ? ? A LCC 2  A LCC 3  1_555 ? ? ? ? ? ? ?            1.615 ? ? 
covale3  covale both ? A LCC 3  "O3'" ? ? ? 1_555 A LCG 4  P  ? ? A LCC 3  A LCG 4  1_555 ? ? ? ? ? ? ?            1.614 ? ? 
covale4  covale both ? A LCG 4  "O3'" ? ? ? 1_555 A A   5  P  ? ? A LCG 4  A A   5  1_555 ? ? ? ? ? ? ?            1.607 ? ? 
covale5  covale both ? A C   13 "O3'" ? ? ? 1_555 A G46 14 P  ? ? A C   13 A G46 14 1_555 ? ? ? ? ? ? ?            1.628 ? ? 
covale6  covale one  ? A G46 14 "O3'" ? ? ? 1_555 A G46 15 P  ? ? A G46 14 A G46 15 1_555 ? ? ? ? ? ? ?            1.631 ? ? 
covale7  covale both ? B LKC 1  "O3'" ? ? ? 1_555 B LCC 2  P  ? ? B LKC 1  B LCC 2  1_555 ? ? ? ? ? ? ?            1.616 ? ? 
covale8  covale both ? B LCC 2  "O3'" ? ? ? 1_555 B LCC 3  P  ? ? B LCC 2  B LCC 3  1_555 ? ? ? ? ? ? ?            1.608 ? ? 
covale9  covale both ? B LCC 3  "O3'" ? ? ? 1_555 B LCG 4  P  ? ? B LCC 3  B LCG 4  1_555 ? ? ? ? ? ? ?            1.630 ? ? 
covale10 covale both ? B LCG 4  "O3'" ? ? ? 1_555 B A   5  P  ? ? B LCG 4  B A   5  1_555 ? ? ? ? ? ? ?            1.589 ? ? 
covale11 covale both ? B C   13 "O3'" ? ? ? 1_555 B G46 14 P  ? ? B C   13 B G46 14 1_555 ? ? ? ? ? ? ?            1.631 ? ? 
covale12 covale one  ? B G46 14 "O3'" ? ? ? 1_555 B G46 15 P  ? ? B G46 14 B G46 15 1_555 ? ? ? ? ? ? ?            1.623 ? ? 
hydrog1  hydrog ?    ? A LCG 4  N1    ? ? ? 1_555 B C   13 N3 ? ? A LCG 4  B C   13 1_555 ? ? ? ? ? ? WATSON-CRICK ?     ? ? 
hydrog2  hydrog ?    ? A LCG 4  N2    ? ? ? 1_555 B C   13 O2 ? ? A LCG 4  B C   13 1_555 ? ? ? ? ? ? WATSON-CRICK ?     ? ? 
hydrog3  hydrog ?    ? A LCG 4  O6    ? ? ? 1_555 B C   13 N4 ? ? A LCG 4  B C   13 1_555 ? ? ? ? ? ? WATSON-CRICK ?     ? ? 
hydrog4  hydrog ?    ? A A   5  N1    ? ? ? 1_555 B U   12 N3 ? ? A A   5  B U   12 1_555 ? ? ? ? ? ? WATSON-CRICK ?     ? ? 
hydrog5  hydrog ?    ? A A   5  N6    ? ? ? 1_555 B U   12 O4 ? ? A A   5  B U   12 1_555 ? ? ? ? ? ? WATSON-CRICK ?     ? ? 
hydrog6  hydrog ?    ? A C   6  N3    ? ? ? 1_555 B G   11 N1 ? ? A C   6  B G   11 1_555 ? ? ? ? ? ? WATSON-CRICK ?     ? ? 
hydrog7  hydrog ?    ? A C   6  N4    ? ? ? 1_555 B G   11 O6 ? ? A C   6  B G   11 1_555 ? ? ? ? ? ? WATSON-CRICK ?     ? ? 
hydrog8  hydrog ?    ? A C   6  O2    ? ? ? 1_555 B G   11 N2 ? ? A C   6  B G   11 1_555 ? ? ? ? ? ? WATSON-CRICK ?     ? ? 
hydrog9  hydrog ?    ? A U   7  N3    ? ? ? 1_555 B A   10 N1 ? ? A U   7  B A   10 1_555 ? ? ? ? ? ? WATSON-CRICK ?     ? ? 
hydrog10 hydrog ?    ? A U   7  O4    ? ? ? 1_555 B A   10 N6 ? ? A U   7  B A   10 1_555 ? ? ? ? ? ? WATSON-CRICK ?     ? ? 
hydrog11 hydrog ?    ? A U   8  N3    ? ? ? 1_555 B A   9  N1 ? ? A U   8  B A   9  1_555 ? ? ? ? ? ? WATSON-CRICK ?     ? ? 
hydrog12 hydrog ?    ? A U   8  O4    ? ? ? 1_555 B A   9  N6 ? ? A U   8  B A   9  1_555 ? ? ? ? ? ? WATSON-CRICK ?     ? ? 
hydrog13 hydrog ?    ? A A   9  N1    ? ? ? 1_555 B U   8  N3 ? ? A A   9  B U   8  1_555 ? ? ? ? ? ? WATSON-CRICK ?     ? ? 
hydrog14 hydrog ?    ? A A   9  N6    ? ? ? 1_555 B U   8  O4 ? ? A A   9  B U   8  1_555 ? ? ? ? ? ? WATSON-CRICK ?     ? ? 
hydrog15 hydrog ?    ? A A   10 N1    ? ? ? 1_555 B U   7  N3 ? ? A A   10 B U   7  1_555 ? ? ? ? ? ? WATSON-CRICK ?     ? ? 
hydrog16 hydrog ?    ? A A   10 N6    ? ? ? 1_555 B U   7  O4 ? ? A A   10 B U   7  1_555 ? ? ? ? ? ? WATSON-CRICK ?     ? ? 
hydrog17 hydrog ?    ? A G   11 N1    ? ? ? 1_555 B C   6  N3 ? ? A G   11 B C   6  1_555 ? ? ? ? ? ? WATSON-CRICK ?     ? ? 
hydrog18 hydrog ?    ? A G   11 N2    ? ? ? 1_555 B C   6  O2 ? ? A G   11 B C   6  1_555 ? ? ? ? ? ? WATSON-CRICK ?     ? ? 
hydrog19 hydrog ?    ? A G   11 O6    ? ? ? 1_555 B C   6  N4 ? ? A G   11 B C   6  1_555 ? ? ? ? ? ? WATSON-CRICK ?     ? ? 
hydrog20 hydrog ?    ? A U   12 N3    ? ? ? 1_555 B A   5  N1 ? ? A U   12 B A   5  1_555 ? ? ? ? ? ? WATSON-CRICK ?     ? ? 
hydrog21 hydrog ?    ? A U   12 O4    ? ? ? 1_555 B A   5  N6 ? ? A U   12 B A   5  1_555 ? ? ? ? ? ? WATSON-CRICK ?     ? ? 
hydrog22 hydrog ?    ? A C   13 N3    ? ? ? 1_555 B LCG 4  N1 ? ? A C   13 B LCG 4  1_555 ? ? ? ? ? ? WATSON-CRICK ?     ? ? 
hydrog23 hydrog ?    ? A C   13 N4    ? ? ? 1_555 B LCG 4  O6 ? ? A C   13 B LCG 4  1_555 ? ? ? ? ? ? WATSON-CRICK ?     ? ? 
hydrog24 hydrog ?    ? A C   13 O2    ? ? ? 1_555 B LCG 4  N2 ? ? A C   13 B LCG 4  1_555 ? ? ? ? ? ? WATSON-CRICK ?     ? ? 
# 
loop_
_struct_conn_type.id 
_struct_conn_type.criteria 
_struct_conn_type.reference 
covale ? ? 
hydrog ? ? 
# 
loop_
_pdbx_validate_rmsd_angle.id 
_pdbx_validate_rmsd_angle.PDB_model_num 
_pdbx_validate_rmsd_angle.auth_atom_id_1 
_pdbx_validate_rmsd_angle.auth_asym_id_1 
_pdbx_validate_rmsd_angle.auth_comp_id_1 
_pdbx_validate_rmsd_angle.auth_seq_id_1 
_pdbx_validate_rmsd_angle.PDB_ins_code_1 
_pdbx_validate_rmsd_angle.label_alt_id_1 
_pdbx_validate_rmsd_angle.auth_atom_id_2 
_pdbx_validate_rmsd_angle.auth_asym_id_2 
_pdbx_validate_rmsd_angle.auth_comp_id_2 
_pdbx_validate_rmsd_angle.auth_seq_id_2 
_pdbx_validate_rmsd_angle.PDB_ins_code_2 
_pdbx_validate_rmsd_angle.label_alt_id_2 
_pdbx_validate_rmsd_angle.auth_atom_id_3 
_pdbx_validate_rmsd_angle.auth_asym_id_3 
_pdbx_validate_rmsd_angle.auth_comp_id_3 
_pdbx_validate_rmsd_angle.auth_seq_id_3 
_pdbx_validate_rmsd_angle.PDB_ins_code_3 
_pdbx_validate_rmsd_angle.label_alt_id_3 
_pdbx_validate_rmsd_angle.angle_value 
_pdbx_validate_rmsd_angle.angle_target_value 
_pdbx_validate_rmsd_angle.angle_deviation 
_pdbx_validate_rmsd_angle.angle_standard_deviation 
_pdbx_validate_rmsd_angle.linker_flag 
1 1 "C3'" A LCC 3  ? ? "O3'" A LCC 3  ? ? P     A LCG 4  ? ? 132.91 119.70 13.21  1.20 Y 
2 1 "O3'" A LCC 3  ? ? P     A LCG 4  ? ? "O5'" A LCG 4  ? ? 91.40  104.00 -12.60 1.90 Y 
3 1 "O3'" A LCG 4  ? ? P     A A   5  ? ? OP2   A A   5  ? ? 121.05 110.50 10.55  1.10 Y 
4 1 "O3'" A C   13 ? ? P     A G46 14 ? ? "O5'" A G46 14 ? ? 115.50 104.00 11.50  1.90 Y 
5 1 "O3'" A G46 14 ? ? P     A G46 15 ? ? "O5'" A G46 15 ? ? 130.11 104.00 26.11  1.90 Y 
6 1 "O3'" B LCG 4  ? ? P     B A   5  ? ? OP2   B A   5  ? ? 119.77 110.50 9.27   1.10 Y 
7 1 "C3'" B U   7  ? ? "O3'" B U   7  ? ? P     B U   8  ? ? 112.03 119.70 -7.67  1.20 Y 
8 1 "C3'" B G46 14 ? ? "O3'" B G46 14 ? ? P     B G46 15 ? ? 127.00 119.70 7.30   1.20 Y 
9 1 "O3'" B G46 14 ? ? P     B G46 15 ? ? "O5'" B G46 15 ? ? 88.23  104.00 -15.77 1.90 Y 
# 
loop_
_pdbx_struct_special_symmetry.id 
_pdbx_struct_special_symmetry.PDB_model_num 
_pdbx_struct_special_symmetry.auth_asym_id 
_pdbx_struct_special_symmetry.auth_comp_id 
_pdbx_struct_special_symmetry.auth_seq_id 
_pdbx_struct_special_symmetry.PDB_ins_code 
_pdbx_struct_special_symmetry.label_asym_id 
_pdbx_struct_special_symmetry.label_comp_id 
_pdbx_struct_special_symmetry.label_seq_id 
1 1 A HOH 215 ? G HOH . 
2 1 A HOH 216 ? G HOH . 
3 1 B HOH 217 ? H HOH . 
4 1 B HOH 219 ? H HOH . 
# 
_pdbx_entry_details.entry_id                 7U88 
_pdbx_entry_details.has_ligand_of_interest   Y 
_pdbx_entry_details.compound_details         ? 
_pdbx_entry_details.source_details           ? 
_pdbx_entry_details.nonpolymer_details       ? 
_pdbx_entry_details.sequence_details         ? 
# 
loop_
_chem_comp_atom.comp_id 
_chem_comp_atom.atom_id 
_chem_comp_atom.type_symbol 
_chem_comp_atom.pdbx_aromatic_flag 
_chem_comp_atom.pdbx_stereo_config 
_chem_comp_atom.pdbx_ordinal 
A   OP3    O N N 1   
A   P      P N N 2   
A   OP1    O N N 3   
A   OP2    O N N 4   
A   "O5'"  O N N 5   
A   "C5'"  C N N 6   
A   "C4'"  C N R 7   
A   "O4'"  O N N 8   
A   "C3'"  C N S 9   
A   "O3'"  O N N 10  
A   "C2'"  C N R 11  
A   "O2'"  O N N 12  
A   "C1'"  C N R 13  
A   N9     N Y N 14  
A   C8     C Y N 15  
A   N7     N Y N 16  
A   C5     C Y N 17  
A   C6     C Y N 18  
A   N6     N N N 19  
A   N1     N Y N 20  
A   C2     C Y N 21  
A   N3     N Y N 22  
A   C4     C Y N 23  
A   HOP3   H N N 24  
A   HOP2   H N N 25  
A   "H5'"  H N N 26  
A   "H5''" H N N 27  
A   "H4'"  H N N 28  
A   "H3'"  H N N 29  
A   "HO3'" H N N 30  
A   "H2'"  H N N 31  
A   "HO2'" H N N 32  
A   "H1'"  H N N 33  
A   H8     H N N 34  
A   H61    H N N 35  
A   H62    H N N 36  
A   H2     H N N 37  
C   OP3    O N N 38  
C   P      P N N 39  
C   OP1    O N N 40  
C   OP2    O N N 41  
C   "O5'"  O N N 42  
C   "C5'"  C N N 43  
C   "C4'"  C N R 44  
C   "O4'"  O N N 45  
C   "C3'"  C N S 46  
C   "O3'"  O N N 47  
C   "C2'"  C N R 48  
C   "O2'"  O N N 49  
C   "C1'"  C N R 50  
C   N1     N N N 51  
C   C2     C N N 52  
C   O2     O N N 53  
C   N3     N N N 54  
C   C4     C N N 55  
C   N4     N N N 56  
C   C5     C N N 57  
C   C6     C N N 58  
C   HOP3   H N N 59  
C   HOP2   H N N 60  
C   "H5'"  H N N 61  
C   "H5''" H N N 62  
C   "H4'"  H N N 63  
C   "H3'"  H N N 64  
C   "HO3'" H N N 65  
C   "H2'"  H N N 66  
C   "HO2'" H N N 67  
C   "H1'"  H N N 68  
C   H41    H N N 69  
C   H42    H N N 70  
C   H5     H N N 71  
C   H6     H N N 72  
G   OP3    O N N 73  
G   P      P N N 74  
G   OP1    O N N 75  
G   OP2    O N N 76  
G   "O5'"  O N N 77  
G   "C5'"  C N N 78  
G   "C4'"  C N R 79  
G   "O4'"  O N N 80  
G   "C3'"  C N S 81  
G   "O3'"  O N N 82  
G   "C2'"  C N R 83  
G   "O2'"  O N N 84  
G   "C1'"  C N R 85  
G   N9     N Y N 86  
G   C8     C Y N 87  
G   N7     N Y N 88  
G   C5     C Y N 89  
G   C6     C N N 90  
G   O6     O N N 91  
G   N1     N N N 92  
G   C2     C N N 93  
G   N2     N N N 94  
G   N3     N N N 95  
G   C4     C Y N 96  
G   HOP3   H N N 97  
G   HOP2   H N N 98  
G   "H5'"  H N N 99  
G   "H5''" H N N 100 
G   "H4'"  H N N 101 
G   "H3'"  H N N 102 
G   "HO3'" H N N 103 
G   "H2'"  H N N 104 
G   "HO2'" H N N 105 
G   "H1'"  H N N 106 
G   H8     H N N 107 
G   H1     H N N 108 
G   H21    H N N 109 
G   H22    H N N 110 
G46 P      P N N 111 
G46 O1P    O N N 112 
G46 S2P    S N N 113 
G46 O3P    O N N 114 
G46 "O5'"  O N N 115 
G46 "C5'"  C N N 116 
G46 "C4'"  C N R 117 
G46 "O4'"  O N N 118 
G46 "C3'"  C N S 119 
G46 "O3'"  O N N 120 
G46 "C2'"  C N R 121 
G46 "C1'"  C N R 122 
G46 "O2'"  O N N 123 
G46 N9     N Y N 124 
G46 C8     C Y N 125 
G46 N7     N Y N 126 
G46 C5     C Y N 127 
G46 C6     C N N 128 
G46 O6     O N N 129 
G46 N1     N N N 130 
G46 C2     C N N 131 
G46 N2     N N N 132 
G46 N3     N N N 133 
G46 C4     C Y N 134 
G46 H1P    H N N 135 
G46 HS     H N N 136 
G46 "H5'1" H N N 137 
G46 "H5'2" H N N 138 
G46 "H4'"  H N N 139 
G46 "H3'"  H N N 140 
G46 HA     H N N 141 
G46 "H2'"  H N N 142 
G46 "H1'"  H N N 143 
G46 HB     H N N 144 
G46 H8     H N N 145 
G46 H1     H N N 146 
G46 H2N1   H N N 147 
G46 H2N2   H N N 148 
HOH O      O N N 149 
HOH H1     H N N 150 
HOH H2     H N N 151 
LCC "O5'"  O N N 152 
LCC "C5'"  C N N 153 
LCC "C4'"  C N R 154 
LCC "O4'"  O N N 155 
LCC "C1'"  C N R 156 
LCC N1     N N N 157 
LCC C6     C N N 158 
LCC C5     C N N 159 
LCC C5M    C N N 160 
LCC C4     C N N 161 
LCC N4     N N N 162 
LCC N3     N N N 163 
LCC C2     C N N 164 
LCC O2     O N N 165 
LCC "C3'"  C N S 166 
LCC "C2'"  C N R 167 
LCC "O2'"  O N N 168 
LCC "O3'"  O N N 169 
LCC "C6'"  C N N 170 
LCC P      P N N 171 
LCC O1P    O N N 172 
LCC O2P    O N N 173 
LCC OXT    O N N 174 
LCC "H5'1" H N N 175 
LCC "H5'2" H N N 176 
LCC "H1'"  H N N 177 
LCC H6     H N N 178 
LCC H5M1   H N N 179 
LCC H5M2   H N N 180 
LCC H5M3   H N N 181 
LCC H41    H N N 182 
LCC H42    H N N 183 
LCC "H3'"  H N N 184 
LCC "H2'1" H N N 185 
LCC H3T    H N N 186 
LCC "H6'1" H N N 187 
LCC "H6'2" H N N 188 
LCC H1P    H N N 189 
LCC HXT    H N N 190 
LCG P      P N N 191 
LCG OP1    O N N 192 
LCG "O5'"  O N N 193 
LCG "C5'"  C N N 194 
LCG "C3'"  C N S 195 
LCG "C6'"  C N N 196 
LCG N9     N Y N 197 
LCG C8     C Y N 198 
LCG C4     C Y N 199 
LCG N7     N Y N 200 
LCG C5     C Y N 201 
LCG C6     C N N 202 
LCG "C2'"  C N R 203 
LCG O6     O N N 204 
LCG "C4'"  C N R 205 
LCG "C1'"  C N R 206 
LCG C2     C N N 207 
LCG N1     N N N 208 
LCG "O4'"  O N N 209 
LCG OP2    O N N 210 
LCG N2     N N N 211 
LCG N3     N N N 212 
LCG "O2'"  O N N 213 
LCG "O3'"  O N N 214 
LCG OP3    O N N 215 
LCG "H5'"  H N N 216 
LCG "H5''" H N N 217 
LCG "H3'"  H N N 218 
LCG "H6'1" H N N 219 
LCG "H6'2" H N N 220 
LCG H8     H N N 221 
LCG "H2'"  H N N 222 
LCG "H1'"  H N N 223 
LCG H1     H N N 224 
LCG HOP2   H N N 225 
LCG H21    H N N 226 
LCG H22    H N N 227 
LCG "HO3'" H N N 228 
LCG HOP3   H N N 229 
LKC N1     N N N 230 
LKC C2     C N N 231 
LKC N3     N N N 232 
LKC C4     C N N 233 
LKC C5     C N N 234 
LKC C6     C N N 235 
LKC O2     O N N 236 
LKC N4     N N N 237 
LKC "C1'"  C N R 238 
LKC "C2'"  C N R 239 
LKC "C3'"  C N S 240 
LKC "C4'"  C N S 241 
LKC "O4'"  O N N 242 
LKC "O3'"  O N N 243 
LKC "C5'"  C N N 244 
LKC "O5'"  O N N 245 
LKC C5A    C N N 246 
LKC "O2'"  O N N 247 
LKC "C6'"  C N N 248 
LKC H6     H N N 249 
LKC H41    H N N 250 
LKC H42    H N N 251 
LKC "H1'"  H N N 252 
LKC "H2'1" H N N 253 
LKC "H3'"  H N N 254 
LKC H3T    H N N 255 
LKC "H5'1" H N N 256 
LKC "H5'2" H N N 257 
LKC H5T    H N N 258 
LKC H5M1   H N N 259 
LKC H5M2   H N N 260 
LKC H5M3   H N N 261 
LKC "H6'1" H N N 262 
LKC "H6'2" H N N 263 
LXI N1     N Y N 264 
LXI C1     C Y N 265 
LXI N2     N Y N 266 
LXI C2     C Y N 267 
LXI C3     C N N 268 
LXI N3     N N N 269 
LXI C4     C N N 270 
LXI N4     N N N 271 
LXI C5     C Y N 272 
LXI O1     O N N 273 
LXI N5     N N N 274 
LXI C6     C N R 275 
LXI O2     O N N 276 
LXI C7     C N R 277 
LXI O3     O N N 278 
LXI C8     C N S 279 
LXI O4     O N N 280 
LXI C9     C N R 281 
LXI C10    C N N 282 
LXI O5     O N N 283 
LXI P1     P N R 284 
LXI S1     S N N 285 
LXI O6     O N N 286 
LXI N6     N Y N 287 
LXI C11    C Y N 288 
LXI C12    C Y N 289 
LXI N7     N Y N 290 
LXI C13    C Y N 291 
LXI N8     N N N 292 
LXI H1     H N N 293 
LXI H2     H N N 294 
LXI H3     H N N 295 
LXI H4     H N N 296 
LXI H5     H N N 297 
LXI H6     H N N 298 
LXI H7     H N N 299 
LXI H8     H N N 300 
LXI H9     H N N 301 
LXI H10    H N N 302 
LXI H11    H N N 303 
LXI H12    H N N 304 
LXI H13    H N N 305 
LXI H14    H N N 306 
LXI H15    H N N 307 
LXI H16    H N N 308 
LXI H17    H N N 309 
SO4 S      S N N 310 
SO4 O1     O N N 311 
SO4 O2     O N N 312 
SO4 O3     O N N 313 
SO4 O4     O N N 314 
U   OP3    O N N 315 
U   P      P N N 316 
U   OP1    O N N 317 
U   OP2    O N N 318 
U   "O5'"  O N N 319 
U   "C5'"  C N N 320 
U   "C4'"  C N R 321 
U   "O4'"  O N N 322 
U   "C3'"  C N S 323 
U   "O3'"  O N N 324 
U   "C2'"  C N R 325 
U   "O2'"  O N N 326 
U   "C1'"  C N R 327 
U   N1     N N N 328 
U   C2     C N N 329 
U   O2     O N N 330 
U   N3     N N N 331 
U   C4     C N N 332 
U   O4     O N N 333 
U   C5     C N N 334 
U   C6     C N N 335 
U   HOP3   H N N 336 
U   HOP2   H N N 337 
U   "H5'"  H N N 338 
U   "H5''" H N N 339 
U   "H4'"  H N N 340 
U   "H3'"  H N N 341 
U   "HO3'" H N N 342 
U   "H2'"  H N N 343 
U   "HO2'" H N N 344 
U   "H1'"  H N N 345 
U   H3     H N N 346 
U   H5     H N N 347 
U   H6     H N N 348 
# 
loop_
_chem_comp_bond.comp_id 
_chem_comp_bond.atom_id_1 
_chem_comp_bond.atom_id_2 
_chem_comp_bond.value_order 
_chem_comp_bond.pdbx_aromatic_flag 
_chem_comp_bond.pdbx_stereo_config 
_chem_comp_bond.pdbx_ordinal 
A   OP3   P      sing N N 1   
A   OP3   HOP3   sing N N 2   
A   P     OP1    doub N N 3   
A   P     OP2    sing N N 4   
A   P     "O5'"  sing N N 5   
A   OP2   HOP2   sing N N 6   
A   "O5'" "C5'"  sing N N 7   
A   "C5'" "C4'"  sing N N 8   
A   "C5'" "H5'"  sing N N 9   
A   "C5'" "H5''" sing N N 10  
A   "C4'" "O4'"  sing N N 11  
A   "C4'" "C3'"  sing N N 12  
A   "C4'" "H4'"  sing N N 13  
A   "O4'" "C1'"  sing N N 14  
A   "C3'" "O3'"  sing N N 15  
A   "C3'" "C2'"  sing N N 16  
A   "C3'" "H3'"  sing N N 17  
A   "O3'" "HO3'" sing N N 18  
A   "C2'" "O2'"  sing N N 19  
A   "C2'" "C1'"  sing N N 20  
A   "C2'" "H2'"  sing N N 21  
A   "O2'" "HO2'" sing N N 22  
A   "C1'" N9     sing N N 23  
A   "C1'" "H1'"  sing N N 24  
A   N9    C8     sing Y N 25  
A   N9    C4     sing Y N 26  
A   C8    N7     doub Y N 27  
A   C8    H8     sing N N 28  
A   N7    C5     sing Y N 29  
A   C5    C6     sing Y N 30  
A   C5    C4     doub Y N 31  
A   C6    N6     sing N N 32  
A   C6    N1     doub Y N 33  
A   N6    H61    sing N N 34  
A   N6    H62    sing N N 35  
A   N1    C2     sing Y N 36  
A   C2    N3     doub Y N 37  
A   C2    H2     sing N N 38  
A   N3    C4     sing Y N 39  
C   OP3   P      sing N N 40  
C   OP3   HOP3   sing N N 41  
C   P     OP1    doub N N 42  
C   P     OP2    sing N N 43  
C   P     "O5'"  sing N N 44  
C   OP2   HOP2   sing N N 45  
C   "O5'" "C5'"  sing N N 46  
C   "C5'" "C4'"  sing N N 47  
C   "C5'" "H5'"  sing N N 48  
C   "C5'" "H5''" sing N N 49  
C   "C4'" "O4'"  sing N N 50  
C   "C4'" "C3'"  sing N N 51  
C   "C4'" "H4'"  sing N N 52  
C   "O4'" "C1'"  sing N N 53  
C   "C3'" "O3'"  sing N N 54  
C   "C3'" "C2'"  sing N N 55  
C   "C3'" "H3'"  sing N N 56  
C   "O3'" "HO3'" sing N N 57  
C   "C2'" "O2'"  sing N N 58  
C   "C2'" "C1'"  sing N N 59  
C   "C2'" "H2'"  sing N N 60  
C   "O2'" "HO2'" sing N N 61  
C   "C1'" N1     sing N N 62  
C   "C1'" "H1'"  sing N N 63  
C   N1    C2     sing N N 64  
C   N1    C6     sing N N 65  
C   C2    O2     doub N N 66  
C   C2    N3     sing N N 67  
C   N3    C4     doub N N 68  
C   C4    N4     sing N N 69  
C   C4    C5     sing N N 70  
C   N4    H41    sing N N 71  
C   N4    H42    sing N N 72  
C   C5    C6     doub N N 73  
C   C5    H5     sing N N 74  
C   C6    H6     sing N N 75  
G   OP3   P      sing N N 76  
G   OP3   HOP3   sing N N 77  
G   P     OP1    doub N N 78  
G   P     OP2    sing N N 79  
G   P     "O5'"  sing N N 80  
G   OP2   HOP2   sing N N 81  
G   "O5'" "C5'"  sing N N 82  
G   "C5'" "C4'"  sing N N 83  
G   "C5'" "H5'"  sing N N 84  
G   "C5'" "H5''" sing N N 85  
G   "C4'" "O4'"  sing N N 86  
G   "C4'" "C3'"  sing N N 87  
G   "C4'" "H4'"  sing N N 88  
G   "O4'" "C1'"  sing N N 89  
G   "C3'" "O3'"  sing N N 90  
G   "C3'" "C2'"  sing N N 91  
G   "C3'" "H3'"  sing N N 92  
G   "O3'" "HO3'" sing N N 93  
G   "C2'" "O2'"  sing N N 94  
G   "C2'" "C1'"  sing N N 95  
G   "C2'" "H2'"  sing N N 96  
G   "O2'" "HO2'" sing N N 97  
G   "C1'" N9     sing N N 98  
G   "C1'" "H1'"  sing N N 99  
G   N9    C8     sing Y N 100 
G   N9    C4     sing Y N 101 
G   C8    N7     doub Y N 102 
G   C8    H8     sing N N 103 
G   N7    C5     sing Y N 104 
G   C5    C6     sing N N 105 
G   C5    C4     doub Y N 106 
G   C6    O6     doub N N 107 
G   C6    N1     sing N N 108 
G   N1    C2     sing N N 109 
G   N1    H1     sing N N 110 
G   C2    N2     sing N N 111 
G   C2    N3     doub N N 112 
G   N2    H21    sing N N 113 
G   N2    H22    sing N N 114 
G   N3    C4     sing N N 115 
G46 P     O1P    sing N N 116 
G46 P     S2P    sing N N 117 
G46 P     O3P    doub N N 118 
G46 P     "O5'"  sing N N 119 
G46 O1P   H1P    sing N N 120 
G46 S2P   HS     sing N N 121 
G46 "O5'" "C5'"  sing N N 122 
G46 "C5'" "C4'"  sing N N 123 
G46 "C5'" "H5'1" sing N N 124 
G46 "C5'" "H5'2" sing N N 125 
G46 "C4'" "O4'"  sing N N 126 
G46 "C4'" "C3'"  sing N N 127 
G46 "C4'" "H4'"  sing N N 128 
G46 "O4'" "C1'"  sing N N 129 
G46 "C3'" "O3'"  sing N N 130 
G46 "C3'" "C2'"  sing N N 131 
G46 "C3'" "H3'"  sing N N 132 
G46 "O3'" HA     sing N N 133 
G46 "C2'" "C1'"  sing N N 134 
G46 "C2'" "O2'"  sing N N 135 
G46 "C2'" "H2'"  sing N N 136 
G46 "C1'" N9     sing N N 137 
G46 "C1'" "H1'"  sing N N 138 
G46 "O2'" HB     sing N N 139 
G46 N9    C8     sing Y N 140 
G46 N9    C4     sing Y N 141 
G46 C8    N7     doub Y N 142 
G46 C8    H8     sing N N 143 
G46 N7    C5     sing Y N 144 
G46 C5    C6     sing N N 145 
G46 C5    C4     doub Y N 146 
G46 C6    O6     doub N N 147 
G46 C6    N1     sing N N 148 
G46 N1    C2     sing N N 149 
G46 N1    H1     sing N N 150 
G46 C2    N2     sing N N 151 
G46 C2    N3     doub N N 152 
G46 N2    H2N1   sing N N 153 
G46 N2    H2N2   sing N N 154 
G46 N3    C4     sing N N 155 
HOH O     H1     sing N N 156 
HOH O     H2     sing N N 157 
LCC "O5'" "C5'"  sing N N 158 
LCC "O5'" P      sing N N 159 
LCC "C5'" "C4'"  sing N N 160 
LCC "C5'" "H5'1" sing N N 161 
LCC "C5'" "H5'2" sing N N 162 
LCC "C4'" "O4'"  sing N N 163 
LCC "C4'" "C3'"  sing N N 164 
LCC "C4'" "C6'"  sing N N 165 
LCC "O4'" "C1'"  sing N N 166 
LCC "C1'" N1     sing N N 167 
LCC "C1'" "C2'"  sing N N 168 
LCC "C1'" "H1'"  sing N N 169 
LCC N1    C6     sing N N 170 
LCC N1    C2     sing N N 171 
LCC C6    C5     doub N N 172 
LCC C6    H6     sing N N 173 
LCC C5    C5M    sing N N 174 
LCC C5    C4     sing N N 175 
LCC C5M   H5M1   sing N N 176 
LCC C5M   H5M2   sing N N 177 
LCC C5M   H5M3   sing N N 178 
LCC C4    N4     sing N N 179 
LCC C4    N3     doub N N 180 
LCC N4    H41    sing N N 181 
LCC N4    H42    sing N N 182 
LCC N3    C2     sing N N 183 
LCC C2    O2     doub N N 184 
LCC "C3'" "C2'"  sing N N 185 
LCC "C3'" "O3'"  sing N N 186 
LCC "C3'" "H3'"  sing N N 187 
LCC "C2'" "O2'"  sing N N 188 
LCC "C2'" "H2'1" sing N N 189 
LCC "O2'" "C6'"  sing N N 190 
LCC "O3'" H3T    sing N N 191 
LCC "C6'" "H6'1" sing N N 192 
LCC "C6'" "H6'2" sing N N 193 
LCC P     O1P    sing N N 194 
LCC P     O2P    doub N N 195 
LCC P     OXT    sing N N 196 
LCC O1P   H1P    sing N N 197 
LCC OXT   HXT    sing N N 198 
LCG P     OP1    doub N N 199 
LCG P     "O5'"  sing N N 200 
LCG P     OP2    sing N N 201 
LCG P     OP3    sing N N 202 
LCG "O5'" "C5'"  sing N N 203 
LCG "C5'" "C4'"  sing N N 204 
LCG "C5'" "H5'"  sing N N 205 
LCG "C5'" "H5''" sing N N 206 
LCG "C3'" "C2'"  sing N N 207 
LCG "C3'" "C4'"  sing N N 208 
LCG "C3'" "O3'"  sing N N 209 
LCG "C3'" "H3'"  sing N N 210 
LCG "C6'" "C4'"  sing N N 211 
LCG "C6'" "O2'"  sing N N 212 
LCG "C6'" "H6'1" sing N N 213 
LCG "C6'" "H6'2" sing N N 214 
LCG N9    C8     sing Y N 215 
LCG N9    C4     sing Y N 216 
LCG N9    "C1'"  sing N N 217 
LCG C8    N7     doub Y N 218 
LCG C8    H8     sing N N 219 
LCG C4    C5     doub Y N 220 
LCG C4    N3     sing N N 221 
LCG N7    C5     sing Y N 222 
LCG C5    C6     sing N N 223 
LCG C6    O6     doub N N 224 
LCG C6    N1     sing N N 225 
LCG "C2'" "C1'"  sing N N 226 
LCG "C2'" "O2'"  sing N N 227 
LCG "C2'" "H2'"  sing N N 228 
LCG "C4'" "O4'"  sing N N 229 
LCG "C1'" "O4'"  sing N N 230 
LCG "C1'" "H1'"  sing N N 231 
LCG C2    N1     sing N N 232 
LCG C2    N2     sing N N 233 
LCG C2    N3     doub N N 234 
LCG N1    H1     sing N N 235 
LCG OP2   HOP2   sing N N 236 
LCG N2    H21    sing N N 237 
LCG N2    H22    sing N N 238 
LCG "O3'" "HO3'" sing N N 239 
LCG OP3   HOP3   sing N N 240 
LKC N1    C2     sing N N 241 
LKC N1    C6     sing N N 242 
LKC N1    "C1'"  sing N N 243 
LKC C2    N3     sing N N 244 
LKC C2    O2     doub N N 245 
LKC N3    C4     doub N N 246 
LKC C4    C5     sing N N 247 
LKC C4    N4     sing N N 248 
LKC C5    C6     doub N N 249 
LKC C5    C5A    sing N N 250 
LKC C6    H6     sing N N 251 
LKC N4    H41    sing N N 252 
LKC N4    H42    sing N N 253 
LKC "C1'" "C2'"  sing N N 254 
LKC "C1'" "O4'"  sing N N 255 
LKC "C1'" "H1'"  sing N N 256 
LKC "C2'" "C3'"  sing N N 257 
LKC "C2'" "O2'"  sing N N 258 
LKC "C2'" "H2'1" sing N N 259 
LKC "C3'" "C4'"  sing N N 260 
LKC "C3'" "O3'"  sing N N 261 
LKC "C3'" "H3'"  sing N N 262 
LKC "C4'" "O4'"  sing N N 263 
LKC "C4'" "C5'"  sing N N 264 
LKC "C4'" "C6'"  sing N N 265 
LKC "O3'" H3T    sing N N 266 
LKC "C5'" "O5'"  sing N N 267 
LKC "C5'" "H5'1" sing N N 268 
LKC "C5'" "H5'2" sing N N 269 
LKC "O5'" H5T    sing N N 270 
LKC C5A   H5M1   sing N N 271 
LKC C5A   H5M2   sing N N 272 
LKC C5A   H5M3   sing N N 273 
LKC "O2'" "C6'"  sing N N 274 
LKC "C6'" "H6'1" sing N N 275 
LKC "C6'" "H6'2" sing N N 276 
LXI N5    C4     sing N N 277 
LXI N3    C4     sing N N 278 
LXI N3    C3     sing N N 279 
LXI C4    N4     doub N N 280 
LXI N4    C5     sing N N 281 
LXI C3    O1     doub N N 282 
LXI C3    C2     sing N N 283 
LXI C5    C2     doub Y N 284 
LXI C5    N1     sing Y N 285 
LXI C2    N2     sing Y N 286 
LXI N8    C13    sing N N 287 
LXI N2    C1     doub Y N 288 
LXI N1    C6     sing N N 289 
LXI N1    C1     sing Y N 290 
LXI C6    O2     sing N N 291 
LXI C6    C7     sing N N 292 
LXI O2    C9     sing N N 293 
LXI O3    C7     sing N N 294 
LXI N7    C13    doub Y N 295 
LXI N7    C12    sing Y N 296 
LXI C13   N6     sing Y N 297 
LXI C7    C8     sing N N 298 
LXI C9    C8     sing N N 299 
LXI C9    C10    sing N N 300 
LXI O4    C8     sing N N 301 
LXI C12   C11    doub Y N 302 
LXI O5    C10    sing N N 303 
LXI O5    P1     sing N N 304 
LXI N6    C11    sing Y N 305 
LXI N6    P1     sing N N 306 
LXI P1    S1     sing N N 307 
LXI P1    O6     doub N N 308 
LXI C1    H1     sing N N 309 
LXI N3    H2     sing N N 310 
LXI N5    H3     sing N N 311 
LXI N5    H4     sing N N 312 
LXI C6    H5     sing N N 313 
LXI C7    H6     sing N N 314 
LXI O3    H7     sing N N 315 
LXI C8    H8     sing N N 316 
LXI O4    H9     sing N N 317 
LXI C9    H10    sing N N 318 
LXI C10   H11    sing N N 319 
LXI C10   H12    sing N N 320 
LXI S1    H13    sing N N 321 
LXI C11   H14    sing N N 322 
LXI C12   H15    sing N N 323 
LXI N8    H16    sing N N 324 
LXI N8    H17    sing N N 325 
SO4 S     O1     doub N N 326 
SO4 S     O2     doub N N 327 
SO4 S     O3     sing N N 328 
SO4 S     O4     sing N N 329 
U   OP3   P      sing N N 330 
U   OP3   HOP3   sing N N 331 
U   P     OP1    doub N N 332 
U   P     OP2    sing N N 333 
U   P     "O5'"  sing N N 334 
U   OP2   HOP2   sing N N 335 
U   "O5'" "C5'"  sing N N 336 
U   "C5'" "C4'"  sing N N 337 
U   "C5'" "H5'"  sing N N 338 
U   "C5'" "H5''" sing N N 339 
U   "C4'" "O4'"  sing N N 340 
U   "C4'" "C3'"  sing N N 341 
U   "C4'" "H4'"  sing N N 342 
U   "O4'" "C1'"  sing N N 343 
U   "C3'" "O3'"  sing N N 344 
U   "C3'" "C2'"  sing N N 345 
U   "C3'" "H3'"  sing N N 346 
U   "O3'" "HO3'" sing N N 347 
U   "C2'" "O2'"  sing N N 348 
U   "C2'" "C1'"  sing N N 349 
U   "C2'" "H2'"  sing N N 350 
U   "O2'" "HO2'" sing N N 351 
U   "C1'" N1     sing N N 352 
U   "C1'" "H1'"  sing N N 353 
U   N1    C2     sing N N 354 
U   N1    C6     sing N N 355 
U   C2    O2     doub N N 356 
U   C2    N3     sing N N 357 
U   N3    C4     sing N N 358 
U   N3    H3     sing N N 359 
U   C4    O4     doub N N 360 
U   C4    C5     sing N N 361 
U   C5    C6     doub N N 362 
U   C5    H5     sing N N 363 
U   C6    H6     sing N N 364 
# 
_ndb_struct_conf_na.entry_id   7U88 
_ndb_struct_conf_na.feature    'a-form double helix' 
# 
loop_
_ndb_struct_na_base_pair.model_number 
_ndb_struct_na_base_pair.i_label_asym_id 
_ndb_struct_na_base_pair.i_label_comp_id 
_ndb_struct_na_base_pair.i_label_seq_id 
_ndb_struct_na_base_pair.i_symmetry 
_ndb_struct_na_base_pair.j_label_asym_id 
_ndb_struct_na_base_pair.j_label_comp_id 
_ndb_struct_na_base_pair.j_label_seq_id 
_ndb_struct_na_base_pair.j_symmetry 
_ndb_struct_na_base_pair.shear 
_ndb_struct_na_base_pair.stretch 
_ndb_struct_na_base_pair.stagger 
_ndb_struct_na_base_pair.buckle 
_ndb_struct_na_base_pair.propeller 
_ndb_struct_na_base_pair.opening 
_ndb_struct_na_base_pair.pair_number 
_ndb_struct_na_base_pair.pair_name 
_ndb_struct_na_base_pair.i_auth_asym_id 
_ndb_struct_na_base_pair.i_auth_seq_id 
_ndb_struct_na_base_pair.i_PDB_ins_code 
_ndb_struct_na_base_pair.j_auth_asym_id 
_ndb_struct_na_base_pair.j_auth_seq_id 
_ndb_struct_na_base_pair.j_PDB_ins_code 
_ndb_struct_na_base_pair.hbond_type_28 
_ndb_struct_na_base_pair.hbond_type_12 
1 A LCG 4  1_555 B C   13 1_555 -0.279 -0.271 0.052  -0.737 -13.838 -2.487 1  A_LCG4:C13_B A 4  ? B 13 ? 19 1 
1 A A   5  1_555 B U   12 1_555 0.050  -0.002 0.378  6.242  -9.330  -3.498 2  A_A5:U12_B   A 5  ? B 12 ? 20 1 
1 A C   6  1_555 B G   11 1_555 0.278  0.002  0.072  9.643  -14.226 2.986  3  A_C6:G11_B   A 6  ? B 11 ? 19 1 
1 A U   7  1_555 B A   10 1_555 -0.031 -0.212 -0.068 4.942  -14.189 1.150  4  A_U7:A10_B   A 7  ? B 10 ? 20 1 
1 A U   8  1_555 B A   9  1_555 -0.059 -0.037 0.123  1.386  -10.655 3.239  5  A_U8:A9_B    A 8  ? B 9  ? 20 1 
1 A A   9  1_555 B U   8  1_555 -0.101 -0.085 0.127  -2.799 -18.017 2.489  6  A_A9:U8_B    A 9  ? B 8  ? 20 1 
1 A A   10 1_555 B U   7  1_555 0.000  -0.039 0.218  -0.714 -15.569 0.510  7  A_A10:U7_B   A 10 ? B 7  ? 20 1 
1 A G   11 1_555 B C   6  1_555 -0.010 -0.129 0.062  -6.047 -16.734 0.463  8  A_G11:C6_B   A 11 ? B 6  ? 19 1 
1 A U   12 1_555 B A   5  1_555 0.287  -0.136 0.293  -5.321 -11.321 -2.159 9  A_U12:A5_B   A 12 ? B 5  ? 20 1 
1 A C   13 1_555 B LCG 4  1_555 0.442  -0.217 0.306  -2.240 -9.037  -1.254 10 A_C13:LCG4_B A 13 ? B 4  ? 19 1 
# 
loop_
_ndb_struct_na_base_pair_step.model_number 
_ndb_struct_na_base_pair_step.i_label_asym_id_1 
_ndb_struct_na_base_pair_step.i_label_comp_id_1 
_ndb_struct_na_base_pair_step.i_label_seq_id_1 
_ndb_struct_na_base_pair_step.i_symmetry_1 
_ndb_struct_na_base_pair_step.j_label_asym_id_1 
_ndb_struct_na_base_pair_step.j_label_comp_id_1 
_ndb_struct_na_base_pair_step.j_label_seq_id_1 
_ndb_struct_na_base_pair_step.j_symmetry_1 
_ndb_struct_na_base_pair_step.i_label_asym_id_2 
_ndb_struct_na_base_pair_step.i_label_comp_id_2 
_ndb_struct_na_base_pair_step.i_label_seq_id_2 
_ndb_struct_na_base_pair_step.i_symmetry_2 
_ndb_struct_na_base_pair_step.j_label_asym_id_2 
_ndb_struct_na_base_pair_step.j_label_comp_id_2 
_ndb_struct_na_base_pair_step.j_label_seq_id_2 
_ndb_struct_na_base_pair_step.j_symmetry_2 
_ndb_struct_na_base_pair_step.shift 
_ndb_struct_na_base_pair_step.slide 
_ndb_struct_na_base_pair_step.rise 
_ndb_struct_na_base_pair_step.tilt 
_ndb_struct_na_base_pair_step.roll 
_ndb_struct_na_base_pair_step.twist 
_ndb_struct_na_base_pair_step.x_displacement 
_ndb_struct_na_base_pair_step.y_displacement 
_ndb_struct_na_base_pair_step.helical_rise 
_ndb_struct_na_base_pair_step.inclination 
_ndb_struct_na_base_pair_step.tip 
_ndb_struct_na_base_pair_step.helical_twist 
_ndb_struct_na_base_pair_step.step_number 
_ndb_struct_na_base_pair_step.step_name 
_ndb_struct_na_base_pair_step.i_auth_asym_id_1 
_ndb_struct_na_base_pair_step.i_auth_seq_id_1 
_ndb_struct_na_base_pair_step.i_PDB_ins_code_1 
_ndb_struct_na_base_pair_step.j_auth_asym_id_1 
_ndb_struct_na_base_pair_step.j_auth_seq_id_1 
_ndb_struct_na_base_pair_step.j_PDB_ins_code_1 
_ndb_struct_na_base_pair_step.i_auth_asym_id_2 
_ndb_struct_na_base_pair_step.i_auth_seq_id_2 
_ndb_struct_na_base_pair_step.i_PDB_ins_code_2 
_ndb_struct_na_base_pair_step.j_auth_asym_id_2 
_ndb_struct_na_base_pair_step.j_auth_seq_id_2 
_ndb_struct_na_base_pair_step.j_PDB_ins_code_2 
1 A LCG 4  1_555 B C 13 1_555 A A 5  1_555 B U   12 1_555 -0.078 -1.353 3.041 -2.102 4.477  32.456 -3.088 -0.188 2.834 7.952  
3.734  32.820 1 AA_LCG4A5:U12C13_BB A 4  ? B 13 ? A 5  ? B 12 ? 
1 A A   5  1_555 B U 12 1_555 A C 6  1_555 B G   11 1_555 0.503  -1.446 3.202 2.661  2.527  33.743 -2.870 -0.448 3.118 4.337  
-4.567 33.936 2 AA_A5C6:G11U12_BB   A 5  ? B 12 ? A 6  ? B 11 ? 
1 A C   6  1_555 B G 11 1_555 A U 7  1_555 B A   10 1_555 -0.264 -1.659 3.274 -2.191 9.581  29.769 -4.751 0.106  2.638 18.041 
4.125  31.314 3 AA_C6U7:A10G11_BB   A 6  ? B 11 ? A 7  ? B 10 ? 
1 A U   7  1_555 B A 10 1_555 A U 8  1_555 B A   9  1_555 -0.146 -1.392 3.358 -3.170 12.353 30.837 -4.388 -0.249 2.625 22.084 
5.668  33.311 4 AA_U7U8:A9A10_BB    A 7  ? B 10 ? A 8  ? B 9  ? 
1 A U   8  1_555 B A 9  1_555 A A 9  1_555 B U   8  1_555 0.236  -1.570 3.176 1.543  16.521 31.426 -4.672 -0.193 2.123 28.177 
-2.632 35.440 5 AA_U8A9:U8A9_BB     A 8  ? B 9  ? A 9  ? B 8  ? 
1 A A   9  1_555 B U 8  1_555 A A 10 1_555 B U   7  1_555 -0.417 -1.267 3.209 -0.193 4.326  32.876 -2.916 0.699  3.025 7.603  
0.340  33.152 6 AA_A9A10:U7U8_BB    A 9  ? B 8  ? A 10 ? B 7  ? 
1 A A   10 1_555 B U 7  1_555 A G 11 1_555 B C   6  1_555 0.093  -1.359 3.309 1.146  8.271  32.798 -3.623 0.019  2.892 14.360 
-1.990 33.816 7 AA_A10G11:C6U7_BB   A 10 ? B 7  ? A 11 ? B 6  ? 
1 A G   11 1_555 B C 6  1_555 A U 12 1_555 B A   5  1_555 -0.219 -1.343 3.259 -1.359 5.140  33.313 -3.122 0.165  3.030 8.896  
2.352  33.723 8 AA_G11U12:A5C6_BB   A 11 ? B 6  ? A 12 ? B 5  ? 
1 A U   12 1_555 B A 5  1_555 A C 13 1_555 B LCG 4  1_555 0.225  -1.571 3.129 0.047  5.119  31.547 -3.708 -0.400 2.846 9.338  
-0.085 31.949 9 AA_U12C13:LCG4A5_BB A 12 ? B 5  ? A 13 ? B 4  ? 
# 
loop_
_pdbx_audit_support.funding_organization 
_pdbx_audit_support.country 
_pdbx_audit_support.grant_number 
_pdbx_audit_support.ordinal 
'National Science Foundation (NSF, United States)' 'United States' 'CHE 1607034' 1 
'National Science Foundation (NSF, United States)' 'United States' 'CHE 2104708' 2 
# 
_pdbx_entity_instance_feature.ordinal        1 
_pdbx_entity_instance_feature.comp_id        G46 
_pdbx_entity_instance_feature.asym_id        ? 
_pdbx_entity_instance_feature.seq_num        ? 
_pdbx_entity_instance_feature.auth_comp_id   G46 
_pdbx_entity_instance_feature.auth_asym_id   ? 
_pdbx_entity_instance_feature.auth_seq_num   ? 
_pdbx_entity_instance_feature.feature_type   'SUBJECT OF INVESTIGATION' 
_pdbx_entity_instance_feature.details        ? 
# 
_pdbx_initial_refinement_model.id               1 
_pdbx_initial_refinement_model.entity_id_list   ? 
_pdbx_initial_refinement_model.type             'experimental model' 
_pdbx_initial_refinement_model.source_name      PDB 
_pdbx_initial_refinement_model.accession_code   6C8O 
_pdbx_initial_refinement_model.details          ? 
# 
_atom_sites.entry_id                    7U88 
_atom_sites.Cartn_transf_matrix[1][1]   ? 
_atom_sites.Cartn_transf_matrix[1][2]   ? 
_atom_sites.Cartn_transf_matrix[1][3]   ? 
_atom_sites.Cartn_transf_matrix[2][1]   ? 
_atom_sites.Cartn_transf_matrix[2][2]   ? 
_atom_sites.Cartn_transf_matrix[2][3]   ? 
_atom_sites.Cartn_transf_matrix[3][1]   ? 
_atom_sites.Cartn_transf_matrix[3][2]   ? 
_atom_sites.Cartn_transf_matrix[3][3]   ? 
_atom_sites.Cartn_transf_vector[1]      ? 
_atom_sites.Cartn_transf_vector[2]      ? 
_atom_sites.Cartn_transf_vector[3]      ? 
_atom_sites.fract_transf_matrix[1][1]   -0.00588706 
_atom_sites.fract_transf_matrix[1][2]   0.01204381 
_atom_sites.fract_transf_matrix[1][3]   0.02346924 
_atom_sites.fract_transf_matrix[2][1]   -0.02104959 
_atom_sites.fract_transf_matrix[2][2]   0.01687584 
_atom_sites.fract_transf_matrix[2][3]   0.00162284 
_atom_sites.fract_transf_matrix[3][1]   -0.00693468 
_atom_sites.fract_transf_matrix[3][2]   -0.00892282 
_atom_sites.fract_transf_matrix[3][3]   0.00283946 
_atom_sites.fract_transf_vector[1]      0.368937 
_atom_sites.fract_transf_vector[2]      0.148816 
_atom_sites.fract_transf_vector[3]      0.252441 
_atom_sites.solution_primary            ? 
_atom_sites.solution_secondary          ? 
_atom_sites.solution_hydrogens          ? 
_atom_sites.special_details             ? 
# 
loop_
_atom_type.symbol 
_atom_type.pdbx_scat_Z 
_atom_type.pdbx_N_electrons 
_atom_type.scat_Cromer_Mann_a1 
_atom_type.scat_Cromer_Mann_b1 
_atom_type.scat_Cromer_Mann_a2 
_atom_type.scat_Cromer_Mann_b2 
_atom_type.scat_Cromer_Mann_a3 
_atom_type.scat_Cromer_Mann_b3 
_atom_type.scat_Cromer_Mann_a4 
_atom_type.scat_Cromer_Mann_b4 
_atom_type.scat_Cromer_Mann_c 
C 6  6  2.310  20.844 1.020 10.208 1.589 0.569  0.865 51.651 0.216   
H 1  1  0.493  10.511 0.323 26.126 0.140 3.142  0.041 57.800 0.003   
N 7  7  12.222 0.006  3.135 9.893  2.014 28.997 1.167 0.583  -11.538 
O 8  8  3.049  13.277 2.287 5.701  1.546 0.324  0.867 32.909 0.251   
P 15 15 6.435  1.907  4.179 27.157 1.780 0.526  1.491 68.164 1.115   
S 16 16 6.905  1.468  5.203 22.215 1.438 0.254  1.586 56.172 0.867   
# 
loop_
_atom_site.group_PDB 
_atom_site.id 
_atom_site.type_symbol 
_atom_site.label_atom_id 
_atom_site.label_alt_id 
_atom_site.label_comp_id 
_atom_site.label_asym_id 
_atom_site.label_entity_id 
_atom_site.label_seq_id 
_atom_site.pdbx_PDB_ins_code 
_atom_site.Cartn_x 
_atom_site.Cartn_y 
_atom_site.Cartn_z 
_atom_site.occupancy 
_atom_site.B_iso_or_equiv 
_atom_site.pdbx_formal_charge 
_atom_site.auth_seq_id 
_atom_site.auth_comp_id 
_atom_site.auth_asym_id 
_atom_site.auth_atom_id 
_atom_site.pdbx_PDB_model_num 
_atom_site.calc_flag 
HETATM 1   N N1    . LKC A 1 1  ? 18.518  11.197  -0.038  1.000 27.018  0 1   LKC A N1    1 ? 
HETATM 2   C C2    . LKC A 1 1  ? 17.903  12.178  0.664   1.000 27.554  0 1   LKC A C2    1 ? 
HETATM 3   N N3    . LKC A 1 1  ? 16.948  12.963  0.106   1.000 26.829  0 1   LKC A N3    1 ? 
HETATM 4   C C4    . LKC A 1 1  ? 16.620  12.767  -1.195  1.000 27.861  0 1   LKC A C4    1 ? 
HETATM 5   C C5    . LKC A 1 1  ? 17.233  11.758  -1.978  1.000 27.281  0 1   LKC A C5    1 ? 
HETATM 6   C C6    . LKC A 1 1  ? 18.204  10.973  -1.388  1.000 26.533  0 1   LKC A C6    1 ? 
HETATM 7   O O2    . LKC A 1 1  ? 18.227  12.338  1.842   1.000 27.455  0 1   LKC A O2    1 ? 
HETATM 8   N N4    . LKC A 1 1  ? 15.704  13.521  -1.783  1.000 27.570  0 1   LKC A N4    1 ? 
HETATM 9   C "C1'" . LKC A 1 1  ? 19.601  10.405  0.591   1.000 29.636  0 1   LKC A "C1'" 1 ? 
HETATM 10  C "C2'" . LKC A 1 1  ? 19.285  9.271   1.561   1.000 31.272  0 1   LKC A "C2'" 1 ? 
HETATM 11  C "C3'" . LKC A 1 1  ? 19.237  8.093   0.645   1.000 32.169  0 1   LKC A "C3'" 1 ? 
HETATM 12  C "C4'" . LKC A 1 1  ? 20.574  8.423   0.049   1.000 32.386  0 1   LKC A "C4'" 1 ? 
HETATM 13  O "O4'" . LKC A 1 1  ? 20.253  9.726   -0.509  1.000 30.645  0 1   LKC A "O4'" 1 ? 
HETATM 14  O "O3'" . LKC A 1 1  ? 19.197  6.806   1.386   1.000 33.407  0 1   LKC A "O3'" 1 ? 
HETATM 15  C "C5'" . LKC A 1 1  ? 21.038  7.411   -0.996  1.000 31.831  0 1   LKC A "C5'" 1 ? 
HETATM 16  O "O5'" . LKC A 1 1  ? 20.270  7.804   -2.172  1.000 31.571  0 1   LKC A "O5'" 1 ? 
HETATM 17  C C5A   . LKC A 1 1  ? 16.932  11.515  -3.316  1.000 26.903  0 1   LKC A C5A   1 ? 
HETATM 18  O "O2'" . LKC A 1 1  ? 20.503  9.037   2.302   1.000 33.085  0 1   LKC A "O2'" 1 ? 
HETATM 19  C "C6'" . LKC A 1 1  ? 21.523  8.597   1.251   1.000 32.701  0 1   LKC A "C6'" 1 ? 
HETATM 20  O "O5'" . LCC A 1 2  ? 16.916  7.076   2.685   1.000 28.840  0 2   LCC A "O5'" 1 ? 
HETATM 21  C "C5'" . LCC A 1 2  ? 17.263  7.178   4.075   1.000 26.408  0 2   LCC A "C5'" 1 ? 
HETATM 22  C "C4'" . LCC A 1 2  ? 16.497  8.445   4.408   1.000 25.533  0 2   LCC A "C4'" 1 ? 
HETATM 23  O "O4'" . LCC A 1 2  ? 16.816  9.584   3.550   1.000 25.021  0 2   LCC A "O4'" 1 ? 
HETATM 24  C "C1'" . LCC A 1 2  ? 15.670  10.468  3.700   1.000 23.569  0 2   LCC A "C1'" 1 ? 
HETATM 25  N N1    . LCC A 1 2  ? 15.035  10.715  2.386   1.000 22.344  0 2   LCC A N1    1 ? 
HETATM 26  C C6    . LCC A 1 2  ? 15.376  9.896   1.273   1.000 21.782  0 2   LCC A C6    1 ? 
HETATM 27  C C5    . LCC A 1 2  ? 14.769  10.141  0.050   1.000 21.241  0 2   LCC A C5    1 ? 
HETATM 28  C C5M   . LCC A 1 2  ? 15.074  9.326   -1.033  1.000 21.679  0 2   LCC A C5M   1 ? 
HETATM 29  C C4    . LCC A 1 2  ? 13.865  11.200  -0.030  1.000 21.214  0 2   LCC A C4    1 ? 
HETATM 30  N N4    . LCC A 1 2  ? 13.297  11.438  -1.207  1.000 21.306  0 2   LCC A N4    1 ? 
HETATM 31  N N3    . LCC A 1 2  ? 13.569  11.961  1.045   1.000 21.304  0 2   LCC A N3    1 ? 
HETATM 32  C C2    . LCC A 1 2  ? 14.134  11.728  2.253   1.000 22.051  0 2   LCC A C2    1 ? 
HETATM 33  O O2    . LCC A 1 2  ? 13.828  12.448  3.226   1.000 21.884  0 2   LCC A O2    1 ? 
HETATM 34  C "C3'" . LCC A 1 2  ? 15.031  8.308   4.129   1.000 24.393  0 2   LCC A "C3'" 1 ? 
HETATM 35  C "C2'" . LCC A 1 2  ? 14.771  9.690   4.651   1.000 23.834  0 2   LCC A "C2'" 1 ? 
HETATM 36  O "O2'" . LCC A 1 2  ? 15.376  9.726   5.980   1.000 24.771  0 2   LCC A "O2'" 1 ? 
HETATM 37  O "O3'" . LCC A 1 2  ? 14.411  7.203   4.889   1.000 22.328  0 2   LCC A "O3'" 1 ? 
HETATM 38  C "C6'" . LCC A 1 2  ? 16.578  8.844   5.921   1.000 25.020  0 2   LCC A "C6'" 1 ? 
HETATM 39  P P     . LCC A 1 2  ? 17.763  6.082   1.709   1.000 32.352  0 2   LCC A P     1 ? 
HETATM 40  O O1P   . LCC A 1 2  ? 18.174  4.905   2.518   1.000 29.891  0 2   LCC A O1P   1 ? 
HETATM 41  O O2P   . LCC A 1 2  ? 17.028  5.961   0.414   1.000 27.952  0 2   LCC A O2P   1 ? 
HETATM 42  O "O5'" . LCC A 1 3  ? 11.867  7.869   4.942   1.000 19.790  0 3   LCC A "O5'" 1 ? 
HETATM 43  C "C5'" . LCC A 1 3  ? 11.684  8.311   6.290   1.000 17.576  0 3   LCC A "C5'" 1 ? 
HETATM 44  C "C4'" . LCC A 1 3  ? 10.839  9.547   6.090   1.000 16.205  0 3   LCC A "C4'" 1 ? 
HETATM 45  O "O4'" . LCC A 1 3  ? 11.396  10.456  5.178   1.000 15.474  0 3   LCC A "O4'" 1 ? 
HETATM 46  C "C1'" . LCC A 1 3  ? 10.187  11.206  4.670   1.000 14.648  0 3   LCC A "C1'" 1 ? 
HETATM 47  N N1    . LCC A 1 3  ? 10.051  10.963  3.210   1.000 14.012  0 3   LCC A N1    1 ? 
HETATM 48  C C6    . LCC A 1 3  ? 10.828  9.967   2.595   1.000 13.006  0 3   LCC A C6    1 ? 
HETATM 49  C C5    . LCC A 1 3  ? 10.754  9.808   1.232   1.000 13.337  0 3   LCC A C5    1 ? 
HETATM 50  C C5M   . LCC A 1 3  ? 11.501  8.783   0.640   1.000 13.107  0 3   LCC A C5M   1 ? 
HETATM 51  C C4    . LCC A 1 3  ? 9.887   10.649  0.513   1.000 13.967  0 3   LCC A C4    1 ? 
HETATM 52  N N4    . LCC A 1 3  ? 9.775   10.479  -0.804  1.000 14.843  0 3   LCC A N4    1 ? 
HETATM 53  N N3    . LCC A 1 3  ? 9.142   11.580  1.112   1.000 13.907  0 3   LCC A N3    1 ? 
HETATM 54  C C2    . LCC A 1 3  ? 9.245   11.741  2.447   1.000 14.025  0 3   LCC A C2    1 ? 
HETATM 55  O O2    . LCC A 1 3  ? 8.566   12.620  2.952   1.000 13.577  0 3   LCC A O2    1 ? 
HETATM 56  C "C3'" . LCC A 1 3  ? 9.510   9.229   5.504   1.000 15.454  0 3   LCC A "C3'" 1 ? 
HETATM 57  C "C2'" . LCC A 1 3  ? 9.078   10.665  5.507   1.000 15.137  0 3   LCC A "C2'" 1 ? 
HETATM 58  O "O2'" . LCC A 1 3  ? 9.255   11.088  6.877   1.000 14.579  0 3   LCC A "O2'" 1 ? 
HETATM 59  O "O3'" . LCC A 1 3  ? 8.739   8.439   6.399   1.000 15.725  0 3   LCC A "O3'" 1 ? 
HETATM 60  C "C6'" . LCC A 1 3  ? 10.472  10.320  7.393   1.000 15.710  0 3   LCC A "C6'" 1 ? 
HETATM 61  P P     . LCC A 1 3  ? 12.927  6.665   4.545   1.000 22.040  0 3   LCC A P     1 ? 
HETATM 62  O O1P   . LCC A 1 3  ? 12.962  5.744   5.711   1.000 20.413  0 3   LCC A O1P   1 ? 
HETATM 63  O O2P   . LCC A 1 3  ? 12.608  6.200   3.165   1.000 20.815  0 3   LCC A O2P   1 ? 
HETATM 64  P P     . LCG A 1 4  ? 7.599   7.320   6.174   1.000 17.304  0 4   LCG A P     1 ? 
HETATM 65  O OP1   . LCG A 1 4  ? 7.277   6.734   7.504   1.000 16.815  0 4   LCG A OP1   1 ? 
HETATM 66  O "O5'" . LCG A 1 4  ? 6.508   8.450   5.788   1.000 15.747  0 4   LCG A "O5'" 1 ? 
HETATM 67  C "C5'" . LCG A 1 4  ? 5.691   9.150   6.699   1.000 15.295  0 4   LCG A "C5'" 1 ? 
HETATM 68  C "C3'" . LCG A 1 4  ? 3.939   9.246   4.931   1.000 15.268  0 4   LCG A "C3'" 1 ? 
HETATM 69  C "C6'" . LCG A 1 4  ? 3.863   10.963  6.568   1.000 15.132  0 4   LCG A "C6'" 1 ? 
HETATM 70  N N9    . LCG A 1 4  ? 5.275   10.663  2.515   1.000 14.361  0 4   LCG A N9    1 ? 
HETATM 71  C C8    . LCG A 1 4  ? 6.253   9.757   2.347   1.000 14.003  0 4   LCG A C8    1 ? 
HETATM 72  C C4    . LCG A 1 4  ? 4.874   11.063  1.300   1.000 14.007  0 4   LCG A C4    1 ? 
HETATM 73  N N7    . LCG A 1 4  ? 6.456   9.604   1.029   1.000 13.551  0 4   LCG A N7    1 ? 
HETATM 74  C C5    . LCG A 1 4  ? 5.607   10.406  0.375   1.000 13.670  0 4   LCG A C5    1 ? 
HETATM 75  C C6    . LCG A 1 4  ? 5.417   10.644  -0.936  1.000 13.368  0 4   LCG A C6    1 ? 
HETATM 76  C "C2'" . LCG A 1 4  ? 3.418   10.486  4.295   1.000 15.078  0 4   LCG A "C2'" 1 ? 
HETATM 77  O O6    . LCG A 1 4  ? 6.073   10.101  -1.821  1.000 12.401  0 4   LCG A O6    1 ? 
HETATM 78  C "C4'" . LCG A 1 4  ? 4.816   10.026  5.822   1.000 15.290  0 4   LCG A "C4'" 1 ? 
HETATM 79  C "C1'" . LCG A 1 4  ? 4.712   11.148  3.836   1.000 14.629  0 4   LCG A "C1'" 1 ? 
HETATM 80  C C2    . LCG A 1 4  ? 3.685   12.206  -0.367  1.000 14.124  0 4   LCG A C2    1 ? 
HETATM 81  N N1    . LCG A 1 4  ? 4.444   11.549  -1.333  1.000 13.605  0 4   LCG A N1    1 ? 
HETATM 82  O "O4'" . LCG A 1 4  ? 5.648   10.778  4.912   1.000 14.702  0 4   LCG A "O4'" 1 ? 
HETATM 83  O OP2   . LCG A 1 4  ? 7.756   6.469   4.961   1.000 18.321  0 4   LCG A OP2   1 ? 
HETATM 84  N N2    . LCG A 1 4  ? 2.736   13.081  -0.766  1.000 14.294  0 4   LCG A N2    1 ? 
HETATM 85  N N3    . LCG A 1 4  ? 3.909   11.925  0.937   1.000 14.151  0 4   LCG A N3    1 ? 
HETATM 86  O "O2'" . LCG A 1 4  ? 2.935   11.235  5.421   1.000 15.111  0 4   LCG A "O2'" 1 ? 
HETATM 87  O "O3'" . LCG A 1 4  ? 3.007   8.538   5.758   1.000 16.373  0 4   LCG A "O3'" 1 ? 
ATOM   88  P P     . A   A 1 5  ? 2.283   7.328   4.988   1.000 18.120  0 5   A   A P     1 ? 
ATOM   89  O OP1   . A   A 1 5  ? 1.715   6.691   6.232   1.000 18.672  0 5   A   A OP1   1 ? 
ATOM   90  O OP2   . A   A 1 5  ? 3.064   6.388   4.117   1.000 17.472  0 5   A   A OP2   1 ? 
ATOM   91  O "O5'" . A   A 1 5  ? 1.028   7.841   4.109   1.000 17.263  0 5   A   A "O5'" 1 ? 
ATOM   92  C "C5'" . A   A 1 5  ? 0.123   8.822   4.633   1.000 16.420  0 5   A   A "C5'" 1 ? 
ATOM   93  C "C4'" . A   A 1 5  ? -0.598  9.438   3.460   1.000 16.704  0 5   A   A "C4'" 1 ? 
ATOM   94  O "O4'" . A   A 1 5  ? 0.346   10.230  2.682   1.000 16.140  0 5   A   A "O4'" 1 ? 
ATOM   95  C "C3'" . A   A 1 5  ? -1.185  8.439   2.454   1.000 16.856  0 5   A   A "C3'" 1 ? 
ATOM   96  O "O3'" . A   A 1 5  ? -2.458  7.944   2.860   1.000 16.750  0 5   A   A "O3'" 1 ? 
ATOM   97  C "C2'" . A   A 1 5  ? -1.248  9.324   1.211   1.000 16.956  0 5   A   A "C2'" 1 ? 
ATOM   98  O "O2'" . A   A 1 5  ? -2.324  10.228  1.241   1.000 16.779  0 5   A   A "O2'" 1 ? 
ATOM   99  C "C1'" . A   A 1 5  ? 0.076   10.079  1.310   1.000 16.084  0 5   A   A "C1'" 1 ? 
ATOM   100 N N9    . A   A 1 5  ? 1.181   9.387   0.659   1.000 15.959  0 5   A   A N9    1 ? 
ATOM   101 C C8    . A   A 1 5  ? 2.150   8.575   1.211   1.000 16.441  0 5   A   A C8    1 ? 
ATOM   102 N N7    . A   A 1 5  ? 3.013   8.119   0.327   1.000 16.002  0 5   A   A N7    1 ? 
ATOM   103 C C5    . A   A 1 5  ? 2.559   8.621   -0.888  1.000 15.805  0 5   A   A C5    1 ? 
ATOM   104 C C6    . A   A 1 5  ? 3.017   8.490   -2.217  1.000 15.479  0 5   A   A C6    1 ? 
ATOM   105 N N6    . A   A 1 5  ? 4.083   7.785   -2.572  1.000 15.056  0 5   A   A N6    1 ? 
ATOM   106 N N1    . A   A 1 5  ? 2.325   9.130   -3.191  1.000 15.914  0 5   A   A N1    1 ? 
ATOM   107 C C2    . A   A 1 5  ? 1.250   9.847   -2.848  1.000 16.416  0 5   A   A C2    1 ? 
ATOM   108 N N3    . A   A 1 5  ? 0.732   10.047  -1.639  1.000 16.607  0 5   A   A N3    1 ? 
ATOM   109 C C4    . A   A 1 5  ? 1.434   9.404   -0.692  1.000 15.938  0 5   A   A C4    1 ? 
ATOM   110 P P     . C   A 1 6  ? -2.882  6.489   2.306   1.000 15.880  0 6   C   A P     1 ? 
ATOM   111 O OP1   . C   A 1 6  ? -4.047  5.969   3.063   1.000 18.098  0 6   C   A OP1   1 ? 
ATOM   112 O OP2   . C   A 1 6  ? -1.709  5.506   2.203   1.000 17.828  0 6   C   A OP2   1 ? 
ATOM   113 O "O5'" . C   A 1 6  ? -3.368  6.707   0.772   1.000 15.360  0 6   C   A "O5'" 1 ? 
ATOM   114 C "C5'" . C   A 1 6  ? -4.300  7.738   0.432   1.000 15.125  0 6   C   A "C5'" 1 ? 
ATOM   115 C "C4'" . C   A 1 6  ? -4.237  7.944   -1.063  1.000 15.656  0 6   C   A "C4'" 1 ? 
ATOM   116 O "O4'" . C   A 1 6  ? -2.967  8.535   -1.452  1.000 14.457  0 6   C   A "O4'" 1 ? 
ATOM   117 C "C3'" . C   A 1 6  ? -4.320  6.673   -1.917  1.000 16.061  0 6   C   A "C3'" 1 ? 
ATOM   118 O "O3'" . C   A 1 6  ? -5.676  6.357   -2.149  1.000 17.456  0 6   C   A "O3'" 1 ? 
ATOM   119 C "C2'" . C   A 1 6  ? -3.715  7.164   -3.225  1.000 15.597  0 6   C   A "C2'" 1 ? 
ATOM   120 O "O2'" . C   A 1 6  ? -4.618  8.000   -3.908  1.000 16.446  0 6   C   A "O2'" 1 ? 
ATOM   121 C "C1'" . C   A 1 6  ? -2.550  7.995   -2.694  1.000 15.144  0 6   C   A "C1'" 1 ? 
ATOM   122 N N1    . C   A 1 6  ? -1.312  7.184   -2.504  1.000 14.709  0 6   C   A N1    1 ? 
ATOM   123 C C2    . C   A 1 6  ? -0.472  6.981   -3.605  1.000 14.726  0 6   C   A C2    1 ? 
ATOM   124 O O2    . C   A 1 6  ? -0.797  7.461   -4.705  1.000 14.697  0 6   C   A O2    1 ? 
ATOM   125 N N3    . C   A 1 6  ? 0.670   6.269   -3.440  1.000 13.920  0 6   C   A N3    1 ? 
ATOM   126 C C4    . C   A 1 6  ? 0.996   5.782   -2.240  1.000 13.987  0 6   C   A C4    1 ? 
ATOM   127 N N4    . C   A 1 6  ? 2.124   5.096   -2.133  1.000 14.047  0 6   C   A N4    1 ? 
ATOM   128 C C5    . C   A 1 6  ? 0.147   5.961   -1.116  1.000 14.484  0 6   C   A C5    1 ? 
ATOM   129 C C6    . C   A 1 6  ? -0.979  6.665   -1.287  1.000 14.455  0 6   C   A C6    1 ? 
ATOM   130 P P     . U   A 1 7  ? -6.004  4.822   -2.481  1.000 20.213  0 7   U   A P     1 ? 
ATOM   131 O OP1   . U   A 1 7  ? -7.506  4.684   -2.420  1.000 20.093  0 7   U   A OP1   1 ? 
ATOM   132 O OP2   . U   A 1 7  ? -5.210  3.794   -1.690  1.000 18.154  0 7   U   A OP2   1 ? 
ATOM   133 O "O5'" . U   A 1 7  ? -5.503  4.639   -4.013  1.000 19.360  0 7   U   A "O5'" 1 ? 
ATOM   134 C "C5'" . U   A 1 7  ? -6.091  5.420   -5.063  1.000 19.528  0 7   U   A "C5'" 1 ? 
ATOM   135 C "C4'" . U   A 1 7  ? -5.309  5.137   -6.317  1.000 19.750  0 7   U   A "C4'" 1 ? 
ATOM   136 O "O4'" . U   A 1 7  ? -3.932  5.566   -6.174  1.000 19.289  0 7   U   A "O4'" 1 ? 
ATOM   137 C "C3'" . U   A 1 7  ? -5.183  3.651   -6.666  1.000 20.723  0 7   U   A "C3'" 1 ? 
ATOM   138 O "O3'" . U   A 1 7  ? -6.392  3.273   -7.291  1.000 21.821  0 7   U   A "O3'" 1 ? 
ATOM   139 C "C2'" . U   A 1 7  ? -3.980  3.663   -7.609  1.000 20.824  0 7   U   A "C2'" 1 ? 
ATOM   140 O "O2'" . U   A 1 7  ? -4.347  4.116   -8.899  1.000 21.374  0 7   U   A "O2'" 1 ? 
ATOM   141 C "C1'" . U   A 1 7  ? -3.089  4.693   -6.909  1.000 19.791  0 7   U   A "C1'" 1 ? 
ATOM   142 N N1    . U   A 1 7  ? -2.085  4.112   -5.989  1.000 18.684  0 7   U   A N1    1 ? 
ATOM   143 C C2    . U   A 1 7  ? -0.916  3.609   -6.551  1.000 18.989  0 7   U   A C2    1 ? 
ATOM   144 O O2    . U   A 1 7  ? -0.718  3.557   -7.755  1.000 21.058  0 7   U   A O2    1 ? 
ATOM   145 N N3    . U   A 1 7  ? 0.014   3.144   -5.655  1.000 16.951  0 7   U   A N3    1 ? 
ATOM   146 C C4    . U   A 1 7  ? -0.096  3.117   -4.283  1.000 15.869  0 7   U   A C4    1 ? 
ATOM   147 O O4    . U   A 1 7  ? 0.828   2.653   -3.624  1.000 14.962  0 7   U   A O4    1 ? 
ATOM   148 C C5    . U   A 1 7  ? -1.325  3.647   -3.771  1.000 16.773  0 7   U   A C5    1 ? 
ATOM   149 C C6    . U   A 1 7  ? -2.250  4.134   -4.623  1.000 17.746  0 7   U   A C6    1 ? 
ATOM   150 P P     . U   A 1 8  ? -6.867  1.787   -6.950  1.000 23.102  0 8   U   A P     1 ? 
ATOM   151 O OP1   . U   A 1 8  ? -8.225  1.574   -7.616  1.000 25.139  0 8   U   A OP1   1 ? 
ATOM   152 O OP2   . U   A 1 8  ? -6.753  1.464   -5.478  1.000 24.063  0 8   U   A OP2   1 ? 
ATOM   153 O "O5'" . U   A 1 8  ? -5.797  0.872   -7.731  1.000 21.274  0 8   U   A "O5'" 1 ? 
ATOM   154 C "C5'" . U   A 1 8  ? -5.891  0.851   -9.167  1.000 19.049  0 8   U   A "C5'" 1 ? 
ATOM   155 C "C4'" . U   A 1 8  ? -4.772  0.014   -9.716  1.000 17.733  0 8   U   A "C4'" 1 ? 
ATOM   156 O "O4'" . U   A 1 8  ? -3.512  0.680   -9.460  1.000 17.545  0 8   U   A "O4'" 1 ? 
ATOM   157 C "C3'" . U   A 1 8  ? -4.577  -1.381  -9.110  1.000 17.118  0 8   U   A "C3'" 1 ? 
ATOM   158 O "O3'" . U   A 1 8  ? -5.492  -2.321  -9.656  1.000 16.072  0 8   U   A "O3'" 1 ? 
ATOM   159 C "C2'" . U   A 1 8  ? -3.160  -1.643  -9.606  1.000 17.280  0 8   U   A "C2'" 1 ? 
ATOM   160 O "O2'" . U   A 1 8  ? -3.145  -1.816  -11.007 1.000 18.022  0 8   U   A "O2'" 1 ? 
ATOM   161 C "C1'" . U   A 1 8  ? -2.514  -0.294  -9.289  1.000 17.336  0 8   U   A "C1'" 1 ? 
ATOM   162 N N1    . U   A 1 8  ? -1.989  -0.211  -7.912  1.000 16.460  0 8   U   A N1    1 ? 
ATOM   163 C C2    . U   A 1 8  ? -0.749  -0.774  -7.733  1.000 16.070  0 8   U   A C2    1 ? 
ATOM   164 O O2    . U   A 1 8  ? -0.159  -1.339  -8.641  1.000 16.200  0 8   U   A O2    1 ? 
ATOM   165 N N3    . U   A 1 8  ? -0.258  -0.694  -6.464  1.000 16.409  0 8   U   A N3    1 ? 
ATOM   166 C C4    . U   A 1 8  ? -0.877  -0.137  -5.363  1.000 17.658  0 8   U   A C4    1 ? 
ATOM   167 O O4    . U   A 1 8  ? -0.303  -0.177  -4.268  1.000 17.866  0 8   U   A O4    1 ? 
ATOM   168 C C5    . U   A 1 8  ? -2.174  0.423   -5.629  1.000 16.668  0 8   U   A C5    1 ? 
ATOM   169 C C6    . U   A 1 8  ? -2.675  0.365   -6.871  1.000 16.118  0 8   U   A C6    1 ? 
ATOM   170 P P     . A   A 1 9  ? -5.990  -3.534  -8.733  1.000 15.019  0 9   A   A P     1 ? 
ATOM   171 O OP1   . A   A 1 9  ? -7.026  -4.301  -9.476  1.000 15.829  0 9   A   A OP1   1 ? 
ATOM   172 O OP2   . A   A 1 9  ? -6.360  -3.074  -7.343  1.000 16.109  0 9   A   A OP2   1 ? 
ATOM   173 O "O5'" . A   A 1 9  ? -4.740  -4.531  -8.583  1.000 14.664  0 9   A   A "O5'" 1 ? 
ATOM   174 C "C5'" . A   A 1 9  ? -4.329  -5.183  -9.792  1.000 14.198  0 9   A   A "C5'" 1 ? 
ATOM   175 C "C4'" . A   A 1 9  ? -2.979  -5.804  -9.578  1.000 14.128  0 9   A   A "C4'" 1 ? 
ATOM   176 O "O4'" . A   A 1 9  ? -2.027  -4.781  -9.185  1.000 13.367  0 9   A   A "O4'" 1 ? 
ATOM   177 C "C3'" . A   A 1 9  ? -2.879  -6.867  -8.479  1.000 13.718  0 9   A   A "C3'" 1 ? 
ATOM   178 O "O3'" . A   A 1 9  ? -3.384  -8.120  -8.938  1.000 14.464  0 9   A   A "O3'" 1 ? 
ATOM   179 C "C2'" . A   A 1 9  ? -1.360  -6.886  -8.326  1.000 13.544  0 9   A   A "C2'" 1 ? 
ATOM   180 O "O2'" . A   A 1 9  ? -0.722  -7.540  -9.405  1.000 11.844  0 9   A   A "O2'" 1 ? 
ATOM   181 C "C1'" . A   A 1 9  ? -1.062  -5.387  -8.353  1.000 13.110  0 9   A   A "C1'" 1 ? 
ATOM   182 N N9    . A   A 1 9  ? -1.084  -4.741  -7.047  1.000 12.998  0 9   A   A N9    1 ? 
ATOM   183 C C8    . A   A 1 9  ? -2.031  -3.900  -6.511  1.000 13.091  0 9   A   A C8    1 ? 
ATOM   184 N N7    . A   A 1 9  ? -1.718  -3.463  -5.316  1.000 12.946  0 9   A   A N7    1 ? 
ATOM   185 C C5    . A   A 1 9  ? -0.481  -4.034  -5.060  1.000 12.858  0 9   A   A C5    1 ? 
ATOM   186 C C6    . A   A 1 9  ? 0.408   -3.928  -3.976  1.000 13.279  0 9   A   A C6    1 ? 
ATOM   187 N N6    . A   A 1 9  ? 0.156   -3.213  -2.885  1.000 13.674  0 9   A   A N6    1 ? 
ATOM   188 N N1    . A   A 1 9  ? 1.574   -4.609  -4.049  1.000 12.522  0 9   A   A N1    1 ? 
ATOM   189 C C2    . A   A 1 9  ? 1.821   -5.340  -5.142  1.000 13.182  0 9   A   A C2    1 ? 
ATOM   190 N N3    . A   A 1 9  ? 1.065   -5.507  -6.226  1.000 13.526  0 9   A   A N3    1 ? 
ATOM   191 C C4    . A   A 1 9  ? -0.079  -4.815  -6.123  1.000 12.994  0 9   A   A C4    1 ? 
ATOM   192 P P     . A   A 1 10 ? -4.048  -9.155  -7.890  1.000 14.314  0 10  A   A P     1 ? 
ATOM   193 O OP1   . A   A 1 10 ? -4.724  -10.282 -8.625  1.000 13.473  0 10  A   A OP1   1 ? 
ATOM   194 O OP2   . A   A 1 10 ? -4.894  -8.395  -6.883  1.000 13.724  0 10  A   A OP2   1 ? 
ATOM   195 O "O5'" . A   A 1 10 ? -2.770  -9.791  -7.113  1.000 13.845  0 10  A   A "O5'" 1 ? 
ATOM   196 C "C5'" . A   A 1 10 ? -1.909  -10.705 -7.828  1.000 13.902  0 10  A   A "C5'" 1 ? 
ATOM   197 C "C4'" . A   A 1 10 ? -0.685  -10.983 -6.992  1.000 14.535  0 10  A   A "C4'" 1 ? 
ATOM   198 O "O4'" . A   A 1 10 ? 0.044   -9.754  -6.736  1.000 14.464  0 10  A   A "O4'" 1 ? 
ATOM   199 C "C3'" . A   A 1 10 ? -0.934  -11.528 -5.585  1.000 15.227  0 10  A   A "C3'" 1 ? 
ATOM   200 O "O3'" . A   A 1 10 ? -1.301  -12.894 -5.692  1.000 15.950  0 10  A   A "O3'" 1 ? 
ATOM   201 C "C2'" . A   A 1 10 ? 0.434   -11.246 -4.963  1.000 15.427  0 10  A   A "C2'" 1 ? 
ATOM   202 O "O2'" . A   A 1 10 ? 1.456   -12.122 -5.410  1.000 16.732  0 10  A   A "O2'" 1 ? 
ATOM   203 C "C1'" . A   A 1 10 ? 0.644   -9.820  -5.461  1.000 14.563  0 10  A   A "C1'" 1 ? 
ATOM   204 N N9    . A   A 1 10 ? 0.042   -8.804  -4.601  1.000 14.327  0 10  A   A N9    1 ? 
ATOM   205 C C8    . A   A 1 10 ? -1.187  -8.189  -4.719  1.000 14.140  0 10  A   A C8    1 ? 
ATOM   206 N N7    . A   A 1 10 ? -1.439  -7.332  -3.757  1.000 14.019  0 10  A   A N7    1 ? 
ATOM   207 C C5    . A   A 1 10 ? -0.313  -7.392  -2.947  1.000 14.734  0 10  A   A C5    1 ? 
ATOM   208 C C6    . A   A 1 10 ? 0.050   -6.729  -1.760  1.000 15.499  0 10  A   A C6    1 ? 
ATOM   209 N N6    . A   A 1 10 ? -0.696  -5.804  -1.162  1.000 16.449  0 10  A   A N6    1 ? 
ATOM   210 N N1    . A   A 1 10 ? 1.245   -7.048  -1.200  1.000 15.546  0 10  A   A N1    1 ? 
ATOM   211 C C2    . A   A 1 10 ? 2.009   -7.969  -1.795  1.000 14.919  0 10  A   A C2    1 ? 
ATOM   212 N N3    . A   A 1 10 ? 1.767   -8.659  -2.905  1.000 14.711  0 10  A   A N3    1 ? 
ATOM   213 C C4    . A   A 1 10 ? 0.592   -8.312  -3.448  1.000 14.091  0 10  A   A C4    1 ? 
ATOM   214 P P     . G   A 1 11 ? -2.057  -13.494 -4.410  1.000 17.438  0 11  G   A P     1 ? 
ATOM   215 O OP1   . G   A 1 11 ? -2.410  -14.916 -4.710  1.000 18.352  0 11  G   A OP1   1 ? 
ATOM   216 O OP2   . G   A 1 11 ? -3.178  -12.631 -3.889  1.000 17.864  0 11  G   A OP2   1 ? 
ATOM   217 O "O5'" . G   A 1 11 ? -0.964  -13.446 -3.210  1.000 17.924  0 11  G   A "O5'" 1 ? 
ATOM   218 C "C5'" . G   A 1 11 ? 0.179   -14.335 -3.242  1.000 18.172  0 11  G   A "C5'" 1 ? 
ATOM   219 C "C4'" . G   A 1 11 ? 1.075   -14.026 -2.063  1.000 18.057  0 11  G   A "C4'" 1 ? 
ATOM   220 O "O4'" . G   A 1 11 ? 1.444   -12.626 -2.090  1.000 17.439  0 11  G   A "O4'" 1 ? 
ATOM   221 C "C3'" . G   A 1 11 ? 0.454   -14.223 -0.675  1.000 18.593  0 11  G   A "C3'" 1 ? 
ATOM   222 O "O3'" . G   A 1 11 ? 0.600   -15.558 -0.206  1.000 19.716  0 11  G   A "O3'" 1 ? 
ATOM   223 C "C2'" . G   A 1 11 ? 1.307   -13.286 0.167   1.000 17.739  0 11  G   A "C2'" 1 ? 
ATOM   224 O "O2'" . G   A 1 11 ? 2.537   -13.894 0.456   1.000 17.718  0 11  G   A "O2'" 1 ? 
ATOM   225 C "C1'" . G   A 1 11 ? 1.473   -12.103 -0.780  1.000 17.656  0 11  G   A "C1'" 1 ? 
ATOM   226 N N9    . G   A 1 11 ? 0.428   -11.090 -0.627  1.000 16.771  0 11  G   A N9    1 ? 
ATOM   227 C C8    . G   A 1 11 ? -0.671  -10.870 -1.414  1.000 15.726  0 11  G   A C8    1 ? 
ATOM   228 N N7    . G   A 1 11 ? -1.420  -9.882  -0.994  1.000 15.387  0 11  G   A N7    1 ? 
ATOM   229 C C5    . G   A 1 11 ? -0.769  -9.408  0.136   1.000 15.769  0 11  G   A C5    1 ? 
ATOM   230 C C6    . G   A 1 11 ? -1.100  -8.339  1.008   1.000 16.068  0 11  G   A C6    1 ? 
ATOM   231 O O6    . G   A 1 11 ? -2.068  -7.567  0.950   1.000 15.530  0 11  G   A O6    1 ? 
ATOM   232 N N1    . G   A 1 11 ? -0.163  -8.215  2.036   1.000 16.510  0 11  G   A N1    1 ? 
ATOM   233 C C2    . G   A 1 11 ? 0.953   -9.007  2.198   1.000 16.079  0 11  G   A C2    1 ? 
ATOM   234 N N2    . G   A 1 11 ? 1.753   -8.733  3.241   1.000 15.520  0 11  G   A N2    1 ? 
ATOM   235 N N3    . G   A 1 11 ? 1.269   -10.004 1.375   1.000 15.465  0 11  G   A N3    1 ? 
ATOM   236 C C4    . G   A 1 11 ? 0.374   -10.141 0.369   1.000 16.259  0 11  G   A C4    1 ? 
ATOM   237 P P     . U   A 1 12 ? -0.643  -16.068 0.685   1.000 20.155  0 12  U   A P     1 ? 
ATOM   238 O OP1   . U   A 1 12 ? -0.618  -17.596 0.716   1.000 21.992  0 12  U   A OP1   1 ? 
ATOM   239 O OP2   . U   A 1 12 ? -1.979  -15.467 0.233   1.000 20.533  0 12  U   A OP2   1 ? 
ATOM   240 O "O5'" . U   A 1 12 ? -0.309  -15.485 2.165   1.000 18.925  0 12  U   A "O5'" 1 ? 
ATOM   241 C "C5'" . U   A 1 12 ? 1.029   -15.654 2.706   1.000 19.483  0 12  U   A "C5'" 1 ? 
ATOM   242 C "C4'" . U   A 1 12 ? 1.180   -14.833 3.967   1.000 20.132  0 12  U   A "C4'" 1 ? 
ATOM   243 O "O4'" . U   A 1 12 ? 1.307   -13.421 3.633   1.000 19.970  0 12  U   A "O4'" 1 ? 
ATOM   244 C "C3'" . U   A 1 12 ? 0.008   -14.886 4.958   1.000 20.235  0 12  U   A "C3'" 1 ? 
ATOM   245 O "O3'" . U   A 1 12 ? 0.104   -15.979 5.864   1.000 21.278  0 12  U   A "O3'" 1 ? 
ATOM   246 C "C2'" . U   A 1 12 ? 0.189   -13.570 5.713   1.000 19.407  0 12  U   A "C2'" 1 ? 
ATOM   247 O "O2'" . U   A 1 12 ? 1.259   -13.573 6.625   1.000 19.541  0 12  U   A "O2'" 1 ? 
ATOM   248 C "C1'" . U   A 1 12 ? 0.610   -12.641 4.583   1.000 19.405  0 12  U   A "C1'" 1 ? 
ATOM   249 N N1    . U   A 1 12 ? -0.549  -11.976 3.956   1.000 18.983  0 12  U   A N1    1 ? 
ATOM   250 C C2    . U   A 1 12 ? -1.027  -10.863 4.625   1.000 19.810  0 12  U   A C2    1 ? 
ATOM   251 O O2    . U   A 1 12 ? -0.525  -10.445 5.668   1.000 19.696  0 12  U   A O2    1 ? 
ATOM   252 N N3    . U   A 1 12 ? -2.090  -10.244 4.019   1.000 18.973  0 12  U   A N3    1 ? 
ATOM   253 C C4    . U   A 1 12 ? -2.724  -10.624 2.857   1.000 18.896  0 12  U   A C4    1 ? 
ATOM   254 O O4    . U   A 1 12 ? -3.669  -9.947  2.455   1.000 18.521  0 12  U   A O4    1 ? 
ATOM   255 C C5    . U   A 1 12 ? -2.196  -11.810 2.241   1.000 18.293  0 12  U   A C5    1 ? 
ATOM   256 C C6    . U   A 1 12 ? -1.139  -12.427 2.799   1.000 18.399  0 12  U   A C6    1 ? 
ATOM   257 P P     . C   A 1 13 ? -1.330  -16.533 6.347   1.000 21.301  0 13  C   A P     1 ? 
ATOM   258 O OP1   . C   A 1 13 ? -1.144  -17.957 6.798   1.000 23.727  0 13  C   A OP1   1 ? 
ATOM   259 O OP2   . C   A 1 13 ? -2.401  -16.340 5.272   1.000 21.171  0 13  C   A OP2   1 ? 
ATOM   260 O "O5'" . C   A 1 13 ? -1.822  -15.631 7.615   1.000 21.046  0 13  C   A "O5'" 1 ? 
ATOM   261 C "C5'" . C   A 1 13 ? -0.875  -15.186 8.614   1.000 21.269  0 13  C   A "C5'" 1 ? 
ATOM   262 C "C4'" . C   A 1 13 ? -1.412  -13.944 9.292   1.000 22.222  0 13  C   A "C4'" 1 ? 
ATOM   263 O "O4'" . C   A 1 13 ? -1.337  -12.791 8.416   1.000 22.072  0 13  C   A "O4'" 1 ? 
ATOM   264 C "C3'" . C   A 1 13 ? -2.895  -13.944 9.674   1.000 22.743  0 13  C   A "C3'" 1 ? 
ATOM   265 O "O3'" . C   A 1 13 ? -3.141  -14.806 10.780  1.000 26.267  0 13  C   A "O3'" 1 ? 
ATOM   266 C "C2'" . C   A 1 13 ? -3.086  -12.451 9.962   1.000 22.281  0 13  C   A "C2'" 1 ? 
ATOM   267 O "O2'" . C   A 1 13 ? -2.470  -11.974 11.143  1.000 22.257  0 13  C   A "O2'" 1 ? 
ATOM   268 C "C1'" . C   A 1 13 ? -2.351  -11.867 8.752   1.000 20.493  0 13  C   A "C1'" 1 ? 
ATOM   269 N N1    . C   A 1 13 ? -3.256  -11.680 7.583   1.000 19.375  0 13  C   A N1    1 ? 
ATOM   270 C C2    . C   A 1 13 ? -4.105  -10.565 7.581   1.000 18.015  0 13  C   A C2    1 ? 
ATOM   271 O O2    . C   A 1 13 ? -4.051  -9.768  8.529   1.000 18.465  0 13  C   A O2    1 ? 
ATOM   272 N N3    . C   A 1 13 ? -4.931  -10.368 6.535   1.000 16.919  0 13  C   A N3    1 ? 
ATOM   273 C C4    . C   A 1 13 ? -4.939  -11.239 5.513   1.000 18.098  0 13  C   A C4    1 ? 
ATOM   274 N N4    . C   A 1 13 ? -5.769  -11.009 4.509   1.000 17.210  0 13  C   A N4    1 ? 
ATOM   275 C C5    . C   A 1 13 ? -4.100  -12.393 5.511   1.000 18.228  0 13  C   A C5    1 ? 
ATOM   276 C C6    . C   A 1 13 ? -3.280  -12.573 6.553   1.000 17.979  0 13  C   A C6    1 ? 
HETATM 277 P P     . G46 A 1 14 ? -4.679  -15.283 11.022  1.000 28.239  0 14  G46 A P     1 ? 
HETATM 278 O O1P   . G46 A 1 14 ? -4.382  -16.026 12.283  1.000 28.597  0 14  G46 A O1P   1 ? 
HETATM 279 S S2P   . G46 A 1 14 ? -5.321  -16.259 9.429   1.000 27.662  0 14  G46 A S2P   1 ? 
HETATM 280 O "O5'" . G46 A 1 14 ? -5.745  -14.096 11.263  1.000 25.031  0 14  G46 A "O5'" 1 ? 
HETATM 281 C "C5'" . G46 A 1 14 ? -5.563  -13.331 12.462  1.000 23.896  0 14  G46 A "C5'" 1 ? 
HETATM 282 C "C4'" . G46 A 1 14 ? -6.435  -12.085 12.412  1.000 23.842  0 14  G46 A "C4'" 1 ? 
HETATM 283 O "O4'" . G46 A 1 14 ? -6.045  -11.373 11.249  1.000 22.551  0 14  G46 A "O4'" 1 ? 
HETATM 284 C "C3'" . G46 A 1 14 ? -7.872  -12.408 12.093  1.000 24.013  0 14  G46 A "C3'" 1 ? 
HETATM 285 O "O3'" . G46 A 1 14 ? -8.621  -12.842 13.267  1.000 28.642  0 14  G46 A "O3'" 1 ? 
HETATM 286 C "C2'" . G46 A 1 14 ? -8.353  -11.084 11.662  1.000 22.922  0 14  G46 A "C2'" 1 ? 
HETATM 287 C "C1'" . G46 A 1 14 ? -7.185  -10.626 10.790  1.000 21.314  0 14  G46 A "C1'" 1 ? 
HETATM 288 O "O2'" . G46 A 1 14 ? -8.510  -10.254 12.791  1.000 22.735  0 14  G46 A "O2'" 1 ? 
HETATM 289 N N9    . G46 A 1 14 ? -7.472  -10.970 9.414   1.000 18.732  0 14  G46 A N9    1 ? 
HETATM 290 C C8    . G46 A 1 14 ? -7.061  -11.980 8.690   1.000 18.090  0 14  G46 A C8    1 ? 
HETATM 291 N N7    . G46 A 1 14 ? -7.638  -11.850 7.490   1.000 18.555  0 14  G46 A N7    1 ? 
HETATM 292 C C5    . G46 A 1 14 ? -8.418  -10.767 7.468   1.000 18.271  0 14  G46 A C5    1 ? 
HETATM 293 C C6    . G46 A 1 14 ? -9.196  -10.195 6.523   1.000 17.633  0 14  G46 A C6    1 ? 
HETATM 294 O O6    . G46 A 1 14 ? -9.368  -10.636 5.375   1.000 16.520  0 14  G46 A O6    1 ? 
HETATM 295 N N1    . G46 A 1 14 ? -9.885  -9.048  6.858   1.000 17.606  0 14  G46 A N1    1 ? 
HETATM 296 C C2    . G46 A 1 14 ? -9.763  -8.487  8.125   1.000 17.822  0 14  G46 A C2    1 ? 
HETATM 297 N N2    . G46 A 1 14 ? -10.433 -7.385  8.390   1.000 16.798  0 14  G46 A N2    1 ? 
HETATM 298 N N3    . G46 A 1 14 ? -8.965  -9.079  9.041   1.000 18.888  0 14  G46 A N3    1 ? 
HETATM 299 C C4    . G46 A 1 14 ? -8.312  -10.225 8.700   1.000 18.972  0 14  G46 A C4    1 ? 
HETATM 300 P P     . G46 A 1 15 ? -10.082 -13.555 13.149  1.000 34.071  0 15  G46 A P     1 ? 
HETATM 301 O O1P   . G46 A 1 15 ? -9.917  -14.211 14.463  1.000 35.734  0 15  G46 A O1P   1 ? 
HETATM 302 S S2P   . G46 A 1 15 ? -9.865  -14.861 11.646  1.000 31.885  0 15  G46 A S2P   1 ? 
HETATM 303 O "O5'" . G46 A 1 15 ? -11.536 -12.912 12.826  1.000 33.642  0 15  G46 A "O5'" 1 ? 
HETATM 304 C "C5'" . G46 A 1 15 ? -11.902 -11.697 13.454  1.000 33.292  0 15  G46 A "C5'" 1 ? 
HETATM 305 C "C4'" . G46 A 1 15 ? -12.396 -10.720 12.392  1.000 31.261  0 15  G46 A "C4'" 1 ? 
HETATM 306 O "O4'" . G46 A 1 15 ? -11.670 -10.769 11.153  1.000 28.475  0 15  G46 A "O4'" 1 ? 
HETATM 307 C "C3'" . G46 A 1 15 ? -13.794 -11.107 11.924  1.000 30.102  0 15  G46 A "C3'" 1 ? 
HETATM 308 O "O3'" . G46 A 1 15 ? -14.768 -10.958 12.972  1.000 30.512  0 15  G46 A "O3'" 1 ? 
HETATM 309 C "C2'" . G46 A 1 15 ? -13.925 -10.042 10.889  1.000 28.420  0 15  G46 A "C2'" 1 ? 
HETATM 310 C "C1'" . G46 A 1 15 ? -12.522 -10.058 10.237  1.000 26.403  0 15  G46 A "C1'" 1 ? 
HETATM 311 O "O2'" . G46 A 1 15 ? -14.151 -8.792  11.578  1.000 29.505  0 15  G46 A "O2'" 1 ? 
HETATM 312 N N9    . G46 A 1 15 ? -12.395 -10.696 8.873   1.000 23.190  0 15  G46 A N9    1 ? 
HETATM 313 C C8    . G46 A 1 15 ? -11.624 -11.724 8.502   1.000 22.248  0 15  G46 A C8    1 ? 
HETATM 314 N N7    . G46 A 1 15 ? -11.791 -11.936 7.187   1.000 21.486  0 15  G46 A N7    1 ? 
HETATM 315 C C5    . G46 A 1 15 ? -12.669 -11.047 6.741   1.000 21.396  0 15  G46 A C5    1 ? 
HETATM 316 C C6    . G46 A 1 15 ? -13.190 -10.844 5.524   1.000 21.213  0 15  G46 A C6    1 ? 
HETATM 317 O O6    . G46 A 1 15 ? -12.870 -11.502 4.543   1.000 20.989  0 15  G46 A O6    1 ? 
HETATM 318 N N1    . G46 A 1 15 ? -14.117 -9.825  5.330   1.000 21.816  0 15  G46 A N1    1 ? 
HETATM 319 C C2    . G46 A 1 15 ? -14.477 -9.023  6.435   1.000 22.568  0 15  G46 A C2    1 ? 
HETATM 320 N N2    . G46 A 1 15 ? -15.372 -8.059  6.244   1.000 22.208  0 15  G46 A N2    1 ? 
HETATM 321 N N3    . G46 A 1 15 ? -13.942 -9.272  7.662   1.000 21.845  0 15  G46 A N3    1 ? 
HETATM 322 C C4    . G46 A 1 15 ? -13.040 -10.268 7.793   1.000 22.125  0 15  G46 A C4    1 ? 
HETATM 323 N N1    . LKC B 1 1  ? -18.279 -11.586 -1.590  1.000 18.576  0 1   LKC B N1    1 ? 
HETATM 324 C C2    . LKC B 1 1  ? -18.002 -11.631 -0.291  1.000 18.854  0 1   LKC B C2    1 ? 
HETATM 325 N N3    . LKC B 1 1  ? -17.018 -12.414 0.192   1.000 18.532  0 1   LKC B N3    1 ? 
HETATM 326 C C4    . LKC B 1 1  ? -16.285 -13.137 -0.670  1.000 19.227  0 1   LKC B C4    1 ? 
HETATM 327 C C5    . LKC B 1 1  ? -16.525 -13.122 -2.055  1.000 18.941  0 1   LKC B C5    1 ? 
HETATM 328 C C6    . LKC B 1 1  ? -17.562 -12.347 -2.512  1.000 18.493  0 1   LKC B C6    1 ? 
HETATM 329 O O2    . LKC B 1 1  ? -18.674 -10.942 0.477   1.000 20.230  0 1   LKC B O2    1 ? 
HETATM 330 N N4    . LKC B 1 1  ? -15.287 -13.907 -0.226  1.000 19.981  0 1   LKC B N4    1 ? 
HETATM 331 C "C1'" . LKC B 1 1  ? -19.388 -10.759 -2.088  1.000 19.172  0 1   LKC B "C1'" 1 ? 
HETATM 332 C "C2'" . LKC B 1 1  ? -19.048 -9.333  -2.258  1.000 19.521  0 1   LKC B "C2'" 1 ? 
HETATM 333 C "C3'" . LKC B 1 1  ? -18.430 -9.326  -3.604  1.000 20.504  0 1   LKC B "C3'" 1 ? 
HETATM 334 C "C4'" . LKC B 1 1  ? -19.628 -9.987  -4.209  1.000 20.937  0 1   LKC B "C4'" 1 ? 
HETATM 335 O "O4'" . LKC B 1 1  ? -19.624 -11.197 -3.468  1.000 19.493  0 1   LKC B "O4'" 1 ? 
HETATM 336 O "O3'" . LKC B 1 1  ? -18.200 -7.929  -4.082  1.000 22.877  0 1   LKC B "O3'" 1 ? 
HETATM 337 C "C5'" . LKC B 1 1  ? -19.588 -10.202 -5.720  1.000 22.106  0 1   LKC B "C5'" 1 ? 
HETATM 338 O "O5'" . LKC B 1 1  ? -18.396 -11.009 -5.894  1.000 23.671  0 1   LKC B "O5'" 1 ? 
HETATM 339 C C5A   . LKC B 1 1  ? -15.798 -13.858 -3.005  1.000 18.265  0 1   LKC B C5A   1 ? 
HETATM 340 O "O2'" . LKC B 1 1  ? -20.238 -8.630  -2.508  1.000 19.681  0 1   LKC B "O2'" 1 ? 
HETATM 341 C "C6'" . LKC B 1 1  ? -20.807 -9.103  -3.792  1.000 20.111  0 1   LKC B "C6'" 1 ? 
HETATM 342 O "O5'" . LCC B 1 2  ? -16.892 -6.547  -2.294  1.000 18.266  0 2   LCC B "O5'" 1 ? 
HETATM 343 C "C5'" . LCC B 1 2  ? -17.995 -5.728  -1.919  1.000 18.571  0 2   LCC B "C5'" 1 ? 
HETATM 344 C "C4'" . LCC B 1 2  ? -17.902 -5.769  -0.415  1.000 18.461  0 2   LCC B "C4'" 1 ? 
HETATM 345 O "O4'" . LCC B 1 2  ? -18.056 -7.119  0.091   1.000 17.685  0 2   LCC B "O4'" 1 ? 
HETATM 346 C "C1'" . LCC B 1 2  ? -17.510 -7.032  1.419   1.000 17.266  0 2   LCC B "C1'" 1 ? 
HETATM 347 N N1    . LCC B 1 2  ? -16.452 -8.043  1.504   1.000 16.512  0 2   LCC B N1    1 ? 
HETATM 348 C C6    . LCC B 1 2  ? -15.946 -8.667  0.348   1.000 15.681  0 2   LCC B C6    1 ? 
HETATM 349 C C5    . LCC B 1 2  ? -14.976 -9.633  0.520   1.000 15.288  0 2   LCC B C5    1 ? 
HETATM 350 C C5M   . LCC B 1 2  ? -14.448 -10.250 -0.611  1.000 15.527  0 2   LCC B C5M   1 ? 
HETATM 351 C C4    . LCC B 1 2  ? -14.572 -9.929  1.818   1.000 15.798  0 2   LCC B C4    1 ? 
HETATM 352 N N4    . LCC B 1 2  ? -13.633 -10.862 2.005   1.000 16.790  0 2   LCC B N4    1 ? 
HETATM 353 N N3    . LCC B 1 2  ? -15.094 -9.334  2.891   1.000 15.236  0 2   LCC B N3    1 ? 
HETATM 354 C C2    . LCC B 1 2  ? -16.024 -8.396  2.737   1.000 16.168  0 2   LCC B C2    1 ? 
HETATM 355 O O2    . LCC B 1 2  ? -16.488 -7.842  3.742   1.000 16.269  0 2   LCC B O2    1 ? 
HETATM 356 C "C3'" . LCC B 1 2  ? -16.558 -5.396  0.113   1.000 18.767  0 2   LCC B "C3'" 1 ? 
HETATM 357 C "C2'" . LCC B 1 2  ? -17.002 -5.609  1.542   1.000 18.075  0 2   LCC B "C2'" 1 ? 
HETATM 358 O "O2'" . LCC B 1 2  ? -18.166 -4.735  1.700   1.000 18.418  0 2   LCC B "O2'" 1 ? 
HETATM 359 O "O3'" . LCC B 1 2  ? -16.198 -4.002  -0.226  1.000 19.762  0 2   LCC B "O3'" 1 ? 
HETATM 360 C "C6'" . LCC B 1 2  ? -18.857 -4.777  0.321   1.000 18.556  0 2   LCC B "C6'" 1 ? 
HETATM 361 P P     . LCC B 1 2  ? -16.789 -7.186  -3.820  1.000 20.333  0 2   LCC B P     1 ? 
HETATM 362 O O1P   . LCC B 1 2  ? -15.505 -7.953  -3.979  1.000 18.583  0 2   LCC B O1P   1 ? 
HETATM 363 O O2P   . LCC B 1 2  ? -17.218 -6.141  -4.777  1.000 19.552  0 2   LCC B O2P   1 ? 
HETATM 364 O "O5'" . LCC B 1 3  ? -14.330 -3.314  1.406   1.000 16.168  0 3   LCC B "O5'" 1 ? 
HETATM 365 C "C5'" . LCC B 1 3  ? -15.196 -2.613  2.290   1.000 14.998  0 3   LCC B "C5'" 1 ? 
HETATM 366 C "C4'" . LCC B 1 3  ? -14.680 -3.052  3.663   1.000 14.300  0 3   LCC B "C4'" 1 ? 
HETATM 367 O "O4'" . LCC B 1 3  ? -14.845 -4.485  3.843   1.000 13.372  0 3   LCC B "O4'" 1 ? 
HETATM 368 C "C1'" . LCC B 1 3  ? -13.937 -4.787  4.897   1.000 13.470  0 3   LCC B "C1'" 1 ? 
HETATM 369 N N1    . LCC B 1 3  ? -13.022 -5.867  4.441   1.000 12.795  0 3   LCC B N1    1 ? 
HETATM 370 C C6    . LCC B 1 3  ? -12.949 -6.191  3.071   1.000 12.567  0 3   LCC B C6    1 ? 
HETATM 371 C C5    . LCC B 1 3  ? -12.134 -7.225  2.665   1.000 12.365  0 3   LCC B C5    1 ? 
HETATM 372 C C5M   . LCC B 1 3  ? -12.035 -7.496  1.297   1.000 12.349  0 3   LCC B C5M   1 ? 
HETATM 373 C C4    . LCC B 1 3  ? -11.442 -7.915  3.656   1.000 12.607  0 3   LCC B C4    1 ? 
HETATM 374 N N4    . LCC B 1 3  ? -10.633 -8.924  3.320   1.000 13.171  0 3   LCC B N4    1 ? 
HETATM 375 N N3    . LCC B 1 3  ? -11.530 -7.589  4.949   1.000 12.471  0 3   LCC B N3    1 ? 
HETATM 376 C C2    . LCC B 1 3  ? -12.308 -6.582  5.351   1.000 12.504  0 3   LCC B C2    1 ? 
HETATM 377 O O2    . LCC B 1 3  ? -12.353 -6.365  6.558   1.000 11.651  0 3   LCC B O2    1 ? 
HETATM 378 C "C3'" . LCC B 1 3  ? -13.222 -2.847  3.877   1.000 13.896  0 3   LCC B "C3'" 1 ? 
HETATM 379 C "C2'" . LCC B 1 3  ? -13.285 -3.441  5.229   1.000 13.821  0 3   LCC B "C2'" 1 ? 
HETATM 380 O "O2'" . LCC B 1 3  ? -14.269 -2.626  5.910   1.000 13.896  0 3   LCC B "O2'" 1 ? 
HETATM 381 O "O3'" . LCC B 1 3  ? -12.903 -1.403  3.912   1.000 14.209  0 3   LCC B "O3'" 1 ? 
HETATM 382 C "C6'" . LCC B 1 3  ? -15.289 -2.256  4.830   1.000 13.958  0 3   LCC B "C6'" 1 ? 
HETATM 383 P P     . LCC B 1 3  ? -14.673 -3.501  -0.140  1.000 19.127  0 3   LCC B P     1 ? 
HETATM 384 O O1P   . LCC B 1 3  ? -13.833 -4.613  -0.659  1.000 20.299  0 3   LCC B O1P   1 ? 
HETATM 385 O O2P   . LCC B 1 3  ? -14.737 -2.222  -0.884  1.000 19.034  0 3   LCC B O2P   1 ? 
HETATM 386 P P     . LCG B 1 4  ? -11.340 -0.989  3.707   1.000 13.610  0 4   LCG B P     1 ? 
HETATM 387 O OP1   . LCG B 1 4  ? -11.557 0.470   3.707   1.000 13.458  0 4   LCG B OP1   1 ? 
HETATM 388 O "O5'" . LCG B 1 4  ? -10.497 -1.516  4.986   1.000 12.650  0 4   LCG B "O5'" 1 ? 
HETATM 389 C "C5'" . LCG B 1 4  ? -10.763 -0.915  6.245   1.000 12.648  0 4   LCG B "C5'" 1 ? 
HETATM 390 C "C3'" . LCG B 1 4  ? -8.473  -1.674  6.819   1.000 13.001  0 4   LCG B "C3'" 1 ? 
HETATM 391 C "C6'" . LCG B 1 4  ? -9.858  -1.163  8.696   1.000 12.427  0 4   LCG B "C6'" 1 ? 
HETATM 392 N N9    . LCG B 1 4  ? -8.727  -4.689  6.642   1.000 12.404  0 4   LCG B N9    1 ? 
HETATM 393 C C8    . LCG B 1 4  ? -9.184  -4.779  5.380   1.000 12.325  0 4   LCG B C8    1 ? 
HETATM 394 C C4    . LCG B 1 4  ? -7.910  -5.720  6.854   1.000 12.511  0 4   LCG B C4    1 ? 
HETATM 395 N N7    . LCG B 1 4  ? -8.629  -5.847  4.800   1.000 12.227  0 4   LCG B N7    1 ? 
HETATM 396 C C5    . LCG B 1 4  ? -7.839  -6.437  5.699   1.000 12.183  0 4   LCG B C5    1 ? 
HETATM 397 C C6    . LCG B 1 4  ? -7.088  -7.532  5.636   1.000 11.898  0 4   LCG B C6    1 ? 
HETATM 398 C "C2'" . LCG B 1 4  ? -8.089  -2.566  7.944   1.000 12.810  0 4   LCG B "C2'" 1 ? 
HETATM 399 O O6    . LCG B 1 4  ? -7.002  -8.242  4.643   1.000 11.677  0 4   LCG B O6    1 ? 
HETATM 400 C "C4'" . LCG B 1 4  ? -9.892  -1.641  7.253   1.000 12.625  0 4   LCG B "C4'" 1 ? 
HETATM 401 C "C1'" . LCG B 1 4  ? -9.066  -3.700  7.693   1.000 12.541  0 4   LCG B "C1'" 1 ? 
HETATM 402 C C2    . LCG B 1 4  ? -6.420  -7.157  7.912   1.000 12.743  0 4   LCG B C2    1 ? 
HETATM 403 N N1    . LCG B 1 4  ? -6.373  -7.917  6.735   1.000 12.337  0 4   LCG B N1    1 ? 
HETATM 404 O "O4'" . LCG B 1 4  ? -10.287 -3.011  7.243   1.000 12.843  0 4   LCG B "O4'" 1 ? 
HETATM 405 O OP2   . LCG B 1 4  ? -10.892 -1.674  2.480   1.000 14.199  0 4   LCG B OP2   1 ? 
HETATM 406 N N2    . LCG B 1 4  ? -5.711  -7.589  8.968   1.000 12.910  0 4   LCG B N2    1 ? 
HETATM 407 N N3    . LCG B 1 4  ? -7.187  -6.047  7.944   1.000 12.151  0 4   LCG B N3    1 ? 
HETATM 408 O "O2'" . LCG B 1 4  ? -8.550  -1.860  9.119   1.000 12.761  0 4   LCG B "O2'" 1 ? 
HETATM 409 O "O3'" . LCG B 1 4  ? -7.864  -0.373  6.848   1.000 13.594  0 4   LCG B "O3'" 1 ? 
ATOM   410 P P     . A   B 1 5  ? -6.550  -0.124  5.991   1.000 13.971  0 5   A   B P     1 ? 
ATOM   411 O OP1   . A   B 1 5  ? -6.300  1.333   6.073   1.000 13.818  0 5   A   B OP1   1 ? 
ATOM   412 O OP2   . A   B 1 5  ? -6.443  -0.702  4.584   1.000 13.049  0 5   A   B OP2   1 ? 
ATOM   413 O "O5'" . A   B 1 5  ? -5.407  -0.893  6.848   1.000 12.886  0 5   A   B "O5'" 1 ? 
ATOM   414 C "C5'" . A   B 1 5  ? -5.132  -0.498  8.198   1.000 12.384  0 5   A   B "C5'" 1 ? 
ATOM   415 C "C4'" . A   B 1 5  ? -4.146  -1.492  8.768   1.000 12.492  0 5   A   B "C4'" 1 ? 
ATOM   416 O "O4'" . A   B 1 5  ? -4.709  -2.837  8.743   1.000 12.335  0 5   A   B "O4'" 1 ? 
ATOM   417 C "C3'" . A   B 1 5  ? -2.823  -1.639  8.012   1.000 12.239  0 5   A   B "C3'" 1 ? 
ATOM   418 O "O3'" . A   B 1 5  ? -1.939  -0.589  8.390   1.000 12.370  0 5   A   B "O3'" 1 ? 
ATOM   419 C "C2'" . A   B 1 5  ? -2.373  -3.006  8.535   1.000 12.379  0 5   A   B "C2'" 1 ? 
ATOM   420 O "O2'" . A   B 1 5  ? -1.844  -2.913  9.843   1.000 12.099  0 5   A   B "O2'" 1 ? 
ATOM   421 C "C1'" . A   B 1 5  ? -3.690  -3.782  8.510   1.000 12.242  0 5   A   B "C1'" 1 ? 
ATOM   422 N N9    . A   B 1 5  ? -3.962  -4.437  7.239   1.000 12.162  0 5   A   B N9    1 ? 
ATOM   423 C C8    . A   B 1 5  ? -4.758  -3.970  6.221   1.000 12.240  0 5   A   B C8    1 ? 
ATOM   424 N N7    . A   B 1 5  ? -4.804  -4.774  5.192   1.000 12.219  0 5   A   B N7    1 ? 
ATOM   425 C C5    . A   B 1 5  ? -3.976  -5.824  5.539   1.000 12.172  0 5   A   B C5    1 ? 
ATOM   426 C C6    . A   B 1 5  ? -3.609  -7.000  4.861   1.000 12.809  0 5   A   B C6    1 ? 
ATOM   427 N N6    . A   B 1 5  ? -4.047  -7.321  3.644   1.000 12.893  0 5   A   B N6    1 ? 
ATOM   428 N N1    . A   B 1 5  ? -2.747  -7.835  5.489   1.000 12.319  0 5   A   B N1    1 ? 
ATOM   429 C C2    . A   B 1 5  ? -2.309  -7.511  6.708   1.000 12.732  0 5   A   B C2    1 ? 
ATOM   430 N N3    . A   B 1 5  ? -2.597  -6.445  7.448   1.000 13.111  0 5   A   B N3    1 ? 
ATOM   431 C C4    . A   B 1 5  ? -3.442  -5.624  6.797   1.000 12.459  0 5   A   B C4    1 ? 
ATOM   432 P P     . C   B 1 6  ? -0.815  -0.163  7.311   1.000 12.880  0 6   C   B P     1 ? 
ATOM   433 O OP1   . C   B 1 6  ? -0.221  1.132   7.764   1.000 12.296  0 6   C   B OP1   1 ? 
ATOM   434 O OP2   . C   B 1 6  ? -1.314  -0.208  5.867   1.000 11.677  0 6   C   B OP2   1 ? 
ATOM   435 O "O5'" . C   B 1 6  ? 0.294   -1.325  7.388   1.000 13.695  0 6   C   B "O5'" 1 ? 
ATOM   436 C "C5'" . C   B 1 6  ? 0.905   -1.710  8.643   1.000 14.030  0 6   C   B "C5'" 1 ? 
ATOM   437 C "C4'" . C   B 1 6  ? 1.608   -3.021  8.391   1.000 14.671  0 6   C   B "C4'" 1 ? 
ATOM   438 O "O4'" . C   B 1 6  ? 0.622   -4.045  8.064   1.000 14.951  0 6   C   B "O4'" 1 ? 
ATOM   439 C "C3'" . C   B 1 6  ? 2.562   -3.049  7.188   1.000 15.182  0 6   C   B "C3'" 1 ? 
ATOM   440 O "O3'" . C   B 1 6  ? 3.888   -2.640  7.497   1.000 16.339  0 6   C   B "O3'" 1 ? 
ATOM   441 C "C2'" . C   B 1 6  ? 2.619   -4.548  6.897   1.000 15.333  0 6   C   B "C2'" 1 ? 
ATOM   442 O "O2'" . C   B 1 6  ? 3.464   -5.174  7.833   1.000 15.529  0 6   C   B "O2'" 1 ? 
ATOM   443 C "C1'" . C   B 1 6  ? 1.163   -4.961  7.132   1.000 15.150  0 6   C   B "C1'" 1 ? 
ATOM   444 N N1    . C   B 1 6  ? 0.343   -4.947  5.891   1.000 15.645  0 6   C   B N1    1 ? 
ATOM   445 C C2    . C   B 1 6  ? 0.392   -6.060  5.046   1.000 16.201  0 6   C   B C2    1 ? 
ATOM   446 O O2    . C   B 1 6  ? 1.144   -7.002  5.349   1.000 16.093  0 6   C   B O2    1 ? 
ATOM   447 N N3    . C   B 1 6  ? -0.359  -6.065  3.915   1.000 14.906  0 6   C   B N3    1 ? 
ATOM   448 C C4    . C   B 1 6  ? -1.151  -5.029  3.631   1.000 15.914  0 6   C   B C4    1 ? 
ATOM   449 N N4    . C   B 1 6  ? -1.881  -5.089  2.527   1.000 16.747  0 6   C   B N4    1 ? 
ATOM   450 C C5    . C   B 1 6  ? -1.217  -3.891  4.475   1.000 15.277  0 6   C   B C5    1 ? 
ATOM   451 C C6    . C   B 1 6  ? -0.462  -3.889  5.580   1.000 15.975  0 6   C   B C6    1 ? 
ATOM   452 P P     . U   B 1 7  ? 4.747   -1.897  6.353   1.000 16.236  0 7   U   B P     1 ? 
ATOM   453 O OP1   . U   B 1 7  ? 5.898   -1.175  6.965   1.000 17.147  0 7   U   B OP1   1 ? 
ATOM   454 O OP2   . U   B 1 7  ? 3.881   -1.039  5.452   1.000 16.328  0 7   U   B OP2   1 ? 
ATOM   455 O "O5'" . U   B 1 7  ? 5.309   -3.110  5.459   1.000 17.034  0 7   U   B "O5'" 1 ? 
ATOM   456 C "C5'" . U   B 1 7  ? 6.097   -4.133  6.083   1.000 18.477  0 7   U   B "C5'" 1 ? 
ATOM   457 C "C4'" . U   B 1 7  ? 6.278   -5.284  5.124   1.000 19.407  0 7   U   B "C4'" 1 ? 
ATOM   458 O "O4'" . U   B 1 7  ? 5.023   -5.968  4.917   1.000 19.001  0 7   U   B "O4'" 1 ? 
ATOM   459 C "C3'" . U   B 1 7  ? 6.740   -4.929  3.705   1.000 20.205  0 7   U   B "C3'" 1 ? 
ATOM   460 O "O3'" . U   B 1 7  ? 8.151   -4.815  3.680   1.000 22.761  0 7   U   B "O3'" 1 ? 
ATOM   461 C "C2'" . U   B 1 7  ? 6.302   -6.163  2.927   1.000 19.723  0 7   U   B "C2'" 1 ? 
ATOM   462 O "O2'" . U   B 1 7  ? 7.092   -7.309  3.159   1.000 19.346  0 7   U   B "O2'" 1 ? 
ATOM   463 C "C1'" . U   B 1 7  ? 4.949   -6.419  3.577   1.000 19.679  0 7   U   B "C1'" 1 ? 
ATOM   464 N N1    . U   B 1 7  ? 3.844   -5.730  2.889   1.000 19.835  0 7   U   B N1    1 ? 
ATOM   465 C C2    . U   B 1 7  ? 3.357   -6.349  1.751   1.000 19.405  0 7   U   B C2    1 ? 
ATOM   466 O O2    . U   B 1 7  ? 3.856   -7.367  1.299   1.000 18.222  0 7   U   B O2    1 ? 
ATOM   467 N N3    . U   B 1 7  ? 2.284   -5.727  1.162   1.000 19.664  0 7   U   B N3    1 ? 
ATOM   468 C C4    . U   B 1 7  ? 1.680   -4.555  1.576   1.000 20.062  0 7   U   B C4    1 ? 
ATOM   469 O O4    . U   B 1 7  ? 0.734   -4.112  0.932   1.000 20.165  0 7   U   B O4    1 ? 
ATOM   470 C C5    . U   B 1 7  ? 2.246   -3.965  2.760   1.000 19.810  0 7   U   B C5    1 ? 
ATOM   471 C C6    . U   B 1 7  ? 3.290   -4.561  3.362   1.000 19.134  0 7   U   B C6    1 ? 
ATOM   472 P P     . U   B 1 8  ? 8.649   -3.735  2.603   1.000 22.340  0 8   U   B P     1 ? 
ATOM   473 O OP1   . U   B 1 8  ? 10.127  -3.547  2.769   1.000 23.806  0 8   U   B OP1   1 ? 
ATOM   474 O OP2   . U   B 1 8  ? 7.788   -2.508  2.645   1.000 24.485  0 8   U   B OP2   1 ? 
ATOM   475 O "O5'" . U   B 1 8  ? 8.443   -4.460  1.186   1.000 22.447  0 8   U   B "O5'" 1 ? 
ATOM   476 C "C5'" . U   B 1 8  ? 9.201   -5.661  0.928   1.000 20.000  0 8   U   B "C5'" 1 ? 
ATOM   477 C "C4'" . U   B 1 8  ? 8.624   -6.314  -0.294  1.000 19.478  0 8   U   B "C4'" 1 ? 
ATOM   478 O "O4'" . U   B 1 8  ? 7.223   -6.620  -0.082  1.000 20.190  0 8   U   B "O4'" 1 ? 
ATOM   479 C "C3'" . U   B 1 8  ? 8.612   -5.454  -1.559  1.000 19.142  0 8   U   B "C3'" 1 ? 
ATOM   480 O "O3'" . U   B 1 8  ? 9.926   -5.450  -2.088  1.000 18.612  0 8   U   B "O3'" 1 ? 
ATOM   481 C "C2'" . U   B 1 8  ? 7.578   -6.217  -2.387  1.000 18.942  0 8   U   B "C2'" 1 ? 
ATOM   482 O "O2'" . U   B 1 8  ? 8.002   -7.479  -2.857  1.000 18.792  0 8   U   B "O2'" 1 ? 
ATOM   483 C "C1'" . U   B 1 8  ? 6.534   -6.486  -1.306  1.000 19.470  0 8   U   B "C1'" 1 ? 
ATOM   484 N N1    . U   B 1 8  ? 5.533   -5.408  -1.209  1.000 18.858  0 8   U   B N1    1 ? 
ATOM   485 C C2    . U   B 1 8  ? 4.506   -5.467  -2.137  1.000 18.509  0 8   U   B C2    1 ? 
ATOM   486 O O2    . U   B 1 8  ? 4.439   -6.325  -3.003  1.000 18.194  0 8   U   B O2    1 ? 
ATOM   487 N N3    . U   B 1 8  ? 3.570   -4.481  -2.024  1.000 18.463  0 8   U   B N3    1 ? 
ATOM   488 C C4    . U   B 1 8  ? 3.566   -3.447  -1.114  1.000 18.233  0 8   U   B C4    1 ? 
ATOM   489 O O4    . U   B 1 8  ? 2.643   -2.644  -1.161  1.000 17.770  0 8   U   B O4    1 ? 
ATOM   490 C C5    . U   B 1 8  ? 4.657   -3.447  -0.178  1.000 18.012  0 8   U   B C5    1 ? 
ATOM   491 C C6    . U   B 1 8  ? 5.591   -4.411  -0.261  1.000 18.091  0 8   U   B C6    1 ? 
ATOM   492 P P     . A   B 1 9  ? 10.380  -4.105  -2.827  1.000 19.307  0 9   A   B P     1 ? 
ATOM   493 O OP1   . A   B 1 9  ? 11.838  -4.252  -3.126  1.000 21.075  0 9   A   B OP1   1 ? 
ATOM   494 O OP2   . A   B 1 9  ? 9.982   -2.813  -2.121  1.000 19.904  0 9   A   B OP2   1 ? 
ATOM   495 O "O5'" . A   B 1 9  ? 9.577   -4.094  -4.237  1.000 17.843  0 9   A   B "O5'" 1 ? 
ATOM   496 C "C5'" . A   B 1 9  ? 9.885   -5.092  -5.225  1.000 17.749  0 9   A   B "C5'" 1 ? 
ATOM   497 C "C4'" . A   B 1 9  ? 8.905   -4.965  -6.365  1.000 18.189  0 9   A   B "C4'" 1 ? 
ATOM   498 O "O4'" . A   B 1 9  ? 7.568   -5.348  -5.954  1.000 18.687  0 9   A   B "O4'" 1 ? 
ATOM   499 C "C3'" . A   B 1 9  ? 8.700   -3.559  -6.920  1.000 18.056  0 9   A   B "C3'" 1 ? 
ATOM   500 O "O3'" . A   B 1 9  ? 9.804   -3.317  -7.762  1.000 18.058  0 9   A   B "O3'" 1 ? 
ATOM   501 C "C2'" . A   B 1 9  ? 7.393   -3.740  -7.683  1.000 18.888  0 9   A   B "C2'" 1 ? 
ATOM   502 O "O2'" . A   B 1 9  ? 7.529   -4.433  -8.904  1.000 19.896  0 9   A   B "O2'" 1 ? 
ATOM   503 C "C1'" . A   B 1 9  ? 6.622   -4.597  -6.683  1.000 18.835  0 9   A   B "C1'" 1 ? 
ATOM   504 N N9    . A   B 1 9  ? 5.858   -3.768  -5.770  1.000 18.503  0 9   A   B N9    1 ? 
ATOM   505 C C8    . A   B 1 9  ? 6.221   -3.345  -4.515  1.000 19.340  0 9   A   B C8    1 ? 
ATOM   506 N N7    . A   B 1 9  ? 5.317   -2.578  -3.954  1.000 19.763  0 9   A   B N7    1 ? 
ATOM   507 C C5    . A   B 1 9  ? 4.320   -2.455  -4.916  1.000 17.585  0 9   A   B C5    1 ? 
ATOM   508 C C6    . A   B 1 9  ? 3.093   -1.771  -4.930  1.000 16.812  0 9   A   B C6    1 ? 
ATOM   509 N N6    . A   B 1 9  ? 2.653   -1.032  -3.920  1.000 16.623  0 9   A   B N6    1 ? 
ATOM   510 N N1    . A   B 1 9  ? 2.332   -1.865  -6.046  1.000 17.179  0 9   A   B N1    1 ? 
ATOM   511 C C2    . A   B 1 9  ? 2.792   -2.589  -7.074  1.000 17.985  0 9   A   B C2    1 ? 
ATOM   512 N N3    . A   B 1 9  ? 3.920   -3.292  -7.168  1.000 17.821  0 9   A   B N3    1 ? 
ATOM   513 C C4    . A   B 1 9  ? 4.651   -3.176  -6.046  1.000 17.822  0 9   A   B C4    1 ? 
ATOM   514 P P     . A   B 1 10 ? 10.221  -1.785  -7.951  1.000 18.244  0 10  A   B P     1 ? 
ATOM   515 O OP1   . A   B 1 10 ? 11.488  -1.824  -8.780  1.000 18.935  0 10  A   B OP1   1 ? 
ATOM   516 O OP2   . A   B 1 10 ? 10.284  -1.020  -6.648  1.000 18.352  0 10  A   B OP2   1 ? 
ATOM   517 O "O5'" . A   B 1 10 ? 9.034   -1.060  -8.795  1.000 16.965  0 10  A   B "O5'" 1 ? 
ATOM   518 C "C5'" . A   B 1 10 ? 8.936   -1.341  -10.197 1.000 16.861  0 10  A   B "C5'" 1 ? 
ATOM   519 C "C4'" . A   B 1 10 ? 7.622   -0.817  -10.711 1.000 17.445  0 10  A   B "C4'" 1 ? 
ATOM   520 O "O4'" . A   B 1 10 ? 6.528   -1.355  -9.930  1.000 16.660  0 10  A   B "O4'" 1 ? 
ATOM   521 C "C3'" . A   B 1 10 ? 7.412   0.699   -10.618 1.000 17.576  0 10  A   B "C3'" 1 ? 
ATOM   522 O "O3'" . A   B 1 10 ? 8.093   1.334   -11.686 1.000 17.738  0 10  A   B "O3'" 1 ? 
ATOM   523 C "C2'" . A   B 1 10 ? 5.897   0.764   -10.777 1.000 16.787  0 10  A   B "C2'" 1 ? 
ATOM   524 O "O2'" . A   B 1 10 ? 5.488   0.538   -12.105 1.000 17.159  0 10  A   B "O2'" 1 ? 
ATOM   525 C "C1'" . A   B 1 10 ? 5.481   -0.403  -9.889  1.000 17.242  0 10  A   B "C1'" 1 ? 
ATOM   526 N N9    . A   B 1 10 ? 5.243   0.023   -8.514  1.000 17.279  0 10  A   B N9    1 ? 
ATOM   527 C C8    . A   B 1 10 ? 6.082   -0.063  -7.428  1.000 16.825  0 10  A   B C8    1 ? 
ATOM   528 N N7    . A   B 1 10 ? 5.562   0.433   -6.333  1.000 16.732  0 10  A   B N7    1 ? 
ATOM   529 C C5    . A   B 1 10 ? 4.318   0.909   -6.734  1.000 17.100  0 10  A   B C5    1 ? 
ATOM   530 C C6    . A   B 1 10 ? 3.279   1.562   -6.047  1.000 16.427  0 10  A   B C6    1 ? 
ATOM   531 N N6    . A   B 1 10 ? 3.323   1.863   -4.759  1.000 16.706  0 10  A   B N6    1 ? 
ATOM   532 N N1    . A   B 1 10 ? 2.174   1.909   -6.752  1.000 16.978  0 10  A   B N1    1 ? 
ATOM   533 C C2    . A   B 1 10 ? 2.124   1.621   -8.058  1.000 16.700  0 10  A   B C2    1 ? 
ATOM   534 N N3    . A   B 1 10 ? 3.045   1.027   -8.811  1.000 16.656  0 10  A   B N3    1 ? 
ATOM   535 C C4    . A   B 1 10 ? 4.122   0.681   -8.081  1.000 16.631  0 10  A   B C4    1 ? 
ATOM   536 P P     . G   B 1 11 ? 8.622   2.818   -11.378 1.000 18.419  0 11  G   B P     1 ? 
ATOM   537 O OP1   . G   B 1 11 ? 9.477   3.202   -12.548 1.000 17.697  0 11  G   B OP1   1 ? 
ATOM   538 O OP2   . G   B 1 11 ? 9.258   2.988   -10.012 1.000 18.681  0 11  G   B OP2   1 ? 
ATOM   539 O "O5'" . G   B 1 11 ? 7.287   3.762   -11.357 1.000 17.345  0 11  G   B "O5'" 1 ? 
ATOM   540 C "C5'" . G   B 1 11 ? 6.644   4.055   -12.611 1.000 17.046  0 11  G   B "C5'" 1 ? 
ATOM   541 C "C4'" . G   B 1 11 ? 5.290   4.664   -12.363 1.000 16.447  0 11  G   B "C4'" 1 ? 
ATOM   542 O "O4'" . G   B 1 11 ? 4.545   3.840   -11.441 1.000 15.486  0 11  G   B "O4'" 1 ? 
ATOM   543 C "C3'" . G   B 1 11 ? 5.259   6.046   -11.701 1.000 16.335  0 11  G   B "C3'" 1 ? 
ATOM   544 O "O3'" . G   B 1 11 ? 5.561   7.058   -12.649 1.000 16.553  0 11  G   B "O3'" 1 ? 
ATOM   545 C "C2'" . G   B 1 11 ? 3.793   6.068   -11.267 1.000 15.475  0 11  G   B "C2'" 1 ? 
ATOM   546 O "O2'" . G   B 1 11 ? 2.892   6.240   -12.343 1.000 13.974  0 11  G   B "O2'" 1 ? 
ATOM   547 C "C1'" . G   B 1 11 ? 3.680   4.663   -10.684 1.000 15.492  0 11  G   B "C1'" 1 ? 
ATOM   548 N N9    . G   B 1 11 ? 4.039   4.587   -9.274  1.000 15.562  0 11  G   B N9    1 ? 
ATOM   549 C C8    . G   B 1 11 ? 5.187   4.074   -8.714  1.000 15.359  0 11  G   B C8    1 ? 
ATOM   550 N N7    . G   B 1 11 ? 5.219   4.186   -7.406  1.000 15.179  0 11  G   B N7    1 ? 
ATOM   551 C C5    . G   B 1 11 ? 4.010   4.792   -7.083  1.000 15.241  0 11  G   B C5    1 ? 
ATOM   552 C C6    . G   B 1 11 ? 3.466   5.140   -5.826  1.000 14.696  0 11  G   B C6    1 ? 
ATOM   553 O O6    . G   B 1 11 ? 3.938   4.958   -4.702  1.000 15.335  0 11  G   B O6    1 ? 
ATOM   554 N N1    . G   B 1 11 ? 2.217   5.733   -5.948  1.000 15.411  0 11  G   B N1    1 ? 
ATOM   555 C C2    . G   B 1 11 ? 1.577   5.992   -7.130  1.000 15.769  0 11  G   B C2    1 ? 
ATOM   556 N N2    . G   B 1 11 ? 0.388   6.594   -7.031  1.000 16.019  0 11  G   B N2    1 ? 
ATOM   557 N N3    . G   B 1 11 ? 2.067   5.656   -8.324  1.000 16.063  0 11  G   B N3    1 ? 
ATOM   558 C C4    . G   B 1 11 ? 3.280   5.055   -8.225  1.000 15.902  0 11  G   B C4    1 ? 
ATOM   559 P P     . U   B 1 12 ? 6.055   8.512   -12.160 1.000 17.628  0 12  U   B P     1 ? 
ATOM   560 O OP1   . U   B 1 12 ? 6.486   9.218   -13.399 1.000 18.580  0 12  U   B OP1   1 ? 
ATOM   561 O OP2   . U   B 1 12 ? 7.087   8.431   -11.059 1.000 17.709  0 12  U   B OP2   1 ? 
ATOM   562 O "O5'" . U   B 1 12 ? 4.788   9.326   -11.544 1.000 16.639  0 12  U   B "O5'" 1 ? 
ATOM   563 C "C5'" . U   B 1 12 ? 3.601   9.524   -12.344 1.000 16.396  0 12  U   B "C5'" 1 ? 
ATOM   564 C "C4'" . U   B 1 12 ? 2.499   10.097  -11.476 1.000 16.786  0 12  U   B "C4'" 1 ? 
ATOM   565 O "O4'" . U   B 1 12 ? 2.036   9.095   -10.532 1.000 17.293  0 12  U   B "O4'" 1 ? 
ATOM   566 C "C3'" . U   B 1 12 ? 2.867   11.290  -10.581 1.000 17.440  0 12  U   B "C3'" 1 ? 
ATOM   567 O "O3'" . U   B 1 12 ? 2.792   12.503  -11.306 1.000 18.291  0 12  U   B "O3'" 1 ? 
ATOM   568 C "C2'" . U   B 1 12 ? 1.792   11.211  -9.490  1.000 18.038  0 12  U   B "C2'" 1 ? 
ATOM   569 O "O2'" . U   B 1 12 ? 0.477   11.577  -9.853  1.000 18.687  0 12  U   B "O2'" 1 ? 
ATOM   570 C "C1'" . U   B 1 12 ? 1.736   9.702   -9.290  1.000 17.656  0 12  U   B "C1'" 1 ? 
ATOM   571 N N1    . U   B 1 12 ? 2.700   9.250   -8.273  1.000 17.741  0 12  U   B N1    1 ? 
ATOM   572 C C2    . U   B 1 12 ? 2.325   9.456   -6.961  1.000 17.905  0 12  U   B C2    1 ? 
ATOM   573 O O2    . U   B 1 12 ? 1.280   10.014  -6.658  1.000 18.170  0 12  U   B O2    1 ? 
ATOM   574 N N3    . U   B 1 12 ? 3.228   9.013   -6.026  1.000 17.665  0 12  U   B N3    1 ? 
ATOM   575 C C4    . U   B 1 12 ? 4.425   8.367   -6.262  1.000 16.984  0 12  U   B C4    1 ? 
ATOM   576 O O4    . U   B 1 12 ? 5.096   7.983   -5.306  1.000 16.457  0 12  U   B O4    1 ? 
ATOM   577 C C5    . U   B 1 12 ? 4.752   8.199   -7.649  1.000 17.094  0 12  U   B C5    1 ? 
ATOM   578 C C6    . U   B 1 12 ? 3.886   8.626   -8.589  1.000 17.395  0 12  U   B C6    1 ? 
ATOM   579 P P     . C   B 1 13 ? 3.800   13.666  -10.829 1.000 19.954  0 13  C   B P     1 ? 
ATOM   580 O OP1   . C   B 1 13 ? 3.665   14.773  -11.811 1.000 22.224  0 13  C   B OP1   1 ? 
ATOM   581 O OP2   . C   B 1 13 ? 5.216   13.176  -10.566 1.000 19.300  0 13  C   B OP2   1 ? 
ATOM   582 O "O5'" . C   B 1 13 ? 3.181   14.171  -9.430  1.000 19.135  0 13  C   B "O5'" 1 ? 
ATOM   583 C "C5'" . C   B 1 13 ? 1.897   14.827  -9.447  1.000 18.657  0 13  C   B "C5'" 1 ? 
ATOM   584 C "C4'" . C   B 1 13 ? 1.398   14.960  -8.033  1.000 19.673  0 13  C   B "C4'" 1 ? 
ATOM   585 O "O4'" . C   B 1 13 ? 1.267   13.656  -7.402  1.000 19.096  0 13  C   B "O4'" 1 ? 
ATOM   586 C "C3'" . C   B 1 13 ? 2.304   15.726  -7.066  1.000 19.834  0 13  C   B "C3'" 1 ? 
ATOM   587 O "O3'" . C   B 1 13 ? 2.136   17.122  -7.267  1.000 24.545  0 13  C   B "O3'" 1 ? 
ATOM   588 C "C2'" . C   B 1 13 ? 1.739   15.263  -5.722  1.000 19.026  0 13  C   B "C2'" 1 ? 
ATOM   589 O "O2'" . C   B 1 13 ? 0.488   15.822  -5.380  1.000 17.769  0 13  C   B "O2'" 1 ? 
ATOM   590 C "C1'" . C   B 1 13 ? 1.555   13.775  -6.024  1.000 18.108  0 13  C   B "C1'" 1 ? 
ATOM   591 N N1    . C   B 1 13 ? 2.783   13.003  -5.710  1.000 17.493  0 13  C   B N1    1 ? 
ATOM   592 C C2    . C   B 1 13 ? 2.996   12.690  -4.369  1.000 16.847  0 13  C   B C2    1 ? 
ATOM   593 O O2    . C   B 1 13 ? 2.147   13.062  -3.542  1.000 17.659  0 13  C   B O2    1 ? 
ATOM   594 N N3    . C   B 1 13 ? 4.108   11.998  -4.023  1.000 16.065  0 13  C   B N3    1 ? 
ATOM   595 C C4    . C   B 1 13 ? 4.985   11.620  -4.963  1.000 16.734  0 13  C   B C4    1 ? 
ATOM   596 N N4    . C   B 1 13 ? 6.051   10.940  -4.579  1.000 16.334  0 13  C   B N4    1 ? 
ATOM   597 C C5    . C   B 1 13 ? 4.795   11.949  -6.337  1.000 17.274  0 13  C   B C5    1 ? 
ATOM   598 C C6    . C   B 1 13 ? 3.702   12.659  -6.661  1.000 17.310  0 13  C   B C6    1 ? 
HETATM 599 P P     . G46 B 1 14 ? 3.344   18.197  -7.054  1.000 26.803  0 14  G46 B P     1 ? 
HETATM 600 O O1P   . G46 B 1 14 ? 2.991   19.572  -7.456  1.000 27.245  0 14  G46 B O1P   1 ? 
HETATM 601 S S2P   . G46 B 1 14 ? 4.850   17.555  -7.856  1.000 26.258  0 14  G46 B S2P   1 ? 
HETATM 602 O "O5'" . G46 B 1 14 ? 3.632   18.123  -5.432  1.000 25.296  0 14  G46 B "O5'" 1 ? 
HETATM 603 C "C5'" . G46 B 1 14 ? 2.547   18.507  -4.594  1.000 25.263  0 14  G46 B "C5'" 1 ? 
HETATM 604 C "C4'" . G46 B 1 14 ? 2.831   18.161  -3.110  1.000 25.041  0 14  G46 B "C4'" 1 ? 
HETATM 605 O "O4'" . G46 B 1 14 ? 2.904   16.754  -2.861  1.000 22.679  0 14  G46 B "O4'" 1 ? 
HETATM 606 C "C3'" . G46 B 1 14 ? 4.214   18.612  -2.707  1.000 24.778  0 14  G46 B "C3'" 1 ? 
HETATM 607 O "O3'" . G46 B 1 14 ? 4.225   20.037  -2.511  1.000 26.591  0 14  G46 B "O3'" 1 ? 
HETATM 608 C "C2'" . G46 B 1 14 ? 4.335   17.915  -1.388  1.000 24.027  0 14  G46 B "C2'" 1 ? 
HETATM 609 C "C1'" . G46 B 1 14 ? 3.816   16.564  -1.736  1.000 22.009  0 14  G46 B "C1'" 1 ? 
HETATM 610 O "O2'" . G46 B 1 14 ? 3.465   18.580  -0.407  1.000 23.733  0 14  G46 B "O2'" 1 ? 
HETATM 611 N N9    . G46 B 1 14 ? 4.862   15.659  -2.227  1.000 19.770  0 14  G46 B N9    1 ? 
HETATM 612 C C8    . G46 B 1 14 ? 5.168   15.401  -3.485  1.000 18.630  0 14  G46 B C8    1 ? 
HETATM 613 N N7    . G46 B 1 14 ? 6.165   14.517  -3.461  1.000 18.809  0 14  G46 B N7    1 ? 
HETATM 614 C C5    . G46 B 1 14 ? 6.447   14.190  -2.212  1.000 17.966  0 14  G46 B C5    1 ? 
HETATM 615 C C6    . G46 B 1 14 ? 7.345   13.357  -1.681  1.000 18.964  0 14  G46 B C6    1 ? 
HETATM 616 O O6    . G46 B 1 14 ? 8.130   12.678  -2.367  1.000 18.765  0 14  G46 B O6    1 ? 
HETATM 617 N N1    . G46 B 1 14 ? 7.410   13.256  -0.271  1.000 18.622  0 14  G46 B N1    1 ? 
HETATM 618 C C2    . G46 B 1 14 ? 6.568   14.031  0.492   1.000 17.941  0 14  G46 B C2    1 ? 
HETATM 619 N N2    . G46 B 1 14 ? 6.612   13.949  1.798   1.000 17.960  0 14  G46 B N2    1 ? 
HETATM 620 N N3    . G46 B 1 14 ? 5.684   14.834  -0.103  1.000 18.419  0 14  G46 B N3    1 ? 
HETATM 621 C C4    . G46 B 1 14 ? 5.634   14.911  -1.442  1.000 18.461  0 14  G46 B C4    1 ? 
HETATM 622 P P     . G46 B 1 15 ? 5.512   21.023  -2.579  1.000 30.042  0 15  G46 B P     1 ? 
HETATM 623 O O1P   . G46 B 1 15 ? 5.340   22.484  -2.647  1.000 29.472  0 15  G46 B O1P   1 ? 
HETATM 624 S S2P   . G46 B 1 15 ? 6.896   20.206  -3.673  1.000 29.386  0 15  G46 B S2P   1 ? 
HETATM 625 O "O5'" . G46 B 1 15 ? 5.877   20.570  -1.002  1.000 27.530  0 15  G46 B "O5'" 1 ? 
HETATM 626 C "C5'" . G46 B 1 15 ? 7.261   20.509  -0.568  1.000 26.143  0 15  G46 B "C5'" 1 ? 
HETATM 627 C "C4'" . G46 B 1 15 ? 7.327   19.760  0.765   1.000 25.005  0 15  G46 B "C4'" 1 ? 
HETATM 628 O "O4'" . G46 B 1 15 ? 7.008   18.363  0.519   1.000 23.168  0 15  G46 B "O4'" 1 ? 
HETATM 629 C "C3'" . G46 B 1 15 ? 8.731   19.770  1.362   1.000 23.917  0 15  G46 B "C3'" 1 ? 
HETATM 630 O "O3'" . G46 B 1 15 ? 8.837   20.775  2.356   1.000 27.361  0 15  G46 B "O3'" 1 ? 
HETATM 631 C "C2'" . G46 B 1 15 ? 8.813   18.453  2.096   1.000 23.502  0 15  G46 B "C2'" 1 ? 
HETATM 632 C "C1'" . G46 B 1 15 ? 7.972   17.551  1.242   1.000 21.758  0 15  G46 B "C1'" 1 ? 
HETATM 633 O "O2'" . G46 B 1 15 ? 8.201   18.575  3.380   1.000 22.178  0 15  G46 B "O2'" 1 ? 
HETATM 634 N N9    . G46 B 1 15 ? 8.742   16.785  0.260   1.000 20.008  0 15  G46 B N9    1 ? 
HETATM 635 C C8    . G46 B 1 15 ? 8.599   16.804  -1.054  1.000 18.774  0 15  G46 B C8    1 ? 
HETATM 636 N N7    . G46 B 1 15 ? 9.459   15.911  -1.561  1.000 18.829  0 15  G46 B N7    1 ? 
HETATM 637 C C5    . G46 B 1 15 ? 10.131  15.339  -0.553  1.000 18.346  0 15  G46 B C5    1 ? 
HETATM 638 C C6    . G46 B 1 15 ? 11.097  14.411  -0.528  1.000 18.130  0 15  G46 B C6    1 ? 
HETATM 639 O O6    . G46 B 1 15 ? 11.544  13.888  -1.547  1.000 17.523  0 15  G46 B O6    1 ? 
HETATM 640 N N1    . G46 B 1 15 ? 11.629  14.016  0.698   1.000 18.314  0 15  G46 B N1    1 ? 
HETATM 641 C C2    . G46 B 1 15 ? 11.115  14.594  1.858   1.000 18.078  0 15  G46 B C2    1 ? 
HETATM 642 N N2    . G46 B 1 15 ? 11.609  14.212  3.026   1.000 17.609  0 15  G46 B N2    1 ? 
HETATM 643 N N3    . G46 B 1 15 ? 10.150  15.528  1.774   1.000 17.445  0 15  G46 B N3    1 ? 
HETATM 644 C C4    . G46 B 1 15 ? 9.668   15.880  0.585   1.000 18.575  0 15  G46 B C4    1 ? 
HETATM 645 N N1    . LXI C 2 .  ? -15.659 -12.776 6.925   1.000 39.754  0 101 LXI A N1    1 ? 
HETATM 646 C C1    . LXI C 2 .  ? -14.715 -13.735 6.884   1.000 35.523  0 101 LXI A C1    1 ? 
HETATM 647 N N2    . LXI C 2 .  ? -14.515 -14.095 5.609   1.000 33.218  0 101 LXI A N2    1 ? 
HETATM 648 C C2    . LXI C 2 .  ? -15.342 -13.371 4.845   1.000 32.153  0 101 LXI A C2    1 ? 
HETATM 649 C C3    . LXI C 2 .  ? -15.532 -13.344 3.521   1.000 31.284  0 101 LXI A C3    1 ? 
HETATM 650 N N3    . LXI C 2 .  ? -16.477 -12.470 2.984   1.000 30.165  0 101 LXI A N3    1 ? 
HETATM 651 C C4    . LXI C 2 .  ? -17.195 -11.654 3.858   1.000 29.917  0 101 LXI A C4    1 ? 
HETATM 652 N N4    . LXI C 2 .  ? -16.980 -11.703 5.179   1.000 31.323  0 101 LXI A N4    1 ? 
HETATM 653 C C5    . LXI C 2 .  ? -16.049 -12.551 5.663   1.000 35.331  0 101 LXI A C5    1 ? 
HETATM 654 O O1    . LXI C 2 .  ? -14.897 -14.074 2.747   1.000 32.754  0 101 LXI A O1    1 ? 
HETATM 655 N N5    . LXI C 2 .  ? -18.096 -10.829 3.366   1.000 29.357  0 101 LXI A N5    1 ? 
HETATM 656 C C6    . LXI C 2 .  ? -16.229 -12.058 8.122   1.000 48.885  0 101 LXI A C6    1 ? 
HETATM 657 O O2    . LXI C 2 .  ? -15.536 -12.431 9.337   1.000 59.699  0 101 LXI A O2    1 ? 
HETATM 658 C C7    . LXI C 2 .  ? -17.665 -12.445 8.349   1.000 58.249  0 101 LXI A C7    1 ? 
HETATM 659 O O3    . LXI C 2 .  ? -18.458 -11.435 7.797   1.000 62.280  0 101 LXI A O3    1 ? 
HETATM 660 C C8    . LXI C 2 .  ? -17.862 -12.540 9.871   1.000 65.330  0 101 LXI A C8    1 ? 
HETATM 661 O O4    . LXI C 2 .  ? -18.601 -11.423 10.370  1.000 71.810  0 101 LXI A O4    1 ? 
HETATM 662 C C9    . LXI C 2 .  ? -16.471 -12.467 10.482  1.000 69.028  0 101 LXI A C9    1 ? 
HETATM 663 C C10   . LXI C 2 .  ? -16.207 -13.651 11.443  1.000 74.201  0 101 LXI A C10   1 ? 
HETATM 664 O O5    . LXI C 2 .  ? -15.118 -14.430 10.919  1.000 91.584  0 101 LXI A O5    1 ? 
HETATM 665 P P1    . LXI C 2 .  ? -15.350 -15.894 10.263  1.000 111.518 0 101 LXI A P1    1 ? 
HETATM 666 S S1    . LXI C 2 .  ? -16.705 -15.649 8.845   1.000 118.872 0 101 LXI A S1    1 ? 
HETATM 667 O O6    . LXI C 2 .  ? -15.949 -16.758 11.302  1.000 115.745 0 101 LXI A O6    1 ? 
HETATM 668 N N6    . LXI C 2 .  ? -13.936 -16.413 9.444   1.000 114.819 0 101 LXI A N6    1 ? 
HETATM 669 C C11   . LXI C 2 .  ? -13.901 -17.496 8.661   1.000 113.289 0 101 LXI A C11   1 ? 
HETATM 670 C C12   . LXI C 2 .  ? -12.669 -17.630 8.168   1.000 110.424 0 101 LXI A C12   1 ? 
HETATM 671 N N7    . LXI C 2 .  ? -11.927 -16.625 8.634   1.000 115.320 0 101 LXI A N7    1 ? 
HETATM 672 C C13   . LXI C 2 .  ? -12.713 -15.884 9.414   1.000 114.708 0 101 LXI A C13   1 ? 
HETATM 673 N N8    . LXI C 2 .  ? -12.323 -14.781 10.061  1.000 109.752 0 101 LXI A N8    1 ? 
HETATM 674 S S     . SO4 D 3 .  ? 4.158   2.551   -0.106  1.000 58.319  0 102 SO4 A S     1 ? 
HETATM 675 O O1    . SO4 D 3 .  ? 5.182   2.429   0.898   1.000 56.007  0 102 SO4 A O1    1 ? 
HETATM 676 O O2    . SO4 D 3 .  ? 4.769   2.952   -1.349  1.000 57.372  0 102 SO4 A O2    1 ? 
HETATM 677 O O3    . SO4 D 3 .  ? 3.515   1.274   -0.297  1.000 58.811  0 102 SO4 A O3    1 ? 
HETATM 678 O O4    . SO4 D 3 .  ? 3.184   3.536   0.311   1.000 50.925  0 102 SO4 A O4    1 ? 
HETATM 679 N N1    . LXI E 2 .  ? 13.515  16.700  -2.085  1.000 37.610  0 101 LXI B N1    1 ? 
HETATM 680 C C1    . LXI E 2 .  ? 12.585  17.661  -2.165  1.000 35.478  0 101 LXI B C1    1 ? 
HETATM 681 N N2    . LXI E 2 .  ? 12.261  18.051  -0.927  1.000 32.848  0 101 LXI B N2    1 ? 
HETATM 682 C C2    . LXI E 2 .  ? 13.016  17.351  -0.095  1.000 29.922  0 101 LXI B C2    1 ? 
HETATM 683 C C3    . LXI E 2 .  ? 13.084  17.394  1.224   1.000 29.110  0 101 LXI B C3    1 ? 
HETATM 684 N N3    . LXI E 2 .  ? 13.981  16.546  1.876   1.000 28.368  0 101 LXI B N3    1 ? 
HETATM 685 C C4    . LXI E 2 .  ? 14.778  15.686  1.104   1.000 27.178  0 101 LXI B C4    1 ? 
HETATM 686 N N4    . LXI E 2 .  ? 14.672  15.690  -0.227  1.000 27.493  0 101 LXI B N4    1 ? 
HETATM 687 C C5    . LXI E 2 .  ? 13.797  16.519  -0.809  1.000 30.988  0 101 LXI B C5    1 ? 
HETATM 688 O O1    . LXI E 2 .  ? 12.379  18.170  1.860   1.000 28.829  0 101 LXI B O1    1 ? 
HETATM 689 N N5    . LXI E 2 .  ? 15.636  14.881  1.698   1.000 26.799  0 101 LXI B N5    1 ? 
HETATM 690 C C6    . LXI E 2 .  ? 14.231  16.058  -3.216  1.000 51.005  0 101 LXI B C6    1 ? 
HETATM 691 O O2    . LXI E 2 .  ? 14.302  17.148  -4.236  1.000 62.997  0 101 LXI B O2    1 ? 
HETATM 692 C C7    . LXI E 2 .  ? 13.705  14.812  -3.870  1.000 58.559  0 101 LXI B C7    1 ? 
HETATM 693 O O3    . LXI E 2 .  ? 14.782  13.831  -3.876  1.000 56.637  0 101 LXI B O3    1 ? 
HETATM 694 C C8    . LXI E 2 .  ? 13.383  15.242  -5.291  1.000 65.977  0 101 LXI B C8    1 ? 
HETATM 695 O O4    . LXI E 2 .  ? 13.855  14.250  -6.221  1.000 71.489  0 101 LXI B O4    1 ? 
HETATM 696 C C9    . LXI E 2 .  ? 14.148  16.565  -5.533  1.000 76.833  0 101 LXI B C9    1 ? 
HETATM 697 C C10   . LXI E 2 .  ? 13.372  17.507  -6.494  1.000 95.979  0 101 LXI B C10   1 ? 
HETATM 698 O O5    . LXI E 2 .  ? 12.389  16.738  -7.222  1.000 131.432 0 101 LXI B O5    1 ? 
HETATM 699 P P1    . LXI E 2 .  ? 10.797  17.044  -7.405  1.000 168.133 0 101 LXI B P1    1 ? 
HETATM 700 S S1    . LXI E 2 .  ? 10.072  15.241  -7.971  1.000 170.608 0 101 LXI B S1    1 ? 
HETATM 701 O O6    . LXI E 2 .  ? 10.657  17.994  -8.531  1.000 168.341 0 101 LXI B O6    1 ? 
HETATM 702 N N6    . LXI E 2 .  ? 9.949   17.408  -5.865  1.000 172.779 0 101 LXI B N6    1 ? 
HETATM 703 C C11   . LXI E 2 .  ? 10.429  18.152  -4.870  1.000 170.867 0 101 LXI B C11   1 ? 
HETATM 704 C C12   . LXI E 2 .  ? 9.526   18.210  -3.889  1.000 168.550 0 101 LXI B C12   1 ? 
HETATM 705 N N7    . LXI E 2 .  ? 8.458   17.508  -4.257  1.000 170.961 0 101 LXI B N7    1 ? 
HETATM 706 C C13   . LXI E 2 .  ? 8.724   17.022  -5.465  1.000 174.286 0 101 LXI B C13   1 ? 
HETATM 707 N N8    . LXI E 2 .  ? 7.862   16.262  -6.148  1.000 176.007 0 101 LXI B N8    1 ? 
HETATM 708 S S     . SO4 F 3 .  ? -3.785  -2.639  0.444   1.000 46.231  0 102 SO4 B S     1 ? 
HETATM 709 O O1    . SO4 F 3 .  ? -4.954  -1.832  0.228   1.000 46.075  0 102 SO4 B O1    1 ? 
HETATM 710 O O2    . SO4 F 3 .  ? -2.614  -1.846  0.196   1.000 46.652  0 102 SO4 B O2    1 ? 
HETATM 711 O O3    . SO4 F 3 .  ? -3.809  -3.761  -0.466  1.000 45.835  0 102 SO4 B O3    1 ? 
HETATM 712 O O4    . SO4 F 3 .  ? -3.752  -3.119  1.816   1.000 45.639  0 102 SO4 B O4    1 ? 
HETATM 713 O O     . HOH G 4 .  ? 1.808   -6.895  -8.100  1.000 23.973  0 201 HOH A O     1 ? 
HETATM 714 O O     . HOH G 4 .  ? 5.328   6.446   3.000   1.000 18.760  0 202 HOH A O     1 ? 
HETATM 715 O O     . HOH G 4 .  ? -7.685  -13.593 5.626   1.000 32.116  0 203 HOH A O     1 ? 
HETATM 716 O O     . HOH G 4 .  ? -3.455  -15.231 3.200   1.000 24.256  0 204 HOH A O     1 ? 
HETATM 717 O O     . HOH G 4 .  ? -3.686  -8.790  -1.629  1.000 35.584  0 205 HOH A O     1 ? 
HETATM 718 O O     . HOH G 4 .  ? -3.807  -6.642  -4.626  1.000 26.814  0 206 HOH A O     1 ? 
HETATM 719 O O     . HOH G 4 .  ? 4.817   6.173   0.318   1.000 24.627  0 207 HOH A O     1 ? 
HETATM 720 O O     . HOH G 4 .  ? 1.398   -14.307 -6.934  1.000 21.970  0 208 HOH A O     1 ? 
HETATM 721 O O     . HOH G 4 .  ? -1.406  11.613  -2.102  1.000 15.133  0 209 HOH A O     1 ? 
HETATM 722 O O     . HOH G 4 .  ? 3.570   5.112   7.376   1.000 19.878  0 210 HOH A O     1 ? 
HETATM 723 O O     . HOH G 4 .  ? 8.011   7.370   0.721   1.000 21.779  0 211 HOH A O     1 ? 
HETATM 724 O O     . HOH G 4 .  ? -10.659 -14.221 6.131   1.000 31.515  0 212 HOH A O     1 ? 
HETATM 725 O O     . HOH G 4 .  ? -7.185  8.770   -3.132  1.000 23.959  0 213 HOH A O     1 ? 
HETATM 726 O O     . HOH G 4 .  ? -10.539 -12.982 4.076   1.000 28.250  0 214 HOH A O     1 ? 
HETATM 727 O O     . HOH G 4 .  ? -3.501  -12.191 -10.342 0.330 9.151   0 215 HOH A O     1 ? 
HETATM 728 O O     . HOH G 4 .  ? -1.533  -9.658  -11.148 0.330 16.203  0 216 HOH A O     1 ? 
HETATM 729 O O     . HOH G 4 .  ? 10.966  8.743   -2.753  1.000 26.976  0 217 HOH A O     1 ? 
HETATM 730 O O     . HOH G 4 .  ? -3.427  -13.226 -0.923  1.000 22.504  0 218 HOH A O     1 ? 
HETATM 731 O O     . HOH G 4 .  ? -4.402  1.422   -3.264  1.000 22.578  0 219 HOH A O     1 ? 
HETATM 732 O O     . HOH G 4 .  ? 9.590   6.512   2.505   1.000 23.258  0 220 HOH A O     1 ? 
HETATM 733 O O     . HOH G 4 .  ? -3.494  -14.091 -7.474  1.000 25.880  0 221 HOH A O     1 ? 
HETATM 734 O O     . HOH G 4 .  ? -5.940  -13.166 2.192   1.000 14.905  0 222 HOH A O     1 ? 
HETATM 735 O O     . HOH G 4 .  ? 4.211   -10.579 4.716   1.000 24.374  0 223 HOH A O     1 ? 
HETATM 736 O O     . HOH G 4 .  ? 10.060  9.988   -4.684  1.000 33.889  0 224 HOH A O     1 ? 
HETATM 737 O O     . HOH G 4 .  ? 12.221  6.639   -2.057  1.000 29.063  0 225 HOH A O     1 ? 
HETATM 738 O O     . HOH H 4 .  ? 2.854   0.877   -11.225 1.000 30.770  0 201 HOH B O     1 ? 
HETATM 739 O O     . HOH H 4 .  ? 7.165   -9.346  1.792   1.000 23.618  0 202 HOH B O     1 ? 
HETATM 740 O O     . HOH H 4 .  ? -6.366  2.759   8.129   1.000 20.627  0 203 HOH B O     1 ? 
HETATM 741 O O     . HOH H 4 .  ? -3.199  -5.199  -2.467  1.000 25.177  0 204 HOH B O     1 ? 
HETATM 742 O O     . HOH H 4 .  ? -13.901 1.463   3.735   1.000 26.044  0 205 HOH B O     1 ? 
HETATM 743 O O     . HOH H 4 .  ? 11.626  1.916   -10.078 1.000 25.186  0 206 HOH B O     1 ? 
HETATM 744 O O     . HOH H 4 .  ? 6.849   1.305   -4.211  1.000 24.404  0 207 HOH B O     1 ? 
HETATM 745 O O     . HOH H 4 .  ? -13.794 -6.879  -2.278  1.000 27.506  0 208 HOH B O     1 ? 
HETATM 746 O O     . HOH H 4 .  ? 7.243   3.569   -5.685  1.000 28.092  0 209 HOH B O     1 ? 
HETATM 747 O O     . HOH H 4 .  ? 8.926   16.080  4.333   1.000 32.821  0 210 HOH B O     1 ? 
HETATM 748 O O     . HOH H 4 .  ? 6.606   10.641  -9.428  1.000 20.127  0 211 HOH B O     1 ? 
HETATM 749 O O     . HOH H 4 .  ? -8.027  2.447   4.160   1.000 16.769  0 212 HOH B O     1 ? 
HETATM 750 O O     . HOH H 4 .  ? -7.829  -2.559  2.976   1.000 27.149  0 213 HOH B O     1 ? 
HETATM 751 O O     . HOH H 4 .  ? 4.934   -4.068  9.981   1.000 30.130  0 214 HOH B O     1 ? 
HETATM 752 O O     . HOH H 4 .  ? -9.068  -5.668  1.997   1.000 19.289  0 215 HOH B O     1 ? 
HETATM 753 O O     . HOH H 4 .  ? 7.880   13.336  -5.427  1.000 34.880  0 216 HOH B O     1 ? 
HETATM 754 O O     . HOH H 4 .  ? 8.406   3.130   -15.218 0.330 22.793  0 217 HOH B O     1 ? 
HETATM 755 O O     . HOH H 4 .  ? -2.473  2.624   8.757   1.000 28.068  0 218 HOH B O     1 ? 
HETATM 756 O O     . HOH H 4 .  ? 6.862   1.144   -14.586 0.330 12.685  0 219 HOH B O     1 ? 
HETATM 757 O O     . HOH H 4 .  ? -11.074 -4.186  0.861   1.000 17.957  0 220 HOH B O     1 ? 
HETATM 758 O O     . HOH H 4 .  ? 6.633   -10.069 -2.198  1.000 28.699  0 221 HOH B O     1 ? 
HETATM 759 O O     . HOH H 4 .  ? 7.914   10.720  -7.077  1.000 26.392  0 222 HOH B O     1 ? 
HETATM 760 O O     . HOH H 4 .  ? -9.907  -10.484 0.489   1.000 29.950  0 223 HOH B O     1 ? 
HETATM 761 O O     . HOH H 4 .  ? 11.380  -8.383  0.764   1.000 43.676  0 224 HOH B O     1 ? 
# 
